data_8G9D
# 
_entry.id   8G9D 
# 
_audit_conform.dict_name       mmcif_pdbx.dic 
_audit_conform.dict_version    5.383 
_audit_conform.dict_location   http://mmcif.pdb.org/dictionaries/ascii/mmcif_pdbx.dic 
# 
loop_
_database_2.database_id 
_database_2.database_code 
_database_2.pdbx_database_accession 
_database_2.pdbx_DOI 
PDB   8G9D         pdb_00008g9d 10.2210/pdb8g9d/pdb 
WWPDB D_1000270238 ?            ?                   
# 
_pdbx_audit_revision_history.ordinal             1 
_pdbx_audit_revision_history.data_content_type   'Structure model' 
_pdbx_audit_revision_history.major_revision      1 
_pdbx_audit_revision_history.minor_revision      0 
_pdbx_audit_revision_history.revision_date       2024-01-03 
# 
_pdbx_audit_revision_details.ordinal             1 
_pdbx_audit_revision_details.revision_ordinal    1 
_pdbx_audit_revision_details.data_content_type   'Structure model' 
_pdbx_audit_revision_details.provider            repository 
_pdbx_audit_revision_details.type                'Initial release' 
_pdbx_audit_revision_details.description         ? 
_pdbx_audit_revision_details.details             ? 
# 
_pdbx_database_status.status_code                     REL 
_pdbx_database_status.status_code_sf                  REL 
_pdbx_database_status.status_code_mr                  ? 
_pdbx_database_status.entry_id                        8G9D 
_pdbx_database_status.recvd_initial_deposition_date   2023-02-21 
_pdbx_database_status.SG_entry                        N 
_pdbx_database_status.deposit_site                    RCSB 
_pdbx_database_status.process_site                    RCSB 
_pdbx_database_status.status_code_cs                  ? 
_pdbx_database_status.status_code_nmr_data            ? 
_pdbx_database_status.methods_development_category    ? 
_pdbx_database_status.pdb_format_compatible           Y 
# 
loop_
_pdbx_contact_author.id 
_pdbx_contact_author.email 
_pdbx_contact_author.name_first 
_pdbx_contact_author.name_last 
_pdbx_contact_author.name_mi 
_pdbx_contact_author.role 
_pdbx_contact_author.identifier_ORCID 
2 huanchen.wang@nih.gov Huanchen Wang   ? 'principal investigator/group leader' 0000-0003-2701-7155 
3 shears@niehs.nih.gov  Stephen  Shears B 'principal investigator/group leader' 0000-0001-7309-8916 
# 
loop_
_audit_author.name 
_audit_author.pdbx_ordinal 
_audit_author.identifier_ORCID 
'Zong, G.'   1 0000-0001-6019-5741 
'Wang, H.'   2 0000-0003-2701-7155 
'Shears, S.' 3 0000-0001-7309-8916 
# 
_citation.abstract                  ? 
_citation.abstract_id_CAS           ? 
_citation.book_id_ISBN              ? 
_citation.book_publisher            ? 
_citation.book_publisher_city       ? 
_citation.book_title                ? 
_citation.coordinate_linkage        ? 
_citation.country                   GE 
_citation.database_id_Medline       ? 
_citation.details                   ? 
_citation.id                        primary 
_citation.journal_abbrev            Chemistry 
_citation.journal_id_ASTM           ? 
_citation.journal_id_CSD            ? 
_citation.journal_id_ISSN           0947-6539 
_citation.journal_full              ? 
_citation.journal_issue             ? 
_citation.journal_volume            29 
_citation.language                  ? 
_citation.page_first                e202302426 
_citation.page_last                 e202302426 
_citation.title                     'Fluorination Influences the Bioisostery of Myo-Inositol Pyrophosphate Analogs.' 
_citation.year                      2023 
_citation.database_id_CSD           ? 
_citation.pdbx_database_id_DOI      10.1002/chem.202302426 
_citation.pdbx_database_id_PubMed   37773020 
_citation.pdbx_database_id_patent   ? 
_citation.unpublished_flag          ? 
# 
loop_
_citation_author.citation_id 
_citation_author.name 
_citation_author.ordinal 
_citation_author.identifier_ORCID 
primary 'Hostachy, S.'   1 0000-0003-1867-9763 
primary 'Wang, H.'       2 ?                   
primary 'Zong, G.'       3 ?                   
primary 'Franke, K.'     4 ?                   
primary 'Riley, A.M.'    5 ?                   
primary 'Schmieder, P.'  6 0000-0001-9968-9327 
primary 'Potter, B.V.L.' 7 ?                   
primary 'Shears, S.B.'   8 ?                   
primary 'Fiedler, D.'    9 0000-0002-0798-946X 
# 
loop_
_entity.id 
_entity.type 
_entity.src_method 
_entity.pdbx_description 
_entity.formula_weight 
_entity.pdbx_number_of_molecules 
_entity.pdbx_ec 
_entity.pdbx_mutation 
_entity.pdbx_fragment 
_entity.details 
1 polymer     man 'Diphosphoinositol polyphosphate phosphohydrolase 1' 19496.975 1   3.6.1.52,3.6.1.- ? ? ? 
2 non-polymer syn 
'(1,1-difluoro-2-oxo-2-{[(1s,2R,3S,4s,5R,6S)-2,3,4,5,6-pentakis(phosphonooxy)cyclohexyl]amino}ethyl)phosphonic acid' 737.068   1   
?                ? ? ? 
3 water       nat water 18.015    133 ?                ? ? ? 
# 
_entity_name_com.entity_id   1 
_entity_name_com.name        
;DIPP-1,Diadenosine 5',5'''-P1,P6-hexaphosphate hydrolase 1,Nucleoside diphosphate-linked moiety X motif 3,Nudix motif 3
;
# 
_entity_poly.entity_id                      1 
_entity_poly.type                           'polypeptide(L)' 
_entity_poly.nstd_linkage                   no 
_entity_poly.nstd_monomer                   no 
_entity_poly.pdbx_seq_one_letter_code       
;MMKLKSNQTRTYDGDGYKKRAACLCFRSESEEEVLLVSSSRHPDRWIVPGGGMEPEEEPSVAAVREVCEEAGVKGTLGRL
VGIFENQERKHRTYVYVLIVTEVLEDWEDSVNIGRKREWFKIEDAIKVLQYHKPVQASYFETLRQGYSANNGTPVVATTY
SVSAQSSMSGIR
;
_entity_poly.pdbx_seq_one_letter_code_can   
;MMKLKSNQTRTYDGDGYKKRAACLCFRSESEEEVLLVSSSRHPDRWIVPGGGMEPEEEPSVAAVREVCEEAGVKGTLGRL
VGIFENQERKHRTYVYVLIVTEVLEDWEDSVNIGRKREWFKIEDAIKVLQYHKPVQASYFETLRQGYSANNGTPVVATTY
SVSAQSSMSGIR
;
_entity_poly.pdbx_strand_id                 A 
_entity_poly.pdbx_target_identifier         ? 
# 
loop_
_pdbx_entity_nonpoly.entity_id 
_pdbx_entity_nonpoly.name 
_pdbx_entity_nonpoly.comp_id 
2 '(1,1-difluoro-2-oxo-2-{[(1s,2R,3S,4s,5R,6S)-2,3,4,5,6-pentakis(phosphonooxy)cyclohexyl]amino}ethyl)phosphonic acid' KDJ 
3 water                                                                                                                HOH 
# 
loop_
_entity_poly_seq.entity_id 
_entity_poly_seq.num 
_entity_poly_seq.mon_id 
_entity_poly_seq.hetero 
1 1   MET n 
1 2   MET n 
1 3   LYS n 
1 4   LEU n 
1 5   LYS n 
1 6   SER n 
1 7   ASN n 
1 8   GLN n 
1 9   THR n 
1 10  ARG n 
1 11  THR n 
1 12  TYR n 
1 13  ASP n 
1 14  GLY n 
1 15  ASP n 
1 16  GLY n 
1 17  TYR n 
1 18  LYS n 
1 19  LYS n 
1 20  ARG n 
1 21  ALA n 
1 22  ALA n 
1 23  CYS n 
1 24  LEU n 
1 25  CYS n 
1 26  PHE n 
1 27  ARG n 
1 28  SER n 
1 29  GLU n 
1 30  SER n 
1 31  GLU n 
1 32  GLU n 
1 33  GLU n 
1 34  VAL n 
1 35  LEU n 
1 36  LEU n 
1 37  VAL n 
1 38  SER n 
1 39  SER n 
1 40  SER n 
1 41  ARG n 
1 42  HIS n 
1 43  PRO n 
1 44  ASP n 
1 45  ARG n 
1 46  TRP n 
1 47  ILE n 
1 48  VAL n 
1 49  PRO n 
1 50  GLY n 
1 51  GLY n 
1 52  GLY n 
1 53  MET n 
1 54  GLU n 
1 55  PRO n 
1 56  GLU n 
1 57  GLU n 
1 58  GLU n 
1 59  PRO n 
1 60  SER n 
1 61  VAL n 
1 62  ALA n 
1 63  ALA n 
1 64  VAL n 
1 65  ARG n 
1 66  GLU n 
1 67  VAL n 
1 68  CYS n 
1 69  GLU n 
1 70  GLU n 
1 71  ALA n 
1 72  GLY n 
1 73  VAL n 
1 74  LYS n 
1 75  GLY n 
1 76  THR n 
1 77  LEU n 
1 78  GLY n 
1 79  ARG n 
1 80  LEU n 
1 81  VAL n 
1 82  GLY n 
1 83  ILE n 
1 84  PHE n 
1 85  GLU n 
1 86  ASN n 
1 87  GLN n 
1 88  GLU n 
1 89  ARG n 
1 90  LYS n 
1 91  HIS n 
1 92  ARG n 
1 93  THR n 
1 94  TYR n 
1 95  VAL n 
1 96  TYR n 
1 97  VAL n 
1 98  LEU n 
1 99  ILE n 
1 100 VAL n 
1 101 THR n 
1 102 GLU n 
1 103 VAL n 
1 104 LEU n 
1 105 GLU n 
1 106 ASP n 
1 107 TRP n 
1 108 GLU n 
1 109 ASP n 
1 110 SER n 
1 111 VAL n 
1 112 ASN n 
1 113 ILE n 
1 114 GLY n 
1 115 ARG n 
1 116 LYS n 
1 117 ARG n 
1 118 GLU n 
1 119 TRP n 
1 120 PHE n 
1 121 LYS n 
1 122 ILE n 
1 123 GLU n 
1 124 ASP n 
1 125 ALA n 
1 126 ILE n 
1 127 LYS n 
1 128 VAL n 
1 129 LEU n 
1 130 GLN n 
1 131 TYR n 
1 132 HIS n 
1 133 LYS n 
1 134 PRO n 
1 135 VAL n 
1 136 GLN n 
1 137 ALA n 
1 138 SER n 
1 139 TYR n 
1 140 PHE n 
1 141 GLU n 
1 142 THR n 
1 143 LEU n 
1 144 ARG n 
1 145 GLN n 
1 146 GLY n 
1 147 TYR n 
1 148 SER n 
1 149 ALA n 
1 150 ASN n 
1 151 ASN n 
1 152 GLY n 
1 153 THR n 
1 154 PRO n 
1 155 VAL n 
1 156 VAL n 
1 157 ALA n 
1 158 THR n 
1 159 THR n 
1 160 TYR n 
1 161 SER n 
1 162 VAL n 
1 163 SER n 
1 164 ALA n 
1 165 GLN n 
1 166 SER n 
1 167 SER n 
1 168 MET n 
1 169 SER n 
1 170 GLY n 
1 171 ILE n 
1 172 ARG n 
# 
_entity_src_gen.entity_id                          1 
_entity_src_gen.pdbx_src_id                        1 
_entity_src_gen.pdbx_alt_source_flag               sample 
_entity_src_gen.pdbx_seq_type                      'Biological sequence' 
_entity_src_gen.pdbx_beg_seq_num                   1 
_entity_src_gen.pdbx_end_seq_num                   172 
_entity_src_gen.gene_src_common_name               human 
_entity_src_gen.gene_src_genus                     ? 
_entity_src_gen.pdbx_gene_src_gene                 'NUDT3, DIPP, DIPP1' 
_entity_src_gen.gene_src_species                   ? 
_entity_src_gen.gene_src_strain                    ? 
_entity_src_gen.gene_src_tissue                    ? 
_entity_src_gen.gene_src_tissue_fraction           ? 
_entity_src_gen.gene_src_details                   ? 
_entity_src_gen.pdbx_gene_src_fragment             ? 
_entity_src_gen.pdbx_gene_src_scientific_name      'Homo sapiens' 
_entity_src_gen.pdbx_gene_src_ncbi_taxonomy_id     9606 
_entity_src_gen.pdbx_gene_src_variant              ? 
_entity_src_gen.pdbx_gene_src_cell_line            ? 
_entity_src_gen.pdbx_gene_src_atcc                 ? 
_entity_src_gen.pdbx_gene_src_organ                ? 
_entity_src_gen.pdbx_gene_src_organelle            ? 
_entity_src_gen.pdbx_gene_src_cell                 ? 
_entity_src_gen.pdbx_gene_src_cellular_location    ? 
_entity_src_gen.host_org_common_name               ? 
_entity_src_gen.pdbx_host_org_scientific_name      'Escherichia coli' 
_entity_src_gen.pdbx_host_org_ncbi_taxonomy_id     562 
_entity_src_gen.host_org_genus                     ? 
_entity_src_gen.pdbx_host_org_gene                 ? 
_entity_src_gen.pdbx_host_org_organ                ? 
_entity_src_gen.host_org_species                   ? 
_entity_src_gen.pdbx_host_org_tissue               ? 
_entity_src_gen.pdbx_host_org_tissue_fraction      ? 
_entity_src_gen.pdbx_host_org_strain               ? 
_entity_src_gen.pdbx_host_org_variant              ? 
_entity_src_gen.pdbx_host_org_cell_line            ? 
_entity_src_gen.pdbx_host_org_atcc                 ? 
_entity_src_gen.pdbx_host_org_culture_collection   ? 
_entity_src_gen.pdbx_host_org_cell                 ? 
_entity_src_gen.pdbx_host_org_organelle            ? 
_entity_src_gen.pdbx_host_org_cellular_location    ? 
_entity_src_gen.pdbx_host_org_vector_type          ? 
_entity_src_gen.pdbx_host_org_vector               ? 
_entity_src_gen.host_org_details                   ? 
_entity_src_gen.expression_system_id               ? 
_entity_src_gen.plasmid_name                       ? 
_entity_src_gen.plasmid_details                    ? 
_entity_src_gen.pdbx_description                   ? 
# 
loop_
_chem_comp.id 
_chem_comp.type 
_chem_comp.mon_nstd_flag 
_chem_comp.name 
_chem_comp.pdbx_synonyms 
_chem_comp.formula 
_chem_comp.formula_weight 
ALA 'L-peptide linking' y ALANINE ? 'C3 H7 N O2'         89.093  
ARG 'L-peptide linking' y ARGININE ? 'C6 H15 N4 O2 1'     175.209 
ASN 'L-peptide linking' y ASPARAGINE ? 'C4 H8 N2 O3'        132.118 
ASP 'L-peptide linking' y 'ASPARTIC ACID' ? 'C4 H7 N O4'         133.103 
CYS 'L-peptide linking' y CYSTEINE ? 'C3 H7 N O2 S'       121.158 
GLN 'L-peptide linking' y GLUTAMINE ? 'C5 H10 N2 O3'       146.144 
GLU 'L-peptide linking' y 'GLUTAMIC ACID' ? 'C5 H9 N O4'         147.129 
GLY 'peptide linking'   y GLYCINE ? 'C2 H5 N O2'         75.067  
HIS 'L-peptide linking' y HISTIDINE ? 'C6 H10 N3 O2 1'     156.162 
HOH non-polymer         . WATER ? 'H2 O'               18.015  
ILE 'L-peptide linking' y ISOLEUCINE ? 'C6 H13 N O2'        131.173 
KDJ non-polymer         . 
'(1,1-difluoro-2-oxo-2-{[(1s,2R,3S,4s,5R,6S)-2,3,4,5,6-pentakis(phosphonooxy)cyclohexyl]amino}ethyl)phosphonic acid' ? 
'C8 H19 F2 N O24 P6' 737.068 
LEU 'L-peptide linking' y LEUCINE ? 'C6 H13 N O2'        131.173 
LYS 'L-peptide linking' y LYSINE ? 'C6 H15 N2 O2 1'     147.195 
MET 'L-peptide linking' y METHIONINE ? 'C5 H11 N O2 S'      149.211 
PHE 'L-peptide linking' y PHENYLALANINE ? 'C9 H11 N O2'        165.189 
PRO 'L-peptide linking' y PROLINE ? 'C5 H9 N O2'         115.130 
SER 'L-peptide linking' y SERINE ? 'C3 H7 N O3'         105.093 
THR 'L-peptide linking' y THREONINE ? 'C4 H9 N O3'         119.119 
TRP 'L-peptide linking' y TRYPTOPHAN ? 'C11 H12 N2 O2'      204.225 
TYR 'L-peptide linking' y TYROSINE ? 'C9 H11 N O3'        181.189 
VAL 'L-peptide linking' y VALINE ? 'C5 H11 N O2'        117.146 
# 
loop_
_pdbx_poly_seq_scheme.asym_id 
_pdbx_poly_seq_scheme.entity_id 
_pdbx_poly_seq_scheme.seq_id 
_pdbx_poly_seq_scheme.mon_id 
_pdbx_poly_seq_scheme.ndb_seq_num 
_pdbx_poly_seq_scheme.pdb_seq_num 
_pdbx_poly_seq_scheme.auth_seq_num 
_pdbx_poly_seq_scheme.pdb_mon_id 
_pdbx_poly_seq_scheme.auth_mon_id 
_pdbx_poly_seq_scheme.pdb_strand_id 
_pdbx_poly_seq_scheme.pdb_ins_code 
_pdbx_poly_seq_scheme.hetero 
A 1 1   MET 1   1   ?   ?   ?   A . n 
A 1 2   MET 2   2   ?   ?   ?   A . n 
A 1 3   LYS 3   3   ?   ?   ?   A . n 
A 1 4   LEU 4   4   ?   ?   ?   A . n 
A 1 5   LYS 5   5   ?   ?   ?   A . n 
A 1 6   SER 6   6   ?   ?   ?   A . n 
A 1 7   ASN 7   7   ?   ?   ?   A . n 
A 1 8   GLN 8   8   8   GLN GLN A . n 
A 1 9   THR 9   9   9   THR THR A . n 
A 1 10  ARG 10  10  10  ARG ARG A . n 
A 1 11  THR 11  11  11  THR THR A . n 
A 1 12  TYR 12  12  12  TYR TYR A . n 
A 1 13  ASP 13  13  13  ASP ASP A . n 
A 1 14  GLY 14  14  14  GLY GLY A . n 
A 1 15  ASP 15  15  15  ASP ASP A . n 
A 1 16  GLY 16  16  16  GLY GLY A . n 
A 1 17  TYR 17  17  17  TYR TYR A . n 
A 1 18  LYS 18  18  18  LYS LYS A . n 
A 1 19  LYS 19  19  19  LYS LYS A . n 
A 1 20  ARG 20  20  20  ARG ARG A . n 
A 1 21  ALA 21  21  21  ALA ALA A . n 
A 1 22  ALA 22  22  22  ALA ALA A . n 
A 1 23  CYS 23  23  23  CYS CYS A . n 
A 1 24  LEU 24  24  24  LEU LEU A . n 
A 1 25  CYS 25  25  25  CYS CYS A . n 
A 1 26  PHE 26  26  26  PHE PHE A . n 
A 1 27  ARG 27  27  27  ARG ARG A . n 
A 1 28  SER 28  28  28  SER SER A . n 
A 1 29  GLU 29  29  29  GLU GLU A . n 
A 1 30  SER 30  30  30  SER SER A . n 
A 1 31  GLU 31  31  31  GLU GLU A . n 
A 1 32  GLU 32  32  32  GLU GLU A . n 
A 1 33  GLU 33  33  33  GLU GLU A . n 
A 1 34  VAL 34  34  34  VAL VAL A . n 
A 1 35  LEU 35  35  35  LEU LEU A . n 
A 1 36  LEU 36  36  36  LEU LEU A . n 
A 1 37  VAL 37  37  37  VAL VAL A . n 
A 1 38  SER 38  38  38  SER SER A . n 
A 1 39  SER 39  39  39  SER SER A . n 
A 1 40  SER 40  40  40  SER SER A . n 
A 1 41  ARG 41  41  41  ARG ARG A . n 
A 1 42  HIS 42  42  42  HIS HIS A . n 
A 1 43  PRO 43  43  43  PRO PRO A . n 
A 1 44  ASP 44  44  44  ASP ASP A . n 
A 1 45  ARG 45  45  45  ARG ARG A . n 
A 1 46  TRP 46  46  46  TRP TRP A . n 
A 1 47  ILE 47  47  47  ILE ILE A . n 
A 1 48  VAL 48  48  48  VAL VAL A . n 
A 1 49  PRO 49  49  49  PRO PRO A . n 
A 1 50  GLY 50  50  50  GLY GLY A . n 
A 1 51  GLY 51  51  51  GLY GLY A . n 
A 1 52  GLY 52  52  52  GLY GLY A . n 
A 1 53  MET 53  53  53  MET MET A . n 
A 1 54  GLU 54  54  54  GLU GLU A . n 
A 1 55  PRO 55  55  55  PRO PRO A . n 
A 1 56  GLU 56  56  56  GLU GLU A . n 
A 1 57  GLU 57  57  57  GLU GLU A . n 
A 1 58  GLU 58  58  58  GLU GLU A . n 
A 1 59  PRO 59  59  59  PRO PRO A . n 
A 1 60  SER 60  60  60  SER SER A . n 
A 1 61  VAL 61  61  61  VAL VAL A . n 
A 1 62  ALA 62  62  62  ALA ALA A . n 
A 1 63  ALA 63  63  63  ALA ALA A . n 
A 1 64  VAL 64  64  64  VAL VAL A . n 
A 1 65  ARG 65  65  65  ARG ARG A . n 
A 1 66  GLU 66  66  66  GLU GLU A . n 
A 1 67  VAL 67  67  67  VAL VAL A . n 
A 1 68  CYS 68  68  68  CYS CYS A . n 
A 1 69  GLU 69  69  69  GLU GLU A . n 
A 1 70  GLU 70  70  70  GLU GLU A . n 
A 1 71  ALA 71  71  71  ALA ALA A . n 
A 1 72  GLY 72  72  72  GLY GLY A . n 
A 1 73  VAL 73  73  73  VAL VAL A . n 
A 1 74  LYS 74  74  74  LYS LYS A . n 
A 1 75  GLY 75  75  75  GLY GLY A . n 
A 1 76  THR 76  76  76  THR THR A . n 
A 1 77  LEU 77  77  77  LEU LEU A . n 
A 1 78  GLY 78  78  78  GLY GLY A . n 
A 1 79  ARG 79  79  79  ARG ARG A . n 
A 1 80  LEU 80  80  80  LEU LEU A . n 
A 1 81  VAL 81  81  81  VAL VAL A . n 
A 1 82  GLY 82  82  82  GLY GLY A . n 
A 1 83  ILE 83  83  83  ILE ILE A . n 
A 1 84  PHE 84  84  84  PHE PHE A . n 
A 1 85  GLU 85  85  85  GLU GLU A . n 
A 1 86  ASN 86  86  86  ASN ASN A . n 
A 1 87  GLN 87  87  87  GLN GLN A . n 
A 1 88  GLU 88  88  88  GLU GLU A . n 
A 1 89  ARG 89  89  89  ARG ARG A . n 
A 1 90  LYS 90  90  90  LYS LYS A . n 
A 1 91  HIS 91  91  91  HIS HIS A . n 
A 1 92  ARG 92  92  92  ARG ARG A . n 
A 1 93  THR 93  93  93  THR THR A . n 
A 1 94  TYR 94  94  94  TYR TYR A . n 
A 1 95  VAL 95  95  95  VAL VAL A . n 
A 1 96  TYR 96  96  96  TYR TYR A . n 
A 1 97  VAL 97  97  97  VAL VAL A . n 
A 1 98  LEU 98  98  98  LEU LEU A . n 
A 1 99  ILE 99  99  99  ILE ILE A . n 
A 1 100 VAL 100 100 100 VAL VAL A . n 
A 1 101 THR 101 101 101 THR THR A . n 
A 1 102 GLU 102 102 102 GLU GLU A . n 
A 1 103 VAL 103 103 103 VAL VAL A . n 
A 1 104 LEU 104 104 104 LEU LEU A . n 
A 1 105 GLU 105 105 105 GLU GLU A . n 
A 1 106 ASP 106 106 106 ASP ASP A . n 
A 1 107 TRP 107 107 107 TRP TRP A . n 
A 1 108 GLU 108 108 108 GLU GLU A . n 
A 1 109 ASP 109 109 109 ASP ASP A . n 
A 1 110 SER 110 110 110 SER SER A . n 
A 1 111 VAL 111 111 111 VAL VAL A . n 
A 1 112 ASN 112 112 112 ASN ASN A . n 
A 1 113 ILE 113 113 113 ILE ILE A . n 
A 1 114 GLY 114 114 114 GLY GLY A . n 
A 1 115 ARG 115 115 115 ARG ARG A . n 
A 1 116 LYS 116 116 116 LYS LYS A . n 
A 1 117 ARG 117 117 117 ARG ARG A . n 
A 1 118 GLU 118 118 118 GLU GLU A . n 
A 1 119 TRP 119 119 119 TRP TRP A . n 
A 1 120 PHE 120 120 120 PHE PHE A . n 
A 1 121 LYS 121 121 121 LYS LYS A . n 
A 1 122 ILE 122 122 122 ILE ILE A . n 
A 1 123 GLU 123 123 123 GLU GLU A . n 
A 1 124 ASP 124 124 124 ASP ASP A . n 
A 1 125 ALA 125 125 125 ALA ALA A . n 
A 1 126 ILE 126 126 126 ILE ILE A . n 
A 1 127 LYS 127 127 127 LYS LYS A . n 
A 1 128 VAL 128 128 128 VAL VAL A . n 
A 1 129 LEU 129 129 129 LEU LEU A . n 
A 1 130 GLN 130 130 130 GLN GLN A . n 
A 1 131 TYR 131 131 131 TYR TYR A . n 
A 1 132 HIS 132 132 132 HIS HIS A . n 
A 1 133 LYS 133 133 133 LYS LYS A . n 
A 1 134 PRO 134 134 134 PRO PRO A . n 
A 1 135 VAL 135 135 135 VAL VAL A . n 
A 1 136 GLN 136 136 136 GLN GLN A . n 
A 1 137 ALA 137 137 137 ALA ALA A . n 
A 1 138 SER 138 138 138 SER SER A . n 
A 1 139 TYR 139 139 139 TYR TYR A . n 
A 1 140 PHE 140 140 140 PHE PHE A . n 
A 1 141 GLU 141 141 141 GLU GLU A . n 
A 1 142 THR 142 142 142 THR THR A . n 
A 1 143 LEU 143 143 ?   ?   ?   A . n 
A 1 144 ARG 144 144 ?   ?   ?   A . n 
A 1 145 GLN 145 145 ?   ?   ?   A . n 
A 1 146 GLY 146 146 ?   ?   ?   A . n 
A 1 147 TYR 147 147 ?   ?   ?   A . n 
A 1 148 SER 148 148 ?   ?   ?   A . n 
A 1 149 ALA 149 149 ?   ?   ?   A . n 
A 1 150 ASN 150 150 ?   ?   ?   A . n 
A 1 151 ASN 151 151 ?   ?   ?   A . n 
A 1 152 GLY 152 152 ?   ?   ?   A . n 
A 1 153 THR 153 153 ?   ?   ?   A . n 
A 1 154 PRO 154 154 ?   ?   ?   A . n 
A 1 155 VAL 155 155 ?   ?   ?   A . n 
A 1 156 VAL 156 156 ?   ?   ?   A . n 
A 1 157 ALA 157 157 ?   ?   ?   A . n 
A 1 158 THR 158 158 ?   ?   ?   A . n 
A 1 159 THR 159 159 ?   ?   ?   A . n 
A 1 160 TYR 160 160 ?   ?   ?   A . n 
A 1 161 SER 161 161 ?   ?   ?   A . n 
A 1 162 VAL 162 162 ?   ?   ?   A . n 
A 1 163 SER 163 163 ?   ?   ?   A . n 
A 1 164 ALA 164 164 ?   ?   ?   A . n 
A 1 165 GLN 165 165 ?   ?   ?   A . n 
A 1 166 SER 166 166 ?   ?   ?   A . n 
A 1 167 SER 167 167 ?   ?   ?   A . n 
A 1 168 MET 168 168 ?   ?   ?   A . n 
A 1 169 SER 169 169 ?   ?   ?   A . n 
A 1 170 GLY 170 170 ?   ?   ?   A . n 
A 1 171 ILE 171 171 ?   ?   ?   A . n 
A 1 172 ARG 172 172 ?   ?   ?   A . n 
# 
loop_
_pdbx_nonpoly_scheme.asym_id 
_pdbx_nonpoly_scheme.entity_id 
_pdbx_nonpoly_scheme.mon_id 
_pdbx_nonpoly_scheme.ndb_seq_num 
_pdbx_nonpoly_scheme.pdb_seq_num 
_pdbx_nonpoly_scheme.auth_seq_num 
_pdbx_nonpoly_scheme.pdb_mon_id 
_pdbx_nonpoly_scheme.auth_mon_id 
_pdbx_nonpoly_scheme.pdb_strand_id 
_pdbx_nonpoly_scheme.pdb_ins_code 
B 2 KDJ 1   401 401 KDJ KDJ A . 
C 3 HOH 1   501 120 HOH HOH A . 
C 3 HOH 2   502 91  HOH HOH A . 
C 3 HOH 3   503 131 HOH HOH A . 
C 3 HOH 4   504 130 HOH HOH A . 
C 3 HOH 5   505 96  HOH HOH A . 
C 3 HOH 6   506 60  HOH HOH A . 
C 3 HOH 7   507 132 HOH HOH A . 
C 3 HOH 8   508 124 HOH HOH A . 
C 3 HOH 9   509 74  HOH HOH A . 
C 3 HOH 10  510 118 HOH HOH A . 
C 3 HOH 11  511 68  HOH HOH A . 
C 3 HOH 12  512 106 HOH HOH A . 
C 3 HOH 13  513 109 HOH HOH A . 
C 3 HOH 14  514 113 HOH HOH A . 
C 3 HOH 15  515 98  HOH HOH A . 
C 3 HOH 16  516 84  HOH HOH A . 
C 3 HOH 17  517 31  HOH HOH A . 
C 3 HOH 18  518 76  HOH HOH A . 
C 3 HOH 19  519 104 HOH HOH A . 
C 3 HOH 20  520 6   HOH HOH A . 
C 3 HOH 21  521 97  HOH HOH A . 
C 3 HOH 22  522 107 HOH HOH A . 
C 3 HOH 23  523 90  HOH HOH A . 
C 3 HOH 24  524 127 HOH HOH A . 
C 3 HOH 25  525 125 HOH HOH A . 
C 3 HOH 26  526 92  HOH HOH A . 
C 3 HOH 27  527 123 HOH HOH A . 
C 3 HOH 28  528 75  HOH HOH A . 
C 3 HOH 29  529 1   HOH HOH A . 
C 3 HOH 30  530 45  HOH HOH A . 
C 3 HOH 31  531 3   HOH HOH A . 
C 3 HOH 32  532 28  HOH HOH A . 
C 3 HOH 33  533 27  HOH HOH A . 
C 3 HOH 34  534 47  HOH HOH A . 
C 3 HOH 35  535 35  HOH HOH A . 
C 3 HOH 36  536 128 HOH HOH A . 
C 3 HOH 37  537 67  HOH HOH A . 
C 3 HOH 38  538 23  HOH HOH A . 
C 3 HOH 39  539 63  HOH HOH A . 
C 3 HOH 40  540 77  HOH HOH A . 
C 3 HOH 41  541 19  HOH HOH A . 
C 3 HOH 42  542 7   HOH HOH A . 
C 3 HOH 43  543 42  HOH HOH A . 
C 3 HOH 44  544 102 HOH HOH A . 
C 3 HOH 45  545 2   HOH HOH A . 
C 3 HOH 46  546 64  HOH HOH A . 
C 3 HOH 47  547 21  HOH HOH A . 
C 3 HOH 48  548 83  HOH HOH A . 
C 3 HOH 49  549 56  HOH HOH A . 
C 3 HOH 50  550 73  HOH HOH A . 
C 3 HOH 51  551 58  HOH HOH A . 
C 3 HOH 52  552 22  HOH HOH A . 
C 3 HOH 53  553 13  HOH HOH A . 
C 3 HOH 54  554 111 HOH HOH A . 
C 3 HOH 55  555 94  HOH HOH A . 
C 3 HOH 56  556 54  HOH HOH A . 
C 3 HOH 57  557 44  HOH HOH A . 
C 3 HOH 58  558 69  HOH HOH A . 
C 3 HOH 59  559 100 HOH HOH A . 
C 3 HOH 60  560 15  HOH HOH A . 
C 3 HOH 61  561 61  HOH HOH A . 
C 3 HOH 62  562 55  HOH HOH A . 
C 3 HOH 63  563 10  HOH HOH A . 
C 3 HOH 64  564 25  HOH HOH A . 
C 3 HOH 65  565 59  HOH HOH A . 
C 3 HOH 66  566 105 HOH HOH A . 
C 3 HOH 67  567 14  HOH HOH A . 
C 3 HOH 68  568 9   HOH HOH A . 
C 3 HOH 69  569 49  HOH HOH A . 
C 3 HOH 70  570 85  HOH HOH A . 
C 3 HOH 71  571 18  HOH HOH A . 
C 3 HOH 72  572 93  HOH HOH A . 
C 3 HOH 73  573 36  HOH HOH A . 
C 3 HOH 74  574 11  HOH HOH A . 
C 3 HOH 75  575 8   HOH HOH A . 
C 3 HOH 76  576 70  HOH HOH A . 
C 3 HOH 77  577 72  HOH HOH A . 
C 3 HOH 78  578 5   HOH HOH A . 
C 3 HOH 79  579 50  HOH HOH A . 
C 3 HOH 80  580 16  HOH HOH A . 
C 3 HOH 81  581 82  HOH HOH A . 
C 3 HOH 82  582 78  HOH HOH A . 
C 3 HOH 83  583 34  HOH HOH A . 
C 3 HOH 84  584 17  HOH HOH A . 
C 3 HOH 85  585 37  HOH HOH A . 
C 3 HOH 86  586 89  HOH HOH A . 
C 3 HOH 87  587 41  HOH HOH A . 
C 3 HOH 88  588 57  HOH HOH A . 
C 3 HOH 89  589 40  HOH HOH A . 
C 3 HOH 90  590 79  HOH HOH A . 
C 3 HOH 91  591 26  HOH HOH A . 
C 3 HOH 92  592 24  HOH HOH A . 
C 3 HOH 93  593 101 HOH HOH A . 
C 3 HOH 94  594 29  HOH HOH A . 
C 3 HOH 95  595 103 HOH HOH A . 
C 3 HOH 96  596 88  HOH HOH A . 
C 3 HOH 97  597 95  HOH HOH A . 
C 3 HOH 98  598 4   HOH HOH A . 
C 3 HOH 99  599 99  HOH HOH A . 
C 3 HOH 100 600 20  HOH HOH A . 
C 3 HOH 101 601 108 HOH HOH A . 
C 3 HOH 102 602 65  HOH HOH A . 
C 3 HOH 103 603 62  HOH HOH A . 
C 3 HOH 104 604 87  HOH HOH A . 
C 3 HOH 105 605 12  HOH HOH A . 
C 3 HOH 106 606 134 HOH HOH A . 
C 3 HOH 107 607 129 HOH HOH A . 
C 3 HOH 108 608 119 HOH HOH A . 
C 3 HOH 109 609 121 HOH HOH A . 
C 3 HOH 110 610 122 HOH HOH A . 
C 3 HOH 111 611 39  HOH HOH A . 
C 3 HOH 112 612 114 HOH HOH A . 
C 3 HOH 113 613 86  HOH HOH A . 
C 3 HOH 114 614 133 HOH HOH A . 
C 3 HOH 115 615 38  HOH HOH A . 
C 3 HOH 116 616 110 HOH HOH A . 
C 3 HOH 117 617 66  HOH HOH A . 
C 3 HOH 118 618 115 HOH HOH A . 
C 3 HOH 119 619 116 HOH HOH A . 
C 3 HOH 120 620 43  HOH HOH A . 
C 3 HOH 121 621 53  HOH HOH A . 
C 3 HOH 122 622 112 HOH HOH A . 
C 3 HOH 123 623 30  HOH HOH A . 
C 3 HOH 124 624 32  HOH HOH A . 
C 3 HOH 125 625 33  HOH HOH A . 
C 3 HOH 126 626 48  HOH HOH A . 
C 3 HOH 127 627 71  HOH HOH A . 
C 3 HOH 128 628 80  HOH HOH A . 
C 3 HOH 129 629 51  HOH HOH A . 
C 3 HOH 130 630 46  HOH HOH A . 
C 3 HOH 131 631 52  HOH HOH A . 
C 3 HOH 132 632 117 HOH HOH A . 
C 3 HOH 133 633 81  HOH HOH A . 
# 
loop_
_software.citation_id 
_software.classification 
_software.compiler_name 
_software.compiler_version 
_software.contact_author 
_software.contact_author_email 
_software.date 
_software.description 
_software.dependencies 
_software.hardware 
_software.language 
_software.location 
_software.mods 
_software.name 
_software.os 
_software.os_version 
_software.type 
_software.version 
_software.pdbx_ordinal 
? 'data scaling'   ? ? ? ? ? ? ? ? ? ? ? HKL-2000 ? ? ? .    1 
? refinement       ? ? ? ? ? ? ? ? ? ? ? REFMAC   ? ? ? v5.0 2 
? 'data reduction' ? ? ? ? ? ? ? ? ? ? ? DENZO    ? ? ? .    3 
? phasing          ? ? ? ? ? ? ? ? ? ? ? PHASER   ? ? ? .    4 
# 
_cell.angle_alpha                  90.00 
_cell.angle_alpha_esd              ? 
_cell.angle_beta                   90.00 
_cell.angle_beta_esd               ? 
_cell.angle_gamma                  90.00 
_cell.angle_gamma_esd              ? 
_cell.entry_id                     8G9D 
_cell.details                      ? 
_cell.formula_units_Z              ? 
_cell.length_a                     46.444 
_cell.length_a_esd                 ? 
_cell.length_b                     59.711 
_cell.length_b_esd                 ? 
_cell.length_c                     62.402 
_cell.length_c_esd                 ? 
_cell.volume                       ? 
_cell.volume_esd                   ? 
_cell.Z_PDB                        4 
_cell.reciprocal_angle_alpha       ? 
_cell.reciprocal_angle_beta        ? 
_cell.reciprocal_angle_gamma       ? 
_cell.reciprocal_angle_alpha_esd   ? 
_cell.reciprocal_angle_beta_esd    ? 
_cell.reciprocal_angle_gamma_esd   ? 
_cell.reciprocal_length_a          ? 
_cell.reciprocal_length_b          ? 
_cell.reciprocal_length_c          ? 
_cell.reciprocal_length_a_esd      ? 
_cell.reciprocal_length_b_esd      ? 
_cell.reciprocal_length_c_esd      ? 
_cell.pdbx_unique_axis             ? 
_cell.pdbx_esd_method              ? 
# 
_symmetry.entry_id                         8G9D 
_symmetry.cell_setting                     ? 
_symmetry.Int_Tables_number                19 
_symmetry.space_group_name_Hall            ? 
_symmetry.space_group_name_H-M             'P 21 21 21' 
_symmetry.pdbx_full_space_group_name_H-M   ? 
# 
_exptl.absorpt_coefficient_mu     ? 
_exptl.absorpt_correction_T_max   ? 
_exptl.absorpt_correction_T_min   ? 
_exptl.absorpt_correction_type    ? 
_exptl.absorpt_process_details    ? 
_exptl.entry_id                   8G9D 
_exptl.crystals_number            1 
_exptl.details                    ? 
_exptl.method                     'X-RAY DIFFRACTION' 
_exptl.method_details             ? 
# 
_exptl_crystal.colour                       ? 
_exptl_crystal.density_diffrn               ? 
_exptl_crystal.density_Matthews             2.22 
_exptl_crystal.density_method               ? 
_exptl_crystal.density_percent_sol          44.57 
_exptl_crystal.description                  ? 
_exptl_crystal.F_000                        ? 
_exptl_crystal.id                           1 
_exptl_crystal.preparation                  ? 
_exptl_crystal.size_max                     ? 
_exptl_crystal.size_mid                     ? 
_exptl_crystal.size_min                     ? 
_exptl_crystal.size_rad                     ? 
_exptl_crystal.colour_lustre                ? 
_exptl_crystal.colour_modifier              ? 
_exptl_crystal.colour_primary               ? 
_exptl_crystal.density_meas                 ? 
_exptl_crystal.density_meas_esd             ? 
_exptl_crystal.density_meas_gt              ? 
_exptl_crystal.density_meas_lt              ? 
_exptl_crystal.density_meas_temp            ? 
_exptl_crystal.density_meas_temp_esd        ? 
_exptl_crystal.density_meas_temp_gt         ? 
_exptl_crystal.density_meas_temp_lt         ? 
_exptl_crystal.pdbx_crystal_image_url       ? 
_exptl_crystal.pdbx_crystal_image_format    ? 
_exptl_crystal.pdbx_mosaicity               ? 
_exptl_crystal.pdbx_mosaicity_esd           ? 
_exptl_crystal.pdbx_mosaic_method           ? 
_exptl_crystal.pdbx_mosaic_block_size       ? 
_exptl_crystal.pdbx_mosaic_block_size_esd   ? 
# 
_exptl_crystal_grow.apparatus       ? 
_exptl_crystal_grow.atmosphere      ? 
_exptl_crystal_grow.crystal_id      1 
_exptl_crystal_grow.details         ? 
_exptl_crystal_grow.method          'VAPOR DIFFUSION, HANGING DROP' 
_exptl_crystal_grow.method_ref      ? 
_exptl_crystal_grow.pH              5.5 
_exptl_crystal_grow.pressure        ? 
_exptl_crystal_grow.pressure_esd    ? 
_exptl_crystal_grow.seeding         ? 
_exptl_crystal_grow.seeding_ref     ? 
_exptl_crystal_grow.temp_details    ? 
_exptl_crystal_grow.temp_esd        ? 
_exptl_crystal_grow.time            ? 
_exptl_crystal_grow.pdbx_details    
;10% (w/v) PEG 8000, 10% (v/v) isopropanol, 200 mM Li2SO4, 75 mM NaAc, pH 5.5 and 25 mM HEPES, pH 7.0 and soaking in solution 200mM LiCl, 20% PEG8000, 20% isopropanol, 100mM HEPES 7.0, 20mM MgCl2 in the present of 2mM 5-PCF2Am-IP7
;
_exptl_crystal_grow.pdbx_pH_range   4.5-6.0 
_exptl_crystal_grow.temp            293 
# 
_diffrn.ambient_environment              ? 
_diffrn.ambient_temp                     100 
_diffrn.ambient_temp_details             ? 
_diffrn.ambient_temp_esd                 ? 
_diffrn.crystal_id                       1 
_diffrn.crystal_support                  ? 
_diffrn.crystal_treatment                ? 
_diffrn.details                          ? 
_diffrn.id                               1 
_diffrn.ambient_pressure                 ? 
_diffrn.ambient_pressure_esd             ? 
_diffrn.ambient_pressure_gt              ? 
_diffrn.ambient_pressure_lt              ? 
_diffrn.ambient_temp_gt                  ? 
_diffrn.ambient_temp_lt                  ? 
_diffrn.pdbx_serial_crystal_experiment   N 
# 
_diffrn_detector.details                      ? 
_diffrn_detector.detector                     PIXEL 
_diffrn_detector.diffrn_id                    1 
_diffrn_detector.type                         'DECTRIS EIGER X 16M' 
_diffrn_detector.area_resol_mean              ? 
_diffrn_detector.dtime                        ? 
_diffrn_detector.pdbx_frames_total            ? 
_diffrn_detector.pdbx_collection_time_total   ? 
_diffrn_detector.pdbx_collection_date         2020-11-06 
_diffrn_detector.pdbx_frequency               ? 
_diffrn_detector.id                           ? 
_diffrn_detector.number_of_axes               ? 
# 
_diffrn_radiation.collimation                      ? 
_diffrn_radiation.diffrn_id                        1 
_diffrn_radiation.filter_edge                      ? 
_diffrn_radiation.inhomogeneity                    ? 
_diffrn_radiation.monochromator                    ? 
_diffrn_radiation.polarisn_norm                    ? 
_diffrn_radiation.polarisn_ratio                   ? 
_diffrn_radiation.probe                            ? 
_diffrn_radiation.type                             ? 
_diffrn_radiation.xray_symbol                      ? 
_diffrn_radiation.wavelength_id                    1 
_diffrn_radiation.pdbx_monochromatic_or_laue_m_l   M 
_diffrn_radiation.pdbx_wavelength_list             ? 
_diffrn_radiation.pdbx_wavelength                  ? 
_diffrn_radiation.pdbx_diffrn_protocol             'SINGLE WAVELENGTH' 
_diffrn_radiation.pdbx_analyzer                    ? 
_diffrn_radiation.pdbx_scattering_type             x-ray 
# 
_diffrn_radiation_wavelength.id           1 
_diffrn_radiation_wavelength.wavelength   1.000 
_diffrn_radiation_wavelength.wt           1.0 
# 
_diffrn_source.current                     ? 
_diffrn_source.details                     ? 
_diffrn_source.diffrn_id                   1 
_diffrn_source.power                       ? 
_diffrn_source.size                        ? 
_diffrn_source.source                      SYNCHROTRON 
_diffrn_source.target                      ? 
_diffrn_source.type                        'APS BEAMLINE 22-ID' 
_diffrn_source.voltage                     ? 
_diffrn_source.take-off_angle              ? 
_diffrn_source.pdbx_wavelength_list        1.000 
_diffrn_source.pdbx_wavelength             ? 
_diffrn_source.pdbx_synchrotron_beamline   22-ID 
_diffrn_source.pdbx_synchrotron_site       APS 
# 
_reflns.B_iso_Wilson_estimate                          ? 
_reflns.entry_id                                       8G9D 
_reflns.data_reduction_details                         ? 
_reflns.data_reduction_method                          ? 
_reflns.d_resolution_high                              1.60 
_reflns.d_resolution_low                               50.00 
_reflns.details                                        ? 
_reflns.limit_h_max                                    ? 
_reflns.limit_h_min                                    ? 
_reflns.limit_k_max                                    ? 
_reflns.limit_k_min                                    ? 
_reflns.limit_l_max                                    ? 
_reflns.limit_l_min                                    ? 
_reflns.number_all                                     ? 
_reflns.number_obs                                     23418 
_reflns.observed_criterion                             ? 
_reflns.observed_criterion_F_max                       ? 
_reflns.observed_criterion_F_min                       ? 
_reflns.observed_criterion_I_max                       ? 
_reflns.observed_criterion_I_min                       ? 
_reflns.observed_criterion_sigma_F                     ? 
_reflns.observed_criterion_sigma_I                     ? 
_reflns.percent_possible_obs                           98.9 
_reflns.R_free_details                                 ? 
_reflns.Rmerge_F_all                                   ? 
_reflns.Rmerge_F_obs                                   ? 
_reflns.Friedel_coverage                               ? 
_reflns.number_gt                                      ? 
_reflns.threshold_expression                           ? 
_reflns.pdbx_redundancy                                6.0 
_reflns.pdbx_netI_over_av_sigmaI                       ? 
_reflns.pdbx_netI_over_sigmaI                          11.5 
_reflns.pdbx_res_netI_over_av_sigmaI_2                 ? 
_reflns.pdbx_res_netI_over_sigmaI_2                    ? 
_reflns.pdbx_chi_squared                               0.036 
_reflns.pdbx_scaling_rejects                           ? 
_reflns.pdbx_d_res_high_opt                            ? 
_reflns.pdbx_d_res_low_opt                             ? 
_reflns.pdbx_d_res_opt_method                          ? 
_reflns.phase_calculation_details                      ? 
_reflns.pdbx_Rrim_I_all                                ? 
_reflns.pdbx_Rpim_I_all                                ? 
_reflns.pdbx_d_opt                                     ? 
_reflns.pdbx_number_measured_all                       139413 
_reflns.pdbx_diffrn_id                                 1 
_reflns.pdbx_ordinal                                   1 
_reflns.pdbx_CC_half                                   ? 
_reflns.pdbx_CC_star                                   ? 
_reflns.pdbx_R_split                                   ? 
_reflns.pdbx_Rmerge_I_obs                              0.089 
_reflns.pdbx_Rmerge_I_all                              ? 
_reflns.pdbx_Rsym_value                                ? 
_reflns.pdbx_CC_split_method                           ? 
_reflns.pdbx_aniso_diffraction_limit_axis_1_ortho[1]   ? 
_reflns.pdbx_aniso_diffraction_limit_axis_1_ortho[2]   ? 
_reflns.pdbx_aniso_diffraction_limit_axis_1_ortho[3]   ? 
_reflns.pdbx_aniso_diffraction_limit_axis_2_ortho[1]   ? 
_reflns.pdbx_aniso_diffraction_limit_axis_2_ortho[2]   ? 
_reflns.pdbx_aniso_diffraction_limit_axis_2_ortho[3]   ? 
_reflns.pdbx_aniso_diffraction_limit_axis_3_ortho[1]   ? 
_reflns.pdbx_aniso_diffraction_limit_axis_3_ortho[2]   ? 
_reflns.pdbx_aniso_diffraction_limit_axis_3_ortho[3]   ? 
_reflns.pdbx_aniso_diffraction_limit_1                 ? 
_reflns.pdbx_aniso_diffraction_limit_2                 ? 
_reflns.pdbx_aniso_diffraction_limit_3                 ? 
_reflns.pdbx_aniso_B_tensor_eigenvector_1_ortho[1]     ? 
_reflns.pdbx_aniso_B_tensor_eigenvector_1_ortho[2]     ? 
_reflns.pdbx_aniso_B_tensor_eigenvector_1_ortho[3]     ? 
_reflns.pdbx_aniso_B_tensor_eigenvector_2_ortho[1]     ? 
_reflns.pdbx_aniso_B_tensor_eigenvector_2_ortho[2]     ? 
_reflns.pdbx_aniso_B_tensor_eigenvector_2_ortho[3]     ? 
_reflns.pdbx_aniso_B_tensor_eigenvector_3_ortho[1]     ? 
_reflns.pdbx_aniso_B_tensor_eigenvector_3_ortho[2]     ? 
_reflns.pdbx_aniso_B_tensor_eigenvector_3_ortho[3]     ? 
_reflns.pdbx_aniso_B_tensor_eigenvalue_1               ? 
_reflns.pdbx_aniso_B_tensor_eigenvalue_2               ? 
_reflns.pdbx_aniso_B_tensor_eigenvalue_3               ? 
_reflns.pdbx_orthogonalization_convention              ? 
_reflns.pdbx_percent_possible_ellipsoidal              ? 
_reflns.pdbx_percent_possible_spherical                ? 
_reflns.pdbx_percent_possible_ellipsoidal_anomalous    ? 
_reflns.pdbx_percent_possible_spherical_anomalous      ? 
_reflns.pdbx_redundancy_anomalous                      ? 
_reflns.pdbx_CC_half_anomalous                         ? 
_reflns.pdbx_absDiff_over_sigma_anomalous              ? 
_reflns.pdbx_percent_possible_anomalous                ? 
_reflns.pdbx_observed_signal_threshold                 ? 
_reflns.pdbx_signal_type                               ? 
_reflns.pdbx_signal_details                            ? 
_reflns.pdbx_signal_software_id                        ? 
# 
loop_
_reflns_shell.d_res_high 
_reflns_shell.d_res_low 
_reflns_shell.meanI_over_sigI_all 
_reflns_shell.meanI_over_sigI_obs 
_reflns_shell.number_measured_all 
_reflns_shell.number_measured_obs 
_reflns_shell.number_possible 
_reflns_shell.number_unique_all 
_reflns_shell.number_unique_obs 
_reflns_shell.percent_possible_obs 
_reflns_shell.Rmerge_F_all 
_reflns_shell.Rmerge_F_obs 
_reflns_shell.meanI_over_sigI_gt 
_reflns_shell.meanI_over_uI_all 
_reflns_shell.meanI_over_uI_gt 
_reflns_shell.number_measured_gt 
_reflns_shell.number_unique_gt 
_reflns_shell.percent_possible_gt 
_reflns_shell.Rmerge_F_gt 
_reflns_shell.Rmerge_I_gt 
_reflns_shell.pdbx_redundancy 
_reflns_shell.pdbx_chi_squared 
_reflns_shell.pdbx_netI_over_sigmaI_all 
_reflns_shell.pdbx_netI_over_sigmaI_obs 
_reflns_shell.pdbx_Rrim_I_all 
_reflns_shell.pdbx_Rpim_I_all 
_reflns_shell.pdbx_rejects 
_reflns_shell.pdbx_ordinal 
_reflns_shell.pdbx_diffrn_id 
_reflns_shell.pdbx_CC_half 
_reflns_shell.pdbx_CC_star 
_reflns_shell.pdbx_R_split 
_reflns_shell.percent_possible_all 
_reflns_shell.Rmerge_I_all 
_reflns_shell.Rmerge_I_obs 
_reflns_shell.pdbx_Rsym_value 
_reflns_shell.pdbx_percent_possible_ellipsoidal 
_reflns_shell.pdbx_percent_possible_spherical 
_reflns_shell.pdbx_percent_possible_ellipsoidal_anomalous 
_reflns_shell.pdbx_percent_possible_spherical_anomalous 
_reflns_shell.pdbx_redundancy_anomalous 
_reflns_shell.pdbx_CC_half_anomalous 
_reflns_shell.pdbx_absDiff_over_sigma_anomalous 
_reflns_shell.pdbx_percent_possible_anomalous 
1.60 1.63  ? ? ? ? ? ? 1157 ? ? ? ? ? ? ? ? ? ? ? 5.0 0.890 ? ? ? ? ? 1  1 ? ? ? 99.9 ? 0.651 ? ? ? ? ? ? ? ? ? 
1.63 1.66  ? ? ? ? ? ? 1171 ? ? ? ? ? ? ? ? ? ? ? 5.5 0.852 ? ? ? ? ? 2  1 ? ? ? 99.7 ? 0.666 ? ? ? ? ? ? ? ? ? 
1.66 1.69  ? ? ? ? ? ? 1148 ? ? ? ? ? ? ? ? ? ? ? 5.7 0.830 ? ? ? ? ? 3  1 ? ? ? 99.7 ? 0.594 ? ? ? ? ? ? ? ? ? 
1.69 1.72  ? ? ? ? ? ? 1177 ? ? ? ? ? ? ? ? ? ? ? 6.0 0.851 ? ? ? ? ? 4  1 ? ? ? 99.7 ? 0.536 ? ? ? ? ? ? ? ? ? 
1.72 1.76  ? ? ? ? ? ? 1155 ? ? ? ? ? ? ? ? ? ? ? 6.1 0.869 ? ? ? ? ? 5  1 ? ? ? 99.8 ? 0.481 ? ? ? ? ? ? ? ? ? 
1.76 1.80  ? ? ? ? ? ? 1148 ? ? ? ? ? ? ? ? ? ? ? 6.1 0.900 ? ? ? ? ? 6  1 ? ? ? 99.5 ? 0.392 ? ? ? ? ? ? ? ? ? 
1.80 1.85  ? ? ? ? ? ? 1169 ? ? ? ? ? ? ? ? ? ? ? 6.1 0.881 ? ? ? ? ? 7  1 ? ? ? 99.8 ? 0.315 ? ? ? ? ? ? ? ? ? 
1.85 1.90  ? ? ? ? ? ? 1164 ? ? ? ? ? ? ? ? ? ? ? 6.0 0.925 ? ? ? ? ? 8  1 ? ? ? 99.7 ? 0.285 ? ? ? ? ? ? ? ? ? 
1.90 1.95  ? ? ? ? ? ? 1157 ? ? ? ? ? ? ? ? ? ? ? 6.0 0.979 ? ? ? ? ? 9  1 ? ? ? 99.7 ? 0.209 ? ? ? ? ? ? ? ? ? 
1.95 2.02  ? ? ? ? ? ? 1160 ? ? ? ? ? ? ? ? ? ? ? 5.8 0.955 ? ? ? ? ? 10 1 ? ? ? 99.0 ? 0.172 ? ? ? ? ? ? ? ? ? 
2.02 2.09  ? ? ? ? ? ? 1147 ? ? ? ? ? ? ? ? ? ? ? 5.4 0.984 ? ? ? ? ? 11 1 ? ? ? 97.8 ? 0.132 ? ? ? ? ? ? ? ? ? 
2.09 2.17  ? ? ? ? ? ? 1126 ? ? ? ? ? ? ? ? ? ? ? 5.1 0.972 ? ? ? ? ? 12 1 ? ? ? 96.3 ? 0.108 ? ? ? ? ? ? ? ? ? 
2.17 2.27  ? ? ? ? ? ? 1170 ? ? ? ? ? ? ? ? ? ? ? 6.5 0.990 ? ? ? ? ? 13 1 ? ? ? 99.8 ? 0.096 ? ? ? ? ? ? ? ? ? 
2.27 2.39  ? ? ? ? ? ? 1185 ? ? ? ? ? ? ? ? ? ? ? 6.6 0.900 ? ? ? ? ? 14 1 ? ? ? 99.3 ? 0.081 ? ? ? ? ? ? ? ? ? 
2.39 2.54  ? ? ? ? ? ? 1166 ? ? ? ? ? ? ? ? ? ? ? 6.6 0.857 ? ? ? ? ? 15 1 ? ? ? 99.0 ? 0.072 ? ? ? ? ? ? ? ? ? 
2.54 2.74  ? ? ? ? ? ? 1194 ? ? ? ? ? ? ? ? ? ? ? 6.5 0.845 ? ? ? ? ? 16 1 ? ? ? 99.3 ? 0.064 ? ? ? ? ? ? ? ? ? 
2.74 3.01  ? ? ? ? ? ? 1179 ? ? ? ? ? ? ? ? ? ? ? 6.3 0.897 ? ? ? ? ? 17 1 ? ? ? 99.2 ? 0.058 ? ? ? ? ? ? ? ? ? 
3.01 3.45  ? ? ? ? ? ? 1194 ? ? ? ? ? ? ? ? ? ? ? 6.1 0.844 ? ? ? ? ? 18 1 ? ? ? 98.8 ? 0.055 ? ? ? ? ? ? ? ? ? 
3.45 4.34  ? ? ? ? ? ? 1147 ? ? ? ? ? ? ? ? ? ? ? 5.4 0.919 ? ? ? ? ? 19 1 ? ? ? 93.4 ? 0.058 ? ? ? ? ? ? ? ? ? 
4.34 50.00 ? ? ? ? ? ? 1304 ? ? ? ? ? ? ? ? ? ? ? 6.0 0.954 ? ? ? ? ? 20 1 ? ? ? 99.1 ? 0.056 ? ? ? ? ? ? ? ? ? 
# 
_refine.aniso_B[1][1]                            0.01 
_refine.aniso_B[1][2]                            0.00 
_refine.aniso_B[1][3]                            -0.00 
_refine.aniso_B[2][2]                            -0.01 
_refine.aniso_B[2][3]                            0.00 
_refine.aniso_B[3][3]                            -0.00 
_refine.B_iso_max                                ? 
_refine.B_iso_mean                               15.776 
_refine.B_iso_min                                ? 
_refine.correlation_coeff_Fo_to_Fc               0.946 
_refine.correlation_coeff_Fo_to_Fc_free          0.930 
_refine.details                                  'HYDROGENS HAVE BEEN ADDED IN THE RIDING POSITIONS' 
_refine.diff_density_max                         ? 
_refine.diff_density_max_esd                     ? 
_refine.diff_density_min                         ? 
_refine.diff_density_min_esd                     ? 
_refine.diff_density_rms                         ? 
_refine.diff_density_rms_esd                     ? 
_refine.entry_id                                 8G9D 
_refine.pdbx_refine_id                           'X-RAY DIFFRACTION' 
_refine.ls_abs_structure_details                 ? 
_refine.ls_abs_structure_Flack                   ? 
_refine.ls_abs_structure_Flack_esd               ? 
_refine.ls_abs_structure_Rogers                  ? 
_refine.ls_abs_structure_Rogers_esd              ? 
_refine.ls_d_res_high                            1.60 
_refine.ls_d_res_low                             31.63 
_refine.ls_extinction_coef                       ? 
_refine.ls_extinction_coef_esd                   ? 
_refine.ls_extinction_expression                 ? 
_refine.ls_extinction_method                     ? 
_refine.ls_goodness_of_fit_all                   ? 
_refine.ls_goodness_of_fit_all_esd               ? 
_refine.ls_goodness_of_fit_obs                   ? 
_refine.ls_goodness_of_fit_obs_esd               ? 
_refine.ls_hydrogen_treatment                    ? 
_refine.ls_matrix_type                           ? 
_refine.ls_number_constraints                    ? 
_refine.ls_number_parameters                     ? 
_refine.ls_number_reflns_all                     ? 
_refine.ls_number_reflns_obs                     20338 
_refine.ls_number_reflns_R_free                  1014 
_refine.ls_number_reflns_R_work                  ? 
_refine.ls_number_restraints                     ? 
_refine.ls_percent_reflns_obs                    90.27 
_refine.ls_percent_reflns_R_free                 4.7 
_refine.ls_R_factor_all                          ? 
_refine.ls_R_factor_obs                          0.19282 
_refine.ls_R_factor_R_free                       0.22527 
_refine.ls_R_factor_R_free_error                 ? 
_refine.ls_R_factor_R_free_error_details         ? 
_refine.ls_R_factor_R_work                       0.19118 
_refine.ls_R_Fsqd_factor_obs                     ? 
_refine.ls_R_I_factor_obs                        ? 
_refine.ls_redundancy_reflns_all                 ? 
_refine.ls_redundancy_reflns_obs                 ? 
_refine.ls_restrained_S_all                      ? 
_refine.ls_restrained_S_obs                      ? 
_refine.ls_shift_over_esd_max                    ? 
_refine.ls_shift_over_esd_mean                   ? 
_refine.ls_structure_factor_coef                 ? 
_refine.ls_weighting_details                     ? 
_refine.ls_weighting_scheme                      ? 
_refine.ls_wR_factor_all                         ? 
_refine.ls_wR_factor_obs                         ? 
_refine.ls_wR_factor_R_free                      ? 
_refine.ls_wR_factor_R_work                      ? 
_refine.occupancy_max                            ? 
_refine.occupancy_min                            ? 
_refine.solvent_model_details                    MASK 
_refine.solvent_model_param_bsol                 ? 
_refine.solvent_model_param_ksol                 ? 
_refine.pdbx_R_complete                          ? 
_refine.ls_R_factor_gt                           ? 
_refine.ls_goodness_of_fit_gt                    ? 
_refine.ls_goodness_of_fit_ref                   ? 
_refine.ls_shift_over_su_max                     ? 
_refine.ls_shift_over_su_max_lt                  ? 
_refine.ls_shift_over_su_mean                    ? 
_refine.ls_shift_over_su_mean_lt                 ? 
_refine.pdbx_ls_sigma_I                          ? 
_refine.pdbx_ls_sigma_F                          ? 
_refine.pdbx_ls_sigma_Fsqd                       ? 
_refine.pdbx_data_cutoff_high_absF               ? 
_refine.pdbx_data_cutoff_high_rms_absF           ? 
_refine.pdbx_data_cutoff_low_absF                ? 
_refine.pdbx_isotropic_thermal_model             ? 
_refine.pdbx_ls_cross_valid_method               THROUGHOUT 
_refine.pdbx_method_to_determine_struct          'FOURIER SYNTHESIS' 
_refine.pdbx_starting_model                      ? 
_refine.pdbx_stereochemistry_target_values       'MAXIMUM LIKELIHOOD' 
_refine.pdbx_R_Free_selection_details            RANDOM 
_refine.pdbx_stereochem_target_val_spec_case     ? 
_refine.pdbx_overall_ESU_R                       0.095 
_refine.pdbx_overall_ESU_R_Free                  0.096 
_refine.pdbx_solvent_vdw_probe_radii             1.20 
_refine.pdbx_solvent_ion_probe_radii             0.80 
_refine.pdbx_solvent_shrinkage_radii             0.80 
_refine.pdbx_real_space_R                        ? 
_refine.pdbx_density_correlation                 ? 
_refine.pdbx_pd_number_of_powder_patterns        ? 
_refine.pdbx_pd_number_of_points                 ? 
_refine.pdbx_pd_meas_number_of_points            ? 
_refine.pdbx_pd_proc_ls_prof_R_factor            ? 
_refine.pdbx_pd_proc_ls_prof_wR_factor           ? 
_refine.pdbx_pd_Marquardt_correlation_coeff      ? 
_refine.pdbx_pd_Fsqrd_R_factor                   ? 
_refine.pdbx_pd_ls_matrix_band_width             ? 
_refine.pdbx_overall_phase_error                 ? 
_refine.pdbx_overall_SU_R_free_Cruickshank_DPI   ? 
_refine.pdbx_overall_SU_R_free_Blow_DPI          ? 
_refine.pdbx_overall_SU_R_Blow_DPI               ? 
_refine.pdbx_TLS_residual_ADP_flag               ? 
_refine.pdbx_diffrn_id                           1 
_refine.overall_SU_B                             1.551 
_refine.overall_SU_ML                            0.055 
_refine.overall_SU_R_Cruickshank_DPI             ? 
_refine.overall_SU_R_free                        ? 
_refine.overall_FOM_free_R_set                   ? 
_refine.overall_FOM_work_R_set                   ? 
_refine.pdbx_average_fsc_overall                 ? 
_refine.pdbx_average_fsc_work                    ? 
_refine.pdbx_average_fsc_free                    ? 
# 
_refine_hist.pdbx_refine_id                   'X-RAY DIFFRACTION' 
_refine_hist.cycle_id                         1 
_refine_hist.details                          ? 
_refine_hist.d_res_high                       1.60 
_refine_hist.d_res_low                        31.63 
_refine_hist.number_atoms_solvent             133 
_refine_hist.number_atoms_total               1269 
_refine_hist.number_reflns_all                ? 
_refine_hist.number_reflns_obs                ? 
_refine_hist.number_reflns_R_free             ? 
_refine_hist.number_reflns_R_work             ? 
_refine_hist.R_factor_all                     ? 
_refine_hist.R_factor_obs                     ? 
_refine_hist.R_factor_R_free                  ? 
_refine_hist.R_factor_R_work                  ? 
_refine_hist.pdbx_number_residues_total       ? 
_refine_hist.pdbx_B_iso_mean_ligand           ? 
_refine_hist.pdbx_B_iso_mean_solvent          ? 
_refine_hist.pdbx_number_atoms_protein        1095 
_refine_hist.pdbx_number_atoms_nucleic_acid   0 
_refine_hist.pdbx_number_atoms_ligand         41 
_refine_hist.pdbx_number_atoms_lipid          ? 
_refine_hist.pdbx_number_atoms_carb           ? 
_refine_hist.pdbx_pseudo_atom_details         ? 
# 
loop_
_refine_ls_restr.pdbx_refine_id 
_refine_ls_restr.criterion 
_refine_ls_restr.dev_ideal 
_refine_ls_restr.dev_ideal_target 
_refine_ls_restr.number 
_refine_ls_restr.rejects 
_refine_ls_restr.type 
_refine_ls_restr.weight 
_refine_ls_restr.pdbx_restraint_function 
'X-RAY DIFFRACTION' ? 0.014  0.013  1219 ? r_bond_refined_d             ? ? 
'X-RAY DIFFRACTION' ? 0.001  0.018  1096 ? r_bond_other_d               ? ? 
'X-RAY DIFFRACTION' ? 2.121  1.694  1672 ? r_angle_refined_deg          ? ? 
'X-RAY DIFFRACTION' ? 1.582  1.600  2553 ? r_angle_other_deg            ? ? 
'X-RAY DIFFRACTION' ? 7.455  5.000  150  ? r_dihedral_angle_1_deg       ? ? 
'X-RAY DIFFRACTION' ? 22.560 21.233 73   ? r_dihedral_angle_2_deg       ? ? 
'X-RAY DIFFRACTION' ? 11.624 15.000 213  ? r_dihedral_angle_3_deg       ? ? 
'X-RAY DIFFRACTION' ? 14.404 15.000 12   ? r_dihedral_angle_4_deg       ? ? 
'X-RAY DIFFRACTION' ? 0.195  0.200  159  ? r_chiral_restr               ? ? 
'X-RAY DIFFRACTION' ? 0.011  0.020  1355 ? r_gen_planes_refined         ? ? 
'X-RAY DIFFRACTION' ? 0.002  0.020  269  ? r_gen_planes_other           ? ? 
'X-RAY DIFFRACTION' ? ?      ?      ?    ? r_nbd_refined                ? ? 
'X-RAY DIFFRACTION' ? ?      ?      ?    ? r_nbd_other                  ? ? 
'X-RAY DIFFRACTION' ? ?      ?      ?    ? r_nbtor_refined              ? ? 
'X-RAY DIFFRACTION' ? ?      ?      ?    ? r_nbtor_other                ? ? 
'X-RAY DIFFRACTION' ? ?      ?      ?    ? r_xyhbond_nbd_refined        ? ? 
'X-RAY DIFFRACTION' ? ?      ?      ?    ? r_xyhbond_nbd_other          ? ? 
'X-RAY DIFFRACTION' ? ?      ?      ?    ? r_metal_ion_refined          ? ? 
'X-RAY DIFFRACTION' ? ?      ?      ?    ? r_metal_ion_other            ? ? 
'X-RAY DIFFRACTION' ? ?      ?      ?    ? r_symmetry_vdw_refined       ? ? 
'X-RAY DIFFRACTION' ? ?      ?      ?    ? r_symmetry_vdw_other         ? ? 
'X-RAY DIFFRACTION' ? ?      ?      ?    ? r_symmetry_hbond_refined     ? ? 
'X-RAY DIFFRACTION' ? ?      ?      ?    ? r_symmetry_hbond_other       ? ? 
'X-RAY DIFFRACTION' ? ?      ?      ?    ? r_symmetry_metal_ion_refined ? ? 
'X-RAY DIFFRACTION' ? ?      ?      ?    ? r_symmetry_metal_ion_other   ? ? 
'X-RAY DIFFRACTION' ? 1.649  1.335  567  ? r_mcbond_it                  ? ? 
'X-RAY DIFFRACTION' ? 1.599  1.329  566  ? r_mcbond_other               ? ? 
'X-RAY DIFFRACTION' ? 2.506  1.990  716  ? r_mcangle_it                 ? ? 
'X-RAY DIFFRACTION' ? 2.514  1.996  717  ? r_mcangle_other              ? ? 
'X-RAY DIFFRACTION' ? 3.022  1.828  652  ? r_scbond_it                  ? ? 
'X-RAY DIFFRACTION' ? 3.024  1.823  648  ? r_scbond_other               ? ? 
'X-RAY DIFFRACTION' ? ?      ?      ?    ? r_scangle_it                 ? ? 
'X-RAY DIFFRACTION' ? 4.685  2.618  947  ? r_scangle_other              ? ? 
'X-RAY DIFFRACTION' ? 7.051  18.199 1371 ? r_long_range_B_refined       ? ? 
'X-RAY DIFFRACTION' ? 6.975  17.668 1341 ? r_long_range_B_other         ? ? 
'X-RAY DIFFRACTION' ? ?      ?      ?    ? r_rigid_bond_restr           ? ? 
'X-RAY DIFFRACTION' ? ?      ?      ?    ? r_sphericity_free            ? ? 
'X-RAY DIFFRACTION' ? ?      ?      ?    ? r_sphericity_bonded          ? ? 
# 
_refine_ls_shell.pdbx_refine_id                   'X-RAY DIFFRACTION' 
_refine_ls_shell.d_res_high                       1.60 
_refine_ls_shell.d_res_low                        1.639 
_refine_ls_shell.number_reflns_all                ? 
_refine_ls_shell.number_reflns_obs                ? 
_refine_ls_shell.number_reflns_R_free             43 
_refine_ls_shell.number_reflns_R_work             1002 
_refine_ls_shell.percent_reflns_obs               60.44 
_refine_ls_shell.percent_reflns_R_free            ? 
_refine_ls_shell.R_factor_all                     ? 
_refine_ls_shell.R_factor_obs                     ? 
_refine_ls_shell.R_factor_R_free_error            ? 
_refine_ls_shell.R_factor_R_work                  0.226 
_refine_ls_shell.redundancy_reflns_all            ? 
_refine_ls_shell.redundancy_reflns_obs            ? 
_refine_ls_shell.wR_factor_all                    ? 
_refine_ls_shell.wR_factor_obs                    ? 
_refine_ls_shell.wR_factor_R_free                 ? 
_refine_ls_shell.wR_factor_R_work                 ? 
_refine_ls_shell.pdbx_R_complete                  ? 
_refine_ls_shell.pdbx_total_number_of_bins_used   ? 
_refine_ls_shell.pdbx_phase_error                 ? 
_refine_ls_shell.pdbx_fsc_work                    ? 
_refine_ls_shell.pdbx_fsc_free                    ? 
_refine_ls_shell.R_factor_R_free                  0.290 
# 
_struct.entry_id                     8G9D 
_struct.title                        
;Diphosphoinositol polyphosphate phosphohydrolase 1 (DIPP1/NUDT3) in complex with 5- phosphonodifluoroacetamide inositol pentakisphosphate (5-PCF2Am-InsP5), an analogue of 5-InsP7
;
_struct.pdbx_model_details           ? 
_struct.pdbx_formula_weight          ? 
_struct.pdbx_formula_weight_method   ? 
_struct.pdbx_model_type_details      ? 
_struct.pdbx_CASP_flag               N 
# 
_struct_keywords.entry_id        8G9D 
_struct_keywords.text            
'phosphatase, nudix, catalysis mechanism, Substrate Specificity, inositol, inositol pyrophosphate, HYDROLASE' 
_struct_keywords.pdbx_keywords   HYDROLASE 
# 
loop_
_struct_asym.id 
_struct_asym.pdbx_blank_PDB_chainid_flag 
_struct_asym.pdbx_modified 
_struct_asym.entity_id 
_struct_asym.details 
A N N 1 ? 
B N N 2 ? 
C N N 3 ? 
# 
_struct_ref.id                         1 
_struct_ref.db_name                    UNP 
_struct_ref.db_code                    NUDT3_HUMAN 
_struct_ref.pdbx_db_accession          O95989 
_struct_ref.pdbx_db_isoform            ? 
_struct_ref.entity_id                  1 
_struct_ref.pdbx_seq_one_letter_code   
;MMKLKSNQTRTYDGDGYKKRAACLCFRSESEEEVLLVSSSRHPDRWIVPGGGMEPEEEPSVAAVREVCEEAGVKGTLGRL
VGIFENQERKHRTYVYVLIVTEVLEDWEDSVNIGRKREWFKIEDAIKVLQYHKPVQASYFETLRQGYSANNGTPVVATTY
SVSAQSSMSGIR
;
_struct_ref.pdbx_align_begin           1 
# 
_struct_ref_seq.align_id                      1 
_struct_ref_seq.ref_id                        1 
_struct_ref_seq.pdbx_PDB_id_code              8G9D 
_struct_ref_seq.pdbx_strand_id                A 
_struct_ref_seq.seq_align_beg                 1 
_struct_ref_seq.pdbx_seq_align_beg_ins_code   ? 
_struct_ref_seq.seq_align_end                 172 
_struct_ref_seq.pdbx_seq_align_end_ins_code   ? 
_struct_ref_seq.pdbx_db_accession             O95989 
_struct_ref_seq.db_align_beg                  1 
_struct_ref_seq.pdbx_db_align_beg_ins_code    ? 
_struct_ref_seq.db_align_end                  172 
_struct_ref_seq.pdbx_db_align_end_ins_code    ? 
_struct_ref_seq.pdbx_auth_seq_align_beg       1 
_struct_ref_seq.pdbx_auth_seq_align_end       172 
# 
_pdbx_struct_assembly.id                   1 
_pdbx_struct_assembly.details              author_and_software_defined_assembly 
_pdbx_struct_assembly.method_details       PISA 
_pdbx_struct_assembly.oligomeric_details   monomeric 
_pdbx_struct_assembly.oligomeric_count     1 
# 
_pdbx_struct_assembly_gen.assembly_id       1 
_pdbx_struct_assembly_gen.oper_expression   1 
_pdbx_struct_assembly_gen.asym_id_list      A,B,C 
# 
_pdbx_struct_assembly_auth_evidence.id                     1 
_pdbx_struct_assembly_auth_evidence.assembly_id            1 
_pdbx_struct_assembly_auth_evidence.experimental_support   'gel filtration' 
_pdbx_struct_assembly_auth_evidence.details                ? 
# 
_pdbx_struct_oper_list.id                   1 
_pdbx_struct_oper_list.type                 'identity operation' 
_pdbx_struct_oper_list.name                 1_555 
_pdbx_struct_oper_list.symmetry_operation   x,y,z 
_pdbx_struct_oper_list.matrix[1][1]         1.0000000000 
_pdbx_struct_oper_list.matrix[1][2]         0.0000000000 
_pdbx_struct_oper_list.matrix[1][3]         0.0000000000 
_pdbx_struct_oper_list.vector[1]            0.0000000000 
_pdbx_struct_oper_list.matrix[2][1]         0.0000000000 
_pdbx_struct_oper_list.matrix[2][2]         1.0000000000 
_pdbx_struct_oper_list.matrix[2][3]         0.0000000000 
_pdbx_struct_oper_list.vector[2]            0.0000000000 
_pdbx_struct_oper_list.matrix[3][1]         0.0000000000 
_pdbx_struct_oper_list.matrix[3][2]         0.0000000000 
_pdbx_struct_oper_list.matrix[3][3]         1.0000000000 
_pdbx_struct_oper_list.vector[3]            0.0000000000 
# 
loop_
_struct_conf.conf_type_id 
_struct_conf.id 
_struct_conf.pdbx_PDB_helix_id 
_struct_conf.beg_label_comp_id 
_struct_conf.beg_label_asym_id 
_struct_conf.beg_label_seq_id 
_struct_conf.pdbx_beg_PDB_ins_code 
_struct_conf.end_label_comp_id 
_struct_conf.end_label_asym_id 
_struct_conf.end_label_seq_id 
_struct_conf.pdbx_end_PDB_ins_code 
_struct_conf.beg_auth_comp_id 
_struct_conf.beg_auth_asym_id 
_struct_conf.beg_auth_seq_id 
_struct_conf.end_auth_comp_id 
_struct_conf.end_auth_asym_id 
_struct_conf.end_auth_seq_id 
_struct_conf.pdbx_PDB_helix_class 
_struct_conf.details 
_struct_conf.pdbx_PDB_helix_length 
HELX_P HELX_P1 AA1 GLU A 58  ? GLY A 72  ? GLU A 58  GLY A 72  1 ? 15 
HELX_P HELX_P2 AA2 TRP A 107 ? GLY A 114 ? TRP A 107 GLY A 114 1 ? 8  
HELX_P HELX_P3 AA3 ILE A 122 ? GLN A 130 ? ILE A 122 GLN A 130 1 ? 9  
HELX_P HELX_P4 AA4 LYS A 133 ? TYR A 139 ? LYS A 133 TYR A 139 1 ? 7  
HELX_P HELX_P5 AA5 PHE A 140 ? THR A 142 ? PHE A 140 THR A 142 5 ? 3  
# 
_struct_conf_type.id          HELX_P 
_struct_conf_type.criteria    ? 
_struct_conf_type.reference   ? 
# 
loop_
_struct_sheet.id 
_struct_sheet.type 
_struct_sheet.number_strands 
_struct_sheet.details 
AA1 ? 4 ? 
AA2 ? 3 ? 
# 
loop_
_struct_sheet_order.sheet_id 
_struct_sheet_order.range_id_1 
_struct_sheet_order.range_id_2 
_struct_sheet_order.offset 
_struct_sheet_order.sense 
AA1 1 2 ? anti-parallel 
AA1 2 3 ? parallel      
AA1 3 4 ? anti-parallel 
AA2 1 2 ? anti-parallel 
AA2 2 3 ? anti-parallel 
# 
loop_
_struct_sheet_range.sheet_id 
_struct_sheet_range.id 
_struct_sheet_range.beg_label_comp_id 
_struct_sheet_range.beg_label_asym_id 
_struct_sheet_range.beg_label_seq_id 
_struct_sheet_range.pdbx_beg_PDB_ins_code 
_struct_sheet_range.end_label_comp_id 
_struct_sheet_range.end_label_asym_id 
_struct_sheet_range.end_label_seq_id 
_struct_sheet_range.pdbx_end_PDB_ins_code 
_struct_sheet_range.beg_auth_comp_id 
_struct_sheet_range.beg_auth_asym_id 
_struct_sheet_range.beg_auth_seq_id 
_struct_sheet_range.end_auth_comp_id 
_struct_sheet_range.end_auth_asym_id 
_struct_sheet_range.end_auth_seq_id 
AA1 1 GLY A 50  ? GLY A 52  ? GLY A 50  GLY A 52  
AA1 2 LYS A 18  ? PHE A 26  ? LYS A 18  PHE A 26  
AA1 3 HIS A 91  ? VAL A 103 ? HIS A 91  VAL A 103 
AA1 4 VAL A 73  ? ASN A 86  ? VAL A 73  ASN A 86  
AA2 1 TRP A 46  ? ILE A 47  ? TRP A 46  ILE A 47  
AA2 2 GLU A 33  ? SER A 38  ? GLU A 33  SER A 38  
AA2 3 ARG A 117 ? LYS A 121 ? ARG A 117 LYS A 121 
# 
loop_
_pdbx_struct_sheet_hbond.sheet_id 
_pdbx_struct_sheet_hbond.range_id_1 
_pdbx_struct_sheet_hbond.range_id_2 
_pdbx_struct_sheet_hbond.range_1_label_atom_id 
_pdbx_struct_sheet_hbond.range_1_label_comp_id 
_pdbx_struct_sheet_hbond.range_1_label_asym_id 
_pdbx_struct_sheet_hbond.range_1_label_seq_id 
_pdbx_struct_sheet_hbond.range_1_PDB_ins_code 
_pdbx_struct_sheet_hbond.range_1_auth_atom_id 
_pdbx_struct_sheet_hbond.range_1_auth_comp_id 
_pdbx_struct_sheet_hbond.range_1_auth_asym_id 
_pdbx_struct_sheet_hbond.range_1_auth_seq_id 
_pdbx_struct_sheet_hbond.range_2_label_atom_id 
_pdbx_struct_sheet_hbond.range_2_label_comp_id 
_pdbx_struct_sheet_hbond.range_2_label_asym_id 
_pdbx_struct_sheet_hbond.range_2_label_seq_id 
_pdbx_struct_sheet_hbond.range_2_PDB_ins_code 
_pdbx_struct_sheet_hbond.range_2_auth_atom_id 
_pdbx_struct_sheet_hbond.range_2_auth_comp_id 
_pdbx_struct_sheet_hbond.range_2_auth_asym_id 
_pdbx_struct_sheet_hbond.range_2_auth_seq_id 
AA1 1 2 O GLY A 51 ? O GLY A 51 N ALA A 21  ? N ALA A 21  
AA1 2 3 N PHE A 26 ? N PHE A 26 O LEU A 98  ? O LEU A 98  
AA1 3 4 O VAL A 97 ? O VAL A 97 N GLY A 78  ? N GLY A 78  
AA2 1 2 O ILE A 47 ? O ILE A 47 N VAL A 37  ? N VAL A 37  
AA2 2 3 N VAL A 34 ? N VAL A 34 O PHE A 120 ? O PHE A 120 
# 
_pdbx_entry_details.entry_id                 8G9D 
_pdbx_entry_details.has_ligand_of_interest   Y 
_pdbx_entry_details.compound_details         ? 
_pdbx_entry_details.source_details           ? 
_pdbx_entry_details.nonpolymer_details       ? 
_pdbx_entry_details.sequence_details         ? 
# 
loop_
_pdbx_distant_solvent_atoms.id 
_pdbx_distant_solvent_atoms.PDB_model_num 
_pdbx_distant_solvent_atoms.auth_atom_id 
_pdbx_distant_solvent_atoms.label_alt_id 
_pdbx_distant_solvent_atoms.auth_asym_id 
_pdbx_distant_solvent_atoms.auth_comp_id 
_pdbx_distant_solvent_atoms.auth_seq_id 
_pdbx_distant_solvent_atoms.PDB_ins_code 
_pdbx_distant_solvent_atoms.neighbor_macromolecule_distance 
_pdbx_distant_solvent_atoms.neighbor_ligand_distance 
1 1 O ? A HOH 632 ? 6.01 . 
2 1 O ? A HOH 633 ? 6.18 . 
# 
loop_
_pdbx_unobs_or_zero_occ_residues.id 
_pdbx_unobs_or_zero_occ_residues.PDB_model_num 
_pdbx_unobs_or_zero_occ_residues.polymer_flag 
_pdbx_unobs_or_zero_occ_residues.occupancy_flag 
_pdbx_unobs_or_zero_occ_residues.auth_asym_id 
_pdbx_unobs_or_zero_occ_residues.auth_comp_id 
_pdbx_unobs_or_zero_occ_residues.auth_seq_id 
_pdbx_unobs_or_zero_occ_residues.PDB_ins_code 
_pdbx_unobs_or_zero_occ_residues.label_asym_id 
_pdbx_unobs_or_zero_occ_residues.label_comp_id 
_pdbx_unobs_or_zero_occ_residues.label_seq_id 
1  1 Y 1 A MET 1   ? A MET 1   
2  1 Y 1 A MET 2   ? A MET 2   
3  1 Y 1 A LYS 3   ? A LYS 3   
4  1 Y 1 A LEU 4   ? A LEU 4   
5  1 Y 1 A LYS 5   ? A LYS 5   
6  1 Y 1 A SER 6   ? A SER 6   
7  1 Y 1 A ASN 7   ? A ASN 7   
8  1 Y 1 A LEU 143 ? A LEU 143 
9  1 Y 1 A ARG 144 ? A ARG 144 
10 1 Y 1 A GLN 145 ? A GLN 145 
11 1 Y 1 A GLY 146 ? A GLY 146 
12 1 Y 1 A TYR 147 ? A TYR 147 
13 1 Y 1 A SER 148 ? A SER 148 
14 1 Y 1 A ALA 149 ? A ALA 149 
15 1 Y 1 A ASN 150 ? A ASN 150 
16 1 Y 1 A ASN 151 ? A ASN 151 
17 1 Y 1 A GLY 152 ? A GLY 152 
18 1 Y 1 A THR 153 ? A THR 153 
19 1 Y 1 A PRO 154 ? A PRO 154 
20 1 Y 1 A VAL 155 ? A VAL 155 
21 1 Y 1 A VAL 156 ? A VAL 156 
22 1 Y 1 A ALA 157 ? A ALA 157 
23 1 Y 1 A THR 158 ? A THR 158 
24 1 Y 1 A THR 159 ? A THR 159 
25 1 Y 1 A TYR 160 ? A TYR 160 
26 1 Y 1 A SER 161 ? A SER 161 
27 1 Y 1 A VAL 162 ? A VAL 162 
28 1 Y 1 A SER 163 ? A SER 163 
29 1 Y 1 A ALA 164 ? A ALA 164 
30 1 Y 1 A GLN 165 ? A GLN 165 
31 1 Y 1 A SER 166 ? A SER 166 
32 1 Y 1 A SER 167 ? A SER 167 
33 1 Y 1 A MET 168 ? A MET 168 
34 1 Y 1 A SER 169 ? A SER 169 
35 1 Y 1 A GLY 170 ? A GLY 170 
36 1 Y 1 A ILE 171 ? A ILE 171 
37 1 Y 1 A ARG 172 ? A ARG 172 
# 
loop_
_chem_comp_atom.comp_id 
_chem_comp_atom.atom_id 
_chem_comp_atom.type_symbol 
_chem_comp_atom.pdbx_aromatic_flag 
_chem_comp_atom.pdbx_stereo_config 
_chem_comp_atom.pdbx_ordinal 
ALA N    N N N 1   
ALA CA   C N S 2   
ALA C    C N N 3   
ALA O    O N N 4   
ALA CB   C N N 5   
ALA OXT  O N N 6   
ALA H    H N N 7   
ALA H2   H N N 8   
ALA HA   H N N 9   
ALA HB1  H N N 10  
ALA HB2  H N N 11  
ALA HB3  H N N 12  
ALA HXT  H N N 13  
ARG N    N N N 14  
ARG CA   C N S 15  
ARG C    C N N 16  
ARG O    O N N 17  
ARG CB   C N N 18  
ARG CG   C N N 19  
ARG CD   C N N 20  
ARG NE   N N N 21  
ARG CZ   C N N 22  
ARG NH1  N N N 23  
ARG NH2  N N N 24  
ARG OXT  O N N 25  
ARG H    H N N 26  
ARG H2   H N N 27  
ARG HA   H N N 28  
ARG HB2  H N N 29  
ARG HB3  H N N 30  
ARG HG2  H N N 31  
ARG HG3  H N N 32  
ARG HD2  H N N 33  
ARG HD3  H N N 34  
ARG HE   H N N 35  
ARG HH11 H N N 36  
ARG HH12 H N N 37  
ARG HH21 H N N 38  
ARG HH22 H N N 39  
ARG HXT  H N N 40  
ASN N    N N N 41  
ASN CA   C N S 42  
ASN C    C N N 43  
ASN O    O N N 44  
ASN CB   C N N 45  
ASN CG   C N N 46  
ASN OD1  O N N 47  
ASN ND2  N N N 48  
ASN OXT  O N N 49  
ASN H    H N N 50  
ASN H2   H N N 51  
ASN HA   H N N 52  
ASN HB2  H N N 53  
ASN HB3  H N N 54  
ASN HD21 H N N 55  
ASN HD22 H N N 56  
ASN HXT  H N N 57  
ASP N    N N N 58  
ASP CA   C N S 59  
ASP C    C N N 60  
ASP O    O N N 61  
ASP CB   C N N 62  
ASP CG   C N N 63  
ASP OD1  O N N 64  
ASP OD2  O N N 65  
ASP OXT  O N N 66  
ASP H    H N N 67  
ASP H2   H N N 68  
ASP HA   H N N 69  
ASP HB2  H N N 70  
ASP HB3  H N N 71  
ASP HD2  H N N 72  
ASP HXT  H N N 73  
CYS N    N N N 74  
CYS CA   C N R 75  
CYS C    C N N 76  
CYS O    O N N 77  
CYS CB   C N N 78  
CYS SG   S N N 79  
CYS OXT  O N N 80  
CYS H    H N N 81  
CYS H2   H N N 82  
CYS HA   H N N 83  
CYS HB2  H N N 84  
CYS HB3  H N N 85  
CYS HG   H N N 86  
CYS HXT  H N N 87  
GLN N    N N N 88  
GLN CA   C N S 89  
GLN C    C N N 90  
GLN O    O N N 91  
GLN CB   C N N 92  
GLN CG   C N N 93  
GLN CD   C N N 94  
GLN OE1  O N N 95  
GLN NE2  N N N 96  
GLN OXT  O N N 97  
GLN H    H N N 98  
GLN H2   H N N 99  
GLN HA   H N N 100 
GLN HB2  H N N 101 
GLN HB3  H N N 102 
GLN HG2  H N N 103 
GLN HG3  H N N 104 
GLN HE21 H N N 105 
GLN HE22 H N N 106 
GLN HXT  H N N 107 
GLU N    N N N 108 
GLU CA   C N S 109 
GLU C    C N N 110 
GLU O    O N N 111 
GLU CB   C N N 112 
GLU CG   C N N 113 
GLU CD   C N N 114 
GLU OE1  O N N 115 
GLU OE2  O N N 116 
GLU OXT  O N N 117 
GLU H    H N N 118 
GLU H2   H N N 119 
GLU HA   H N N 120 
GLU HB2  H N N 121 
GLU HB3  H N N 122 
GLU HG2  H N N 123 
GLU HG3  H N N 124 
GLU HE2  H N N 125 
GLU HXT  H N N 126 
GLY N    N N N 127 
GLY CA   C N N 128 
GLY C    C N N 129 
GLY O    O N N 130 
GLY OXT  O N N 131 
GLY H    H N N 132 
GLY H2   H N N 133 
GLY HA2  H N N 134 
GLY HA3  H N N 135 
GLY HXT  H N N 136 
HIS N    N N N 137 
HIS CA   C N S 138 
HIS C    C N N 139 
HIS O    O N N 140 
HIS CB   C N N 141 
HIS CG   C Y N 142 
HIS ND1  N Y N 143 
HIS CD2  C Y N 144 
HIS CE1  C Y N 145 
HIS NE2  N Y N 146 
HIS OXT  O N N 147 
HIS H    H N N 148 
HIS H2   H N N 149 
HIS HA   H N N 150 
HIS HB2  H N N 151 
HIS HB3  H N N 152 
HIS HD1  H N N 153 
HIS HD2  H N N 154 
HIS HE1  H N N 155 
HIS HE2  H N N 156 
HIS HXT  H N N 157 
HOH O    O N N 158 
HOH H1   H N N 159 
HOH H2   H N N 160 
ILE N    N N N 161 
ILE CA   C N S 162 
ILE C    C N N 163 
ILE O    O N N 164 
ILE CB   C N S 165 
ILE CG1  C N N 166 
ILE CG2  C N N 167 
ILE CD1  C N N 168 
ILE OXT  O N N 169 
ILE H    H N N 170 
ILE H2   H N N 171 
ILE HA   H N N 172 
ILE HB   H N N 173 
ILE HG12 H N N 174 
ILE HG13 H N N 175 
ILE HG21 H N N 176 
ILE HG22 H N N 177 
ILE HG23 H N N 178 
ILE HD11 H N N 179 
ILE HD12 H N N 180 
ILE HD13 H N N 181 
ILE HXT  H N N 182 
KDJ N15  N N N 183 
KDJ C3   C N R 184 
KDJ C4   C N S 185 
KDJ C5   C N N 186 
KDJ C6   C N R 187 
KDJ C1   C N S 188 
KDJ C2   C N N 189 
KDJ O75  O N N 190 
KDJ PB5  P N N 191 
KDJ O85  O N N 192 
KDJ O95  O N N 193 
KDJ C45  C N N 194 
KDJ F55  F N N 195 
KDJ F65  F N N 196 
KDJ C25  C N N 197 
KDJ O35  O N N 198 
KDJ O14  O N N 199 
KDJ PA4  P N N 200 
KDJ O34  O N N 201 
KDJ O44  O N N 202 
KDJ O24  O N N 203 
KDJ O13  O N N 204 
KDJ PA3  P N N 205 
KDJ O33  O N N 206 
KDJ O43  O N N 207 
KDJ O23  O N N 208 
KDJ O12  O N N 209 
KDJ PA2  P N N 210 
KDJ O32  O N N 211 
KDJ O42  O N N 212 
KDJ O22  O N N 213 
KDJ O11  O N N 214 
KDJ PA1  P N N 215 
KDJ O31  O N N 216 
KDJ O41  O N N 217 
KDJ O21  O N N 218 
KDJ O16  O N N 219 
KDJ PA6  P N N 220 
KDJ O36  O N N 221 
KDJ O46  O N N 222 
KDJ O26  O N N 223 
KDJ H1   H N N 224 
KDJ H2   H N N 225 
KDJ H3   H N N 226 
KDJ H4   H N N 227 
KDJ H5   H N N 228 
KDJ H6   H N N 229 
KDJ H7   H N N 230 
KDJ H8   H N N 231 
KDJ H9   H N N 232 
KDJ H10  H N N 233 
KDJ H11  H N N 234 
KDJ H12  H N N 235 
KDJ H13  H N N 236 
KDJ H14  H N N 237 
KDJ H15  H N N 238 
KDJ H16  H N N 239 
KDJ H17  H N N 240 
KDJ H18  H N N 241 
KDJ H19  H N N 242 
LEU N    N N N 243 
LEU CA   C N S 244 
LEU C    C N N 245 
LEU O    O N N 246 
LEU CB   C N N 247 
LEU CG   C N N 248 
LEU CD1  C N N 249 
LEU CD2  C N N 250 
LEU OXT  O N N 251 
LEU H    H N N 252 
LEU H2   H N N 253 
LEU HA   H N N 254 
LEU HB2  H N N 255 
LEU HB3  H N N 256 
LEU HG   H N N 257 
LEU HD11 H N N 258 
LEU HD12 H N N 259 
LEU HD13 H N N 260 
LEU HD21 H N N 261 
LEU HD22 H N N 262 
LEU HD23 H N N 263 
LEU HXT  H N N 264 
LYS N    N N N 265 
LYS CA   C N S 266 
LYS C    C N N 267 
LYS O    O N N 268 
LYS CB   C N N 269 
LYS CG   C N N 270 
LYS CD   C N N 271 
LYS CE   C N N 272 
LYS NZ   N N N 273 
LYS OXT  O N N 274 
LYS H    H N N 275 
LYS H2   H N N 276 
LYS HA   H N N 277 
LYS HB2  H N N 278 
LYS HB3  H N N 279 
LYS HG2  H N N 280 
LYS HG3  H N N 281 
LYS HD2  H N N 282 
LYS HD3  H N N 283 
LYS HE2  H N N 284 
LYS HE3  H N N 285 
LYS HZ1  H N N 286 
LYS HZ2  H N N 287 
LYS HZ3  H N N 288 
LYS HXT  H N N 289 
MET N    N N N 290 
MET CA   C N S 291 
MET C    C N N 292 
MET O    O N N 293 
MET CB   C N N 294 
MET CG   C N N 295 
MET SD   S N N 296 
MET CE   C N N 297 
MET OXT  O N N 298 
MET H    H N N 299 
MET H2   H N N 300 
MET HA   H N N 301 
MET HB2  H N N 302 
MET HB3  H N N 303 
MET HG2  H N N 304 
MET HG3  H N N 305 
MET HE1  H N N 306 
MET HE2  H N N 307 
MET HE3  H N N 308 
MET HXT  H N N 309 
PHE N    N N N 310 
PHE CA   C N S 311 
PHE C    C N N 312 
PHE O    O N N 313 
PHE CB   C N N 314 
PHE CG   C Y N 315 
PHE CD1  C Y N 316 
PHE CD2  C Y N 317 
PHE CE1  C Y N 318 
PHE CE2  C Y N 319 
PHE CZ   C Y N 320 
PHE OXT  O N N 321 
PHE H    H N N 322 
PHE H2   H N N 323 
PHE HA   H N N 324 
PHE HB2  H N N 325 
PHE HB3  H N N 326 
PHE HD1  H N N 327 
PHE HD2  H N N 328 
PHE HE1  H N N 329 
PHE HE2  H N N 330 
PHE HZ   H N N 331 
PHE HXT  H N N 332 
PRO N    N N N 333 
PRO CA   C N S 334 
PRO C    C N N 335 
PRO O    O N N 336 
PRO CB   C N N 337 
PRO CG   C N N 338 
PRO CD   C N N 339 
PRO OXT  O N N 340 
PRO H    H N N 341 
PRO HA   H N N 342 
PRO HB2  H N N 343 
PRO HB3  H N N 344 
PRO HG2  H N N 345 
PRO HG3  H N N 346 
PRO HD2  H N N 347 
PRO HD3  H N N 348 
PRO HXT  H N N 349 
SER N    N N N 350 
SER CA   C N S 351 
SER C    C N N 352 
SER O    O N N 353 
SER CB   C N N 354 
SER OG   O N N 355 
SER OXT  O N N 356 
SER H    H N N 357 
SER H2   H N N 358 
SER HA   H N N 359 
SER HB2  H N N 360 
SER HB3  H N N 361 
SER HG   H N N 362 
SER HXT  H N N 363 
THR N    N N N 364 
THR CA   C N S 365 
THR C    C N N 366 
THR O    O N N 367 
THR CB   C N R 368 
THR OG1  O N N 369 
THR CG2  C N N 370 
THR OXT  O N N 371 
THR H    H N N 372 
THR H2   H N N 373 
THR HA   H N N 374 
THR HB   H N N 375 
THR HG1  H N N 376 
THR HG21 H N N 377 
THR HG22 H N N 378 
THR HG23 H N N 379 
THR HXT  H N N 380 
TRP N    N N N 381 
TRP CA   C N S 382 
TRP C    C N N 383 
TRP O    O N N 384 
TRP CB   C N N 385 
TRP CG   C Y N 386 
TRP CD1  C Y N 387 
TRP CD2  C Y N 388 
TRP NE1  N Y N 389 
TRP CE2  C Y N 390 
TRP CE3  C Y N 391 
TRP CZ2  C Y N 392 
TRP CZ3  C Y N 393 
TRP CH2  C Y N 394 
TRP OXT  O N N 395 
TRP H    H N N 396 
TRP H2   H N N 397 
TRP HA   H N N 398 
TRP HB2  H N N 399 
TRP HB3  H N N 400 
TRP HD1  H N N 401 
TRP HE1  H N N 402 
TRP HE3  H N N 403 
TRP HZ2  H N N 404 
TRP HZ3  H N N 405 
TRP HH2  H N N 406 
TRP HXT  H N N 407 
TYR N    N N N 408 
TYR CA   C N S 409 
TYR C    C N N 410 
TYR O    O N N 411 
TYR CB   C N N 412 
TYR CG   C Y N 413 
TYR CD1  C Y N 414 
TYR CD2  C Y N 415 
TYR CE1  C Y N 416 
TYR CE2  C Y N 417 
TYR CZ   C Y N 418 
TYR OH   O N N 419 
TYR OXT  O N N 420 
TYR H    H N N 421 
TYR H2   H N N 422 
TYR HA   H N N 423 
TYR HB2  H N N 424 
TYR HB3  H N N 425 
TYR HD1  H N N 426 
TYR HD2  H N N 427 
TYR HE1  H N N 428 
TYR HE2  H N N 429 
TYR HH   H N N 430 
TYR HXT  H N N 431 
VAL N    N N N 432 
VAL CA   C N S 433 
VAL C    C N N 434 
VAL O    O N N 435 
VAL CB   C N N 436 
VAL CG1  C N N 437 
VAL CG2  C N N 438 
VAL OXT  O N N 439 
VAL H    H N N 440 
VAL H2   H N N 441 
VAL HA   H N N 442 
VAL HB   H N N 443 
VAL HG11 H N N 444 
VAL HG12 H N N 445 
VAL HG13 H N N 446 
VAL HG21 H N N 447 
VAL HG22 H N N 448 
VAL HG23 H N N 449 
VAL HXT  H N N 450 
# 
loop_
_chem_comp_bond.comp_id 
_chem_comp_bond.atom_id_1 
_chem_comp_bond.atom_id_2 
_chem_comp_bond.value_order 
_chem_comp_bond.pdbx_aromatic_flag 
_chem_comp_bond.pdbx_stereo_config 
_chem_comp_bond.pdbx_ordinal 
ALA N   CA   sing N N 1   
ALA N   H    sing N N 2   
ALA N   H2   sing N N 3   
ALA CA  C    sing N N 4   
ALA CA  CB   sing N N 5   
ALA CA  HA   sing N N 6   
ALA C   O    doub N N 7   
ALA C   OXT  sing N N 8   
ALA CB  HB1  sing N N 9   
ALA CB  HB2  sing N N 10  
ALA CB  HB3  sing N N 11  
ALA OXT HXT  sing N N 12  
ARG N   CA   sing N N 13  
ARG N   H    sing N N 14  
ARG N   H2   sing N N 15  
ARG CA  C    sing N N 16  
ARG CA  CB   sing N N 17  
ARG CA  HA   sing N N 18  
ARG C   O    doub N N 19  
ARG C   OXT  sing N N 20  
ARG CB  CG   sing N N 21  
ARG CB  HB2  sing N N 22  
ARG CB  HB3  sing N N 23  
ARG CG  CD   sing N N 24  
ARG CG  HG2  sing N N 25  
ARG CG  HG3  sing N N 26  
ARG CD  NE   sing N N 27  
ARG CD  HD2  sing N N 28  
ARG CD  HD3  sing N N 29  
ARG NE  CZ   sing N N 30  
ARG NE  HE   sing N N 31  
ARG CZ  NH1  sing N N 32  
ARG CZ  NH2  doub N N 33  
ARG NH1 HH11 sing N N 34  
ARG NH1 HH12 sing N N 35  
ARG NH2 HH21 sing N N 36  
ARG NH2 HH22 sing N N 37  
ARG OXT HXT  sing N N 38  
ASN N   CA   sing N N 39  
ASN N   H    sing N N 40  
ASN N   H2   sing N N 41  
ASN CA  C    sing N N 42  
ASN CA  CB   sing N N 43  
ASN CA  HA   sing N N 44  
ASN C   O    doub N N 45  
ASN C   OXT  sing N N 46  
ASN CB  CG   sing N N 47  
ASN CB  HB2  sing N N 48  
ASN CB  HB3  sing N N 49  
ASN CG  OD1  doub N N 50  
ASN CG  ND2  sing N N 51  
ASN ND2 HD21 sing N N 52  
ASN ND2 HD22 sing N N 53  
ASN OXT HXT  sing N N 54  
ASP N   CA   sing N N 55  
ASP N   H    sing N N 56  
ASP N   H2   sing N N 57  
ASP CA  C    sing N N 58  
ASP CA  CB   sing N N 59  
ASP CA  HA   sing N N 60  
ASP C   O    doub N N 61  
ASP C   OXT  sing N N 62  
ASP CB  CG   sing N N 63  
ASP CB  HB2  sing N N 64  
ASP CB  HB3  sing N N 65  
ASP CG  OD1  doub N N 66  
ASP CG  OD2  sing N N 67  
ASP OD2 HD2  sing N N 68  
ASP OXT HXT  sing N N 69  
CYS N   CA   sing N N 70  
CYS N   H    sing N N 71  
CYS N   H2   sing N N 72  
CYS CA  C    sing N N 73  
CYS CA  CB   sing N N 74  
CYS CA  HA   sing N N 75  
CYS C   O    doub N N 76  
CYS C   OXT  sing N N 77  
CYS CB  SG   sing N N 78  
CYS CB  HB2  sing N N 79  
CYS CB  HB3  sing N N 80  
CYS SG  HG   sing N N 81  
CYS OXT HXT  sing N N 82  
GLN N   CA   sing N N 83  
GLN N   H    sing N N 84  
GLN N   H2   sing N N 85  
GLN CA  C    sing N N 86  
GLN CA  CB   sing N N 87  
GLN CA  HA   sing N N 88  
GLN C   O    doub N N 89  
GLN C   OXT  sing N N 90  
GLN CB  CG   sing N N 91  
GLN CB  HB2  sing N N 92  
GLN CB  HB3  sing N N 93  
GLN CG  CD   sing N N 94  
GLN CG  HG2  sing N N 95  
GLN CG  HG3  sing N N 96  
GLN CD  OE1  doub N N 97  
GLN CD  NE2  sing N N 98  
GLN NE2 HE21 sing N N 99  
GLN NE2 HE22 sing N N 100 
GLN OXT HXT  sing N N 101 
GLU N   CA   sing N N 102 
GLU N   H    sing N N 103 
GLU N   H2   sing N N 104 
GLU CA  C    sing N N 105 
GLU CA  CB   sing N N 106 
GLU CA  HA   sing N N 107 
GLU C   O    doub N N 108 
GLU C   OXT  sing N N 109 
GLU CB  CG   sing N N 110 
GLU CB  HB2  sing N N 111 
GLU CB  HB3  sing N N 112 
GLU CG  CD   sing N N 113 
GLU CG  HG2  sing N N 114 
GLU CG  HG3  sing N N 115 
GLU CD  OE1  doub N N 116 
GLU CD  OE2  sing N N 117 
GLU OE2 HE2  sing N N 118 
GLU OXT HXT  sing N N 119 
GLY N   CA   sing N N 120 
GLY N   H    sing N N 121 
GLY N   H2   sing N N 122 
GLY CA  C    sing N N 123 
GLY CA  HA2  sing N N 124 
GLY CA  HA3  sing N N 125 
GLY C   O    doub N N 126 
GLY C   OXT  sing N N 127 
GLY OXT HXT  sing N N 128 
HIS N   CA   sing N N 129 
HIS N   H    sing N N 130 
HIS N   H2   sing N N 131 
HIS CA  C    sing N N 132 
HIS CA  CB   sing N N 133 
HIS CA  HA   sing N N 134 
HIS C   O    doub N N 135 
HIS C   OXT  sing N N 136 
HIS CB  CG   sing N N 137 
HIS CB  HB2  sing N N 138 
HIS CB  HB3  sing N N 139 
HIS CG  ND1  sing Y N 140 
HIS CG  CD2  doub Y N 141 
HIS ND1 CE1  doub Y N 142 
HIS ND1 HD1  sing N N 143 
HIS CD2 NE2  sing Y N 144 
HIS CD2 HD2  sing N N 145 
HIS CE1 NE2  sing Y N 146 
HIS CE1 HE1  sing N N 147 
HIS NE2 HE2  sing N N 148 
HIS OXT HXT  sing N N 149 
HOH O   H1   sing N N 150 
HOH O   H2   sing N N 151 
ILE N   CA   sing N N 152 
ILE N   H    sing N N 153 
ILE N   H2   sing N N 154 
ILE CA  C    sing N N 155 
ILE CA  CB   sing N N 156 
ILE CA  HA   sing N N 157 
ILE C   O    doub N N 158 
ILE C   OXT  sing N N 159 
ILE CB  CG1  sing N N 160 
ILE CB  CG2  sing N N 161 
ILE CB  HB   sing N N 162 
ILE CG1 CD1  sing N N 163 
ILE CG1 HG12 sing N N 164 
ILE CG1 HG13 sing N N 165 
ILE CG2 HG21 sing N N 166 
ILE CG2 HG22 sing N N 167 
ILE CG2 HG23 sing N N 168 
ILE CD1 HD11 sing N N 169 
ILE CD1 HD12 sing N N 170 
ILE CD1 HD13 sing N N 171 
ILE OXT HXT  sing N N 172 
KDJ O32 PA2  doub N N 173 
KDJ O42 PA2  sing N N 174 
KDJ O41 PA1  doub N N 175 
KDJ O31 PA1  sing N N 176 
KDJ PA2 O22  sing N N 177 
KDJ PA2 O12  sing N N 178 
KDJ PA1 O11  sing N N 179 
KDJ PA1 O21  sing N N 180 
KDJ O11 C1   sing N N 181 
KDJ O12 C2   sing N N 182 
KDJ O46 PA6  doub N N 183 
KDJ C2  C1   sing N N 184 
KDJ C2  C3   sing N N 185 
KDJ C1  C6   sing N N 186 
KDJ O33 PA3  doub N N 187 
KDJ O43 PA3  sing N N 188 
KDJ O13 PA3  sing N N 189 
KDJ O13 C3   sing N N 190 
KDJ C6  O16  sing N N 191 
KDJ C6  C5   sing N N 192 
KDJ PA6 O36  sing N N 193 
KDJ PA6 O16  sing N N 194 
KDJ PA6 O26  sing N N 195 
KDJ PA3 O23  sing N N 196 
KDJ C3  C4   sing N N 197 
KDJ C4  C5   sing N N 198 
KDJ C4  O14  sing N N 199 
KDJ O24 PA4  doub N N 200 
KDJ C5  N15  sing N N 201 
KDJ N15 C25  sing N N 202 
KDJ O14 PA4  sing N N 203 
KDJ PA4 O34  sing N N 204 
KDJ PA4 O44  sing N N 205 
KDJ O85 PB5  doub N N 206 
KDJ C25 O35  doub N N 207 
KDJ C25 C45  sing N N 208 
KDJ F55 C45  sing N N 209 
KDJ C45 PB5  sing N N 210 
KDJ C45 F65  sing N N 211 
KDJ PB5 O95  sing N N 212 
KDJ PB5 O75  sing N N 213 
KDJ N15 H1   sing N N 214 
KDJ C3  H2   sing N N 215 
KDJ C4  H3   sing N N 216 
KDJ C5  H4   sing N N 217 
KDJ C6  H5   sing N N 218 
KDJ C1  H6   sing N N 219 
KDJ C2  H7   sing N N 220 
KDJ O75 H8   sing N N 221 
KDJ O95 H9   sing N N 222 
KDJ O34 H10  sing N N 223 
KDJ O44 H11  sing N N 224 
KDJ O43 H12  sing N N 225 
KDJ O23 H13  sing N N 226 
KDJ O42 H14  sing N N 227 
KDJ O22 H15  sing N N 228 
KDJ O31 H16  sing N N 229 
KDJ O21 H17  sing N N 230 
KDJ O36 H18  sing N N 231 
KDJ O26 H19  sing N N 232 
LEU N   CA   sing N N 233 
LEU N   H    sing N N 234 
LEU N   H2   sing N N 235 
LEU CA  C    sing N N 236 
LEU CA  CB   sing N N 237 
LEU CA  HA   sing N N 238 
LEU C   O    doub N N 239 
LEU C   OXT  sing N N 240 
LEU CB  CG   sing N N 241 
LEU CB  HB2  sing N N 242 
LEU CB  HB3  sing N N 243 
LEU CG  CD1  sing N N 244 
LEU CG  CD2  sing N N 245 
LEU CG  HG   sing N N 246 
LEU CD1 HD11 sing N N 247 
LEU CD1 HD12 sing N N 248 
LEU CD1 HD13 sing N N 249 
LEU CD2 HD21 sing N N 250 
LEU CD2 HD22 sing N N 251 
LEU CD2 HD23 sing N N 252 
LEU OXT HXT  sing N N 253 
LYS N   CA   sing N N 254 
LYS N   H    sing N N 255 
LYS N   H2   sing N N 256 
LYS CA  C    sing N N 257 
LYS CA  CB   sing N N 258 
LYS CA  HA   sing N N 259 
LYS C   O    doub N N 260 
LYS C   OXT  sing N N 261 
LYS CB  CG   sing N N 262 
LYS CB  HB2  sing N N 263 
LYS CB  HB3  sing N N 264 
LYS CG  CD   sing N N 265 
LYS CG  HG2  sing N N 266 
LYS CG  HG3  sing N N 267 
LYS CD  CE   sing N N 268 
LYS CD  HD2  sing N N 269 
LYS CD  HD3  sing N N 270 
LYS CE  NZ   sing N N 271 
LYS CE  HE2  sing N N 272 
LYS CE  HE3  sing N N 273 
LYS NZ  HZ1  sing N N 274 
LYS NZ  HZ2  sing N N 275 
LYS NZ  HZ3  sing N N 276 
LYS OXT HXT  sing N N 277 
MET N   CA   sing N N 278 
MET N   H    sing N N 279 
MET N   H2   sing N N 280 
MET CA  C    sing N N 281 
MET CA  CB   sing N N 282 
MET CA  HA   sing N N 283 
MET C   O    doub N N 284 
MET C   OXT  sing N N 285 
MET CB  CG   sing N N 286 
MET CB  HB2  sing N N 287 
MET CB  HB3  sing N N 288 
MET CG  SD   sing N N 289 
MET CG  HG2  sing N N 290 
MET CG  HG3  sing N N 291 
MET SD  CE   sing N N 292 
MET CE  HE1  sing N N 293 
MET CE  HE2  sing N N 294 
MET CE  HE3  sing N N 295 
MET OXT HXT  sing N N 296 
PHE N   CA   sing N N 297 
PHE N   H    sing N N 298 
PHE N   H2   sing N N 299 
PHE CA  C    sing N N 300 
PHE CA  CB   sing N N 301 
PHE CA  HA   sing N N 302 
PHE C   O    doub N N 303 
PHE C   OXT  sing N N 304 
PHE CB  CG   sing N N 305 
PHE CB  HB2  sing N N 306 
PHE CB  HB3  sing N N 307 
PHE CG  CD1  doub Y N 308 
PHE CG  CD2  sing Y N 309 
PHE CD1 CE1  sing Y N 310 
PHE CD1 HD1  sing N N 311 
PHE CD2 CE2  doub Y N 312 
PHE CD2 HD2  sing N N 313 
PHE CE1 CZ   doub Y N 314 
PHE CE1 HE1  sing N N 315 
PHE CE2 CZ   sing Y N 316 
PHE CE2 HE2  sing N N 317 
PHE CZ  HZ   sing N N 318 
PHE OXT HXT  sing N N 319 
PRO N   CA   sing N N 320 
PRO N   CD   sing N N 321 
PRO N   H    sing N N 322 
PRO CA  C    sing N N 323 
PRO CA  CB   sing N N 324 
PRO CA  HA   sing N N 325 
PRO C   O    doub N N 326 
PRO C   OXT  sing N N 327 
PRO CB  CG   sing N N 328 
PRO CB  HB2  sing N N 329 
PRO CB  HB3  sing N N 330 
PRO CG  CD   sing N N 331 
PRO CG  HG2  sing N N 332 
PRO CG  HG3  sing N N 333 
PRO CD  HD2  sing N N 334 
PRO CD  HD3  sing N N 335 
PRO OXT HXT  sing N N 336 
SER N   CA   sing N N 337 
SER N   H    sing N N 338 
SER N   H2   sing N N 339 
SER CA  C    sing N N 340 
SER CA  CB   sing N N 341 
SER CA  HA   sing N N 342 
SER C   O    doub N N 343 
SER C   OXT  sing N N 344 
SER CB  OG   sing N N 345 
SER CB  HB2  sing N N 346 
SER CB  HB3  sing N N 347 
SER OG  HG   sing N N 348 
SER OXT HXT  sing N N 349 
THR N   CA   sing N N 350 
THR N   H    sing N N 351 
THR N   H2   sing N N 352 
THR CA  C    sing N N 353 
THR CA  CB   sing N N 354 
THR CA  HA   sing N N 355 
THR C   O    doub N N 356 
THR C   OXT  sing N N 357 
THR CB  OG1  sing N N 358 
THR CB  CG2  sing N N 359 
THR CB  HB   sing N N 360 
THR OG1 HG1  sing N N 361 
THR CG2 HG21 sing N N 362 
THR CG2 HG22 sing N N 363 
THR CG2 HG23 sing N N 364 
THR OXT HXT  sing N N 365 
TRP N   CA   sing N N 366 
TRP N   H    sing N N 367 
TRP N   H2   sing N N 368 
TRP CA  C    sing N N 369 
TRP CA  CB   sing N N 370 
TRP CA  HA   sing N N 371 
TRP C   O    doub N N 372 
TRP C   OXT  sing N N 373 
TRP CB  CG   sing N N 374 
TRP CB  HB2  sing N N 375 
TRP CB  HB3  sing N N 376 
TRP CG  CD1  doub Y N 377 
TRP CG  CD2  sing Y N 378 
TRP CD1 NE1  sing Y N 379 
TRP CD1 HD1  sing N N 380 
TRP CD2 CE2  doub Y N 381 
TRP CD2 CE3  sing Y N 382 
TRP NE1 CE2  sing Y N 383 
TRP NE1 HE1  sing N N 384 
TRP CE2 CZ2  sing Y N 385 
TRP CE3 CZ3  doub Y N 386 
TRP CE3 HE3  sing N N 387 
TRP CZ2 CH2  doub Y N 388 
TRP CZ2 HZ2  sing N N 389 
TRP CZ3 CH2  sing Y N 390 
TRP CZ3 HZ3  sing N N 391 
TRP CH2 HH2  sing N N 392 
TRP OXT HXT  sing N N 393 
TYR N   CA   sing N N 394 
TYR N   H    sing N N 395 
TYR N   H2   sing N N 396 
TYR CA  C    sing N N 397 
TYR CA  CB   sing N N 398 
TYR CA  HA   sing N N 399 
TYR C   O    doub N N 400 
TYR C   OXT  sing N N 401 
TYR CB  CG   sing N N 402 
TYR CB  HB2  sing N N 403 
TYR CB  HB3  sing N N 404 
TYR CG  CD1  doub Y N 405 
TYR CG  CD2  sing Y N 406 
TYR CD1 CE1  sing Y N 407 
TYR CD1 HD1  sing N N 408 
TYR CD2 CE2  doub Y N 409 
TYR CD2 HD2  sing N N 410 
TYR CE1 CZ   doub Y N 411 
TYR CE1 HE1  sing N N 412 
TYR CE2 CZ   sing Y N 413 
TYR CE2 HE2  sing N N 414 
TYR CZ  OH   sing N N 415 
TYR OH  HH   sing N N 416 
TYR OXT HXT  sing N N 417 
VAL N   CA   sing N N 418 
VAL N   H    sing N N 419 
VAL N   H2   sing N N 420 
VAL CA  C    sing N N 421 
VAL CA  CB   sing N N 422 
VAL CA  HA   sing N N 423 
VAL C   O    doub N N 424 
VAL C   OXT  sing N N 425 
VAL CB  CG1  sing N N 426 
VAL CB  CG2  sing N N 427 
VAL CB  HB   sing N N 428 
VAL CG1 HG11 sing N N 429 
VAL CG1 HG12 sing N N 430 
VAL CG1 HG13 sing N N 431 
VAL CG2 HG21 sing N N 432 
VAL CG2 HG22 sing N N 433 
VAL CG2 HG23 sing N N 434 
VAL OXT HXT  sing N N 435 
# 
_pdbx_audit_support.funding_organization   
'National Institutes of Health/National Institute of Environmental Health Sciences (NIH/NIEHS)' 
_pdbx_audit_support.country                'United States' 
_pdbx_audit_support.grant_number           1ZIAES080046-31 
_pdbx_audit_support.ordinal                1 
# 
_pdbx_entity_instance_feature.ordinal        1 
_pdbx_entity_instance_feature.comp_id        KDJ 
_pdbx_entity_instance_feature.asym_id        ? 
_pdbx_entity_instance_feature.seq_num        ? 
_pdbx_entity_instance_feature.auth_comp_id   KDJ 
_pdbx_entity_instance_feature.auth_asym_id   ? 
_pdbx_entity_instance_feature.auth_seq_num   ? 
_pdbx_entity_instance_feature.feature_type   'SUBJECT OF INVESTIGATION' 
_pdbx_entity_instance_feature.details        ? 
# 
_pdbx_initial_refinement_model.id               1 
_pdbx_initial_refinement_model.entity_id_list   ? 
_pdbx_initial_refinement_model.type             'experimental model' 
_pdbx_initial_refinement_model.source_name      ? 
_pdbx_initial_refinement_model.accession_code   ? 
_pdbx_initial_refinement_model.details          ? 
# 
_atom_sites.entry_id                    8G9D 
_atom_sites.Cartn_transf_matrix[1][1]   ? 
_atom_sites.Cartn_transf_matrix[1][2]   ? 
_atom_sites.Cartn_transf_matrix[1][3]   ? 
_atom_sites.Cartn_transf_matrix[2][1]   ? 
_atom_sites.Cartn_transf_matrix[2][2]   ? 
_atom_sites.Cartn_transf_matrix[2][3]   ? 
_atom_sites.Cartn_transf_matrix[3][1]   ? 
_atom_sites.Cartn_transf_matrix[3][2]   ? 
_atom_sites.Cartn_transf_matrix[3][3]   ? 
_atom_sites.Cartn_transf_vector[1]      ? 
_atom_sites.Cartn_transf_vector[2]      ? 
_atom_sites.Cartn_transf_vector[3]      ? 
_atom_sites.fract_transf_matrix[1][1]   0.01542524 
_atom_sites.fract_transf_matrix[1][2]   0.01006333 
_atom_sites.fract_transf_matrix[1][3]   -0.01115237 
_atom_sites.fract_transf_matrix[2][1]   -0.00615747 
_atom_sites.fract_transf_matrix[2][2]   0.01480261 
_atom_sites.fract_transf_matrix[2][3]   0.00484049 
_atom_sites.fract_transf_matrix[3][1]   0.00950157 
_atom_sites.fract_transf_matrix[3][2]   -0.00026645 
_atom_sites.fract_transf_matrix[3][3]   0.01290154 
_atom_sites.fract_transf_vector[1]      0.119493 
_atom_sites.fract_transf_vector[2]      0.131111 
_atom_sites.fract_transf_vector[3]      0.234334 
_atom_sites.solution_primary            ? 
_atom_sites.solution_secondary          ? 
_atom_sites.solution_hydrogens          ? 
_atom_sites.special_details             ? 
# 
loop_
_atom_type.symbol 
C 
F 
N 
O 
P 
S 
# 
loop_
_atom_site.group_PDB 
_atom_site.id 
_atom_site.type_symbol 
_atom_site.label_atom_id 
_atom_site.label_alt_id 
_atom_site.label_comp_id 
_atom_site.label_asym_id 
_atom_site.label_entity_id 
_atom_site.label_seq_id 
_atom_site.pdbx_PDB_ins_code 
_atom_site.Cartn_x 
_atom_site.Cartn_y 
_atom_site.Cartn_z 
_atom_site.occupancy 
_atom_site.B_iso_or_equiv 
_atom_site.pdbx_formal_charge 
_atom_site.auth_seq_id 
_atom_site.auth_comp_id 
_atom_site.auth_asym_id 
_atom_site.auth_atom_id 
_atom_site.pdbx_PDB_model_num 
ATOM   1    N N   . GLN A 1 8   ? 14.722  8.785   3.581   1.00 39.84 ? 8   GLN A N   1 
ATOM   2    C CA  . GLN A 1 8   ? 14.305  7.560   4.332   1.00 37.64 ? 8   GLN A CA  1 
ATOM   3    C C   . GLN A 1 8   ? 15.359  6.477   4.049   1.00 35.02 ? 8   GLN A C   1 
ATOM   4    O O   . GLN A 1 8   ? 15.758  6.323   2.880   1.00 39.48 ? 8   GLN A O   1 
ATOM   5    C CB  . GLN A 1 8   ? 12.889  7.150   3.906   1.00 42.00 ? 8   GLN A CB  1 
ATOM   6    C CG  . GLN A 1 8   ? 12.122  6.361   4.963   1.00 46.13 ? 8   GLN A CG  1 
ATOM   7    C CD  . GLN A 1 8   ? 11.145  5.365   4.382   1.00 54.28 ? 8   GLN A CD  1 
ATOM   8    O OE1 . GLN A 1 8   ? 11.236  4.955   3.227   1.00 63.05 ? 8   GLN A OE1 1 
ATOM   9    N NE2 . GLN A 1 8   ? 10.212  4.921   5.201   1.00 52.60 ? 8   GLN A NE2 1 
ATOM   10   N N   . THR A 1 9   ? 15.846  5.784   5.079   1.00 28.72 ? 9   THR A N   1 
ATOM   11   C CA  . THR A 1 9   ? 16.923  4.766   4.936   1.00 24.73 ? 9   THR A CA  1 
ATOM   12   C C   . THR A 1 9   ? 16.295  3.457   4.449   1.00 21.20 ? 9   THR A C   1 
ATOM   13   O O   . THR A 1 9   ? 15.310  3.015   5.090   1.00 20.42 ? 9   THR A O   1 
ATOM   14   C CB  . THR A 1 9   ? 17.690  4.571   6.245   1.00 25.87 ? 9   THR A CB  1 
ATOM   15   O OG1 . THR A 1 9   ? 18.496  5.741   6.392   1.00 28.01 ? 9   THR A OG1 1 
ATOM   16   C CG2 . THR A 1 9   ? 18.561  3.341   6.224   1.00 24.95 ? 9   THR A CG2 1 
ATOM   17   N N   . ARG A 1 10  ? 16.803  2.898   3.352   1.00 18.30 ? 10  ARG A N   1 
ATOM   18   C CA  . ARG A 1 10  ? 16.279  1.618   2.793   1.00 17.32 ? 10  ARG A CA  1 
ATOM   19   C C   . ARG A 1 10  ? 16.842  0.449   3.613   1.00 15.20 ? 10  ARG A C   1 
ATOM   20   O O   . ARG A 1 10  ? 18.038  0.439   4.037   1.00 13.17 ? 10  ARG A O   1 
ATOM   21   C CB  . ARG A 1 10  ? 16.590  1.428   1.303   1.00 17.62 ? 10  ARG A CB  1 
ATOM   22   C CG  . ARG A 1 10  ? 15.985  2.491   0.407   1.00 20.16 ? 10  ARG A CG  1 
ATOM   23   C CD  . ARG A 1 10  ? 16.455  2.310   -1.006  1.00 23.73 ? 10  ARG A CD  1 
ATOM   24   N NE  . ARG A 1 10  ? 15.945  3.328   -1.918  1.00 27.69 ? 10  ARG A NE  1 
ATOM   25   C CZ  . ARG A 1 10  ? 16.474  4.533   -2.099  1.00 33.98 ? 10  ARG A CZ  1 
ATOM   26   N NH1 . ARG A 1 10  ? 17.512  4.931   -1.383  1.00 38.09 ? 10  ARG A NH1 1 
ATOM   27   N NH2 . ARG A 1 10  ? 15.934  5.361   -2.981  1.00 34.48 ? 10  ARG A NH2 1 
ATOM   28   N N   . THR A 1 11  ? 16.007  -0.550  3.832   1.00 10.61 ? 11  THR A N   1 
ATOM   29   C CA  . THR A 1 11  ? 16.360  -1.725  4.616   1.00 10.09 ? 11  THR A CA  1 
ATOM   30   C C   . THR A 1 11  ? 16.131  -2.985  3.801   1.00 9.91  ? 11  THR A C   1 
ATOM   31   O O   . THR A 1 11  ? 15.328  -2.989  2.831   1.00 9.45  ? 11  THR A O   1 
ATOM   32   C CB  . THR A 1 11  ? 15.614  -1.851  5.944   1.00 10.14 ? 11  THR A CB  1 
ATOM   33   O OG1 . THR A 1 11  ? 14.222  -1.905  5.671   1.00 11.73 ? 11  THR A OG1 1 
ATOM   34   C CG2 . THR A 1 11  ? 15.894  -0.683  6.870   1.00 9.73  ? 11  THR A CG2 1 
ATOM   35   N N   . TYR A 1 12  ? 16.816  -4.050  4.172   1.00 10.19 ? 12  TYR A N   1 
ATOM   36   C CA  . TYR A 1 12  ? 16.947  -5.266  3.330   1.00 10.43 ? 12  TYR A CA  1 
ATOM   37   C C   . TYR A 1 12  ? 16.895  -6.484  4.230   1.00 10.11 ? 12  TYR A C   1 
ATOM   38   O O   . TYR A 1 12  ? 17.414  -6.534  5.347   1.00 10.58 ? 12  TYR A O   1 
ATOM   39   C CB  . TYR A 1 12  ? 18.226  -5.233  2.499   1.00 10.41 ? 12  TYR A CB  1 
ATOM   40   C CG  . TYR A 1 12  ? 18.354  -4.031  1.604   1.00 10.61 ? 12  TYR A CG  1 
ATOM   41   C CD1 . TYR A 1 12  ? 18.750  -2.790  2.104   1.00 10.82 ? 12  TYR A CD1 1 
ATOM   42   C CD2 . TYR A 1 12  ? 17.882  -4.090  0.302   1.00 12.06 ? 12  TYR A CD2 1 
ATOM   43   C CE1 . TYR A 1 12  ? 18.766  -1.671  1.310   1.00 12.14 ? 12  TYR A CE1 1 
ATOM   44   C CE2 . TYR A 1 12  ? 17.954  -2.985  -0.528  1.00 12.62 ? 12  TYR A CE2 1 
ATOM   45   C CZ  . TYR A 1 12  ? 18.377  -1.772  -0.016  1.00 13.69 ? 12  TYR A CZ  1 
ATOM   46   O OH  . TYR A 1 12  ? 18.414  -0.660  -0.811  1.00 17.31 ? 12  TYR A OH  1 
ATOM   47   N N   . ASP A 1 13  ? 16.342  -7.550  3.705   1.00 10.54 ? 13  ASP A N   1 
ATOM   48   C CA  . ASP A 1 13  ? 16.457  -8.887  4.327   1.00 12.92 ? 13  ASP A CA  1 
ATOM   49   C C   . ASP A 1 13  ? 17.863  -9.447  4.073   1.00 11.79 ? 13  ASP A C   1 
ATOM   50   O O   . ASP A 1 13  ? 18.646  -8.863  3.269   1.00 10.81 ? 13  ASP A O   1 
ATOM   51   C CB  . ASP A 1 13  ? 15.333  -9.791  3.824   1.00 14.86 ? 13  ASP A CB  1 
ATOM   52   C CG  . ASP A 1 13  ? 13.967  -9.539  4.434   1.00 18.88 ? 13  ASP A CG  1 
ATOM   53   O OD1 . ASP A 1 13  ? 13.879  -9.091  5.606   1.00 19.06 ? 13  ASP A OD1 1 
ATOM   54   O OD2 . ASP A 1 13  ? 12.988  -9.820  3.736   1.00 22.43 ? 13  ASP A OD2 1 
ATOM   55   N N   . GLY A 1 14  ? 18.203  -10.494 4.807   1.00 13.15 ? 14  GLY A N   1 
ATOM   56   C CA  . GLY A 1 14  ? 19.554  -11.091 4.744   1.00 14.77 ? 14  GLY A CA  1 
ATOM   57   C C   . GLY A 1 14  ? 19.901  -11.570 3.339   1.00 15.36 ? 14  GLY A C   1 
ATOM   58   O O   . GLY A 1 14  ? 21.111  -11.608 2.983   1.00 15.51 ? 14  GLY A O   1 
ATOM   59   N N   . ASP A 1 15  ? 18.909  -11.891 2.493   1.00 14.79 ? 15  ASP A N   1 
ATOM   60   C CA  . ASP A 1 15  ? 19.172  -12.248 1.079   1.00 16.25 ? 15  ASP A CA  1 
ATOM   61   C C   . ASP A 1 15  ? 19.226  -11.030 0.149   1.00 13.72 ? 15  ASP A C   1 
ATOM   62   O O   . ASP A 1 15  ? 19.305  -11.240 -1.056  1.00 16.84 ? 15  ASP A O   1 
ATOM   63   C CB  . ASP A 1 15  ? 18.135  -13.250 0.576   1.00 17.20 ? 15  ASP A CB  1 
ATOM   64   C CG  . ASP A 1 15  ? 16.719  -12.707 0.599   1.00 21.62 ? 15  ASP A CG  1 
ATOM   65   O OD1 . ASP A 1 15  ? 16.563  -11.519 0.899   1.00 20.10 ? 15  ASP A OD1 1 
ATOM   66   O OD2 . ASP A 1 15  ? 15.788  -13.492 0.291   1.00 22.13 ? 15  ASP A OD2 1 
ATOM   67   N N   . GLY A 1 16  ? 19.190  -9.796  0.657   1.00 12.53 ? 16  GLY A N   1 
ATOM   68   C CA  . GLY A 1 16  ? 19.379  -8.592  -0.158  1.00 11.97 ? 16  GLY A CA  1 
ATOM   69   C C   . GLY A 1 16  ? 18.079  -8.086  -0.775  1.00 11.21 ? 16  GLY A C   1 
ATOM   70   O O   . GLY A 1 16  ? 18.116  -7.098  -1.495  1.00 12.18 ? 16  GLY A O   1 
ATOM   71   N N   . TYR A 1 17  ? 16.940  -8.661  -0.404  1.00 10.91 ? 17  TYR A N   1 
ATOM   72   C CA  . TYR A 1 17  ? 15.661  -8.131  -0.918  1.00 10.42 ? 17  TYR A CA  1 
ATOM   73   C C   . TYR A 1 17  ? 15.277  -6.902  -0.097  1.00 9.85  ? 17  TYR A C   1 
ATOM   74   O O   . TYR A 1 17  ? 15.360  -6.970  1.171   1.00 11.02 ? 17  TYR A O   1 
ATOM   75   C CB  . TYR A 1 17  ? 14.524  -9.149  -0.828  1.00 11.42 ? 17  TYR A CB  1 
ATOM   76   C CG  . TYR A 1 17  ? 14.520  -10.179 -1.928  1.00 12.81 ? 17  TYR A CG  1 
ATOM   77   C CD1 . TYR A 1 17  ? 15.637  -10.955 -2.188  1.00 16.74 ? 17  TYR A CD1 1 
ATOM   78   C CD2 . TYR A 1 17  ? 13.402  -10.339 -2.713  1.00 14.17 ? 17  TYR A CD2 1 
ATOM   79   C CE1 . TYR A 1 17  ? 15.629  -11.883 -3.222  1.00 19.16 ? 17  TYR A CE1 1 
ATOM   80   C CE2 . TYR A 1 17  ? 13.365  -11.299 -3.709  1.00 17.17 ? 17  TYR A CE2 1 
ATOM   81   C CZ  . TYR A 1 17  ? 14.481  -12.044 -3.977  1.00 19.39 ? 17  TYR A CZ  1 
ATOM   82   O OH  . TYR A 1 17  ? 14.387  -12.990 -4.968  1.00 22.98 ? 17  TYR A OH  1 
ATOM   83   N N   . LYS A 1 18  ? 14.790  -5.855  -0.743  1.00 9.23  ? 18  LYS A N   1 
ATOM   84   C CA  . LYS A 1 18  ? 14.347  -4.610  -0.057  1.00 10.05 ? 18  LYS A CA  1 
ATOM   85   C C   . LYS A 1 18  ? 13.078  -4.872  0.756   1.00 8.78  ? 18  LYS A C   1 
ATOM   86   O O   . LYS A 1 18  ? 12.141  -5.508  0.275   1.00 10.55 ? 18  LYS A O   1 
ATOM   87   C CB  . LYS A 1 18  ? 14.113  -3.464  -1.022  1.00 11.52 ? 18  LYS A CB  1 
ATOM   88   C CG  . LYS A 1 18  ? 13.813  -2.140  -0.327  1.00 15.23 ? 18  LYS A CG  1 
ATOM   89   C CD  . LYS A 1 18  ? 13.669  -0.977  -1.283  1.00 19.85 ? 18  LYS A CD  1 
ATOM   90   C CE  . LYS A 1 18  ? 12.360  -1.001  -2.036  1.00 23.58 ? 18  LYS A CE  1 
ATOM   91   N NZ  . LYS A 1 18  ? 11.901  0.386   -2.322  1.00 28.97 ? 18  LYS A NZ  1 
ATOM   92   N N   . LYS A 1 19  ? 13.014  -4.408  1.989   1.00 7.68  ? 19  LYS A N   1 
ATOM   93   C CA  . LYS A 1 19  ? 11.872  -4.709  2.876   1.00 7.69  ? 19  LYS A CA  1 
ATOM   94   C C   . LYS A 1 19  ? 10.847  -3.596  2.704   1.00 7.24  ? 19  LYS A C   1 
ATOM   95   O O   . LYS A 1 19  ? 11.209  -2.396  2.789   1.00 7.11  ? 19  LYS A O   1 
ATOM   96   C CB  . LYS A 1 19  ? 12.348  -4.728  4.325   1.00 8.28  ? 19  LYS A CB  1 
ATOM   97   C CG  . LYS A 1 19  ? 13.324  -5.846  4.588   1.00 9.42  ? 19  LYS A CG  1 
ATOM   98   C CD  . LYS A 1 19  ? 13.769  -5.799  6.050   1.00 10.53 ? 19  LYS A CD  1 
ATOM   99   C CE  . LYS A 1 19  ? 12.662  -6.109  7.023   1.00 12.51 ? 19  LYS A CE  1 
ATOM   100  N NZ  . LYS A 1 19  ? 11.899  -7.311  6.654   1.00 15.09 ? 19  LYS A NZ  1 
ATOM   101  N N   . ARG A 1 20  ? 9.603   -4.004  2.441   1.00 6.28  ? 20  ARG A N   1 
ATOM   102  C CA  . ARG A 1 20  ? 8.477   -3.081  2.249   1.00 6.20  ? 20  ARG A CA  1 
ATOM   103  C C   . ARG A 1 20  ? 7.248   -3.522  3.062   1.00 5.58  ? 20  ARG A C   1 
ATOM   104  O O   . ARG A 1 20  ? 7.155   -4.673  3.480   1.00 6.51  ? 20  ARG A O   1 
ATOM   105  C CB  . ARG A 1 20  ? 8.112   -3.011  0.769   1.00 5.90  ? 20  ARG A CB  1 
ATOM   106  C CG  . ARG A 1 20  ? 9.206   -2.585  -0.204  1.00 7.07  ? 20  ARG A CG  1 
ATOM   107  C CD  . ARG A 1 20  ? 8.737   -2.533  -1.638  1.00 8.29  ? 20  ARG A CD  1 
ATOM   108  N NE  . ARG A 1 20  ? 7.827   -1.424  -1.848  1.00 9.23  ? 20  ARG A NE  1 
ATOM   109  C CZ  . ARG A 1 20  ? 6.495   -1.543  -1.995  1.00 10.29 ? 20  ARG A CZ  1 
ATOM   110  N NH1 . ARG A 1 20  ? 5.773   -0.456  -2.236  1.00 11.53 ? 20  ARG A NH1 1 
ATOM   111  N NH2 . ARG A 1 20  ? 5.879   -2.708  -1.890  1.00 10.06 ? 20  ARG A NH2 1 
ATOM   112  N N   . ALA A 1 21  ? 6.316   -2.566  3.264   1.00 6.84  ? 21  ALA A N   1 
ATOM   113  C CA  . ALA A 1 21  ? 5.011   -2.892  3.882   1.00 7.38  ? 21  ALA A CA  1 
ATOM   114  C C   . ALA A 1 21  ? 3.953   -2.069  3.157   1.00 8.24  ? 21  ALA A C   1 
ATOM   115  O O   . ALA A 1 21  ? 4.243   -0.990  2.641   1.00 8.60  ? 21  ALA A O   1 
ATOM   116  C CB  . ALA A 1 21  ? 5.046   -2.730  5.358   1.00 9.23  ? 21  ALA A CB  1 
ATOM   117  N N   . ALA A 1 22  ? 2.760   -2.620  3.086   1.00 7.17  ? 22  ALA A N   1 
ATOM   118  C CA  . ALA A 1 22  ? 1.674   -2.038  2.280   1.00 7.46  ? 22  ALA A CA  1 
ATOM   119  C C   . ALA A 1 22  ? 0.368   -2.404  2.987   1.00 7.76  ? 22  ALA A C   1 
ATOM   120  O O   . ALA A 1 22  ? 0.344   -3.345  3.712   1.00 6.97  ? 22  ALA A O   1 
ATOM   121  C CB  . ALA A 1 22  ? 1.676   -2.548  0.842   1.00 8.54  ? 22  ALA A CB  1 
ATOM   122  N N   . CYS A 1 23  ? -0.696  -1.658  2.696   1.00 9.36  ? 23  CYS A N   1 
ATOM   123  C CA  . CYS A 1 23  ? -2.066  -2.012  3.175   1.00 9.28  ? 23  CYS A CA  1 
ATOM   124  C C   . CYS A 1 23  ? -3.010  -2.028  1.988   1.00 9.09  ? 23  CYS A C   1 
ATOM   125  O O   . CYS A 1 23  ? -2.943  -1.131  1.112   1.00 7.94  ? 23  CYS A O   1 
ATOM   126  C CB  . CYS A 1 23  ? -2.669  -1.088  4.234   1.00 11.11 ? 23  CYS A CB  1 
ATOM   127  S SG  . CYS A 1 23  ? -1.725  -0.966  5.771   1.00 12.38 ? 23  CYS A SG  1 
ATOM   128  N N   . LEU A 1 24  ? -3.898  -3.003  2.044   1.00 9.03  ? 24  LEU A N   1 
ATOM   129  C CA  . LEU A 1 24  ? -5.165  -3.015  1.294   1.00 8.80  ? 24  LEU A CA  1 
ATOM   130  C C   . LEU A 1 24  ? -6.147  -2.220  2.138   1.00 8.63  ? 24  LEU A C   1 
ATOM   131  O O   . LEU A 1 24  ? -6.562  -2.691  3.226   1.00 9.04  ? 24  LEU A O   1 
ATOM   132  C CB  . LEU A 1 24  ? -5.649  -4.440  1.100   1.00 9.26  ? 24  LEU A CB  1 
ATOM   133  C CG  . LEU A 1 24  ? -4.626  -5.443  0.598   1.00 9.65  ? 24  LEU A CG  1 
ATOM   134  C CD1 . LEU A 1 24  ? -5.288  -6.766  0.374   1.00 10.10 ? 24  LEU A CD1 1 
ATOM   135  C CD2 . LEU A 1 24  ? -4.011  -4.948  -0.709  1.00 10.14 ? 24  LEU A CD2 1 
ATOM   136  N N   . CYS A 1 25  ? -6.411  -1.005  1.699   1.00 8.47  ? 25  CYS A N   1 
ATOM   137  C CA  . CYS A 1 25  ? -7.123  0.038   2.441   1.00 8.35  ? 25  CYS A CA  1 
ATOM   138  C C   . CYS A 1 25  ? -8.571  -0.006  2.014   1.00 8.23  ? 25  CYS A C   1 
ATOM   139  O O   . CYS A 1 25  ? -8.882  0.447   0.941   1.00 8.31  ? 25  CYS A O   1 
ATOM   140  C CB  . CYS A 1 25  ? -6.602  1.426   2.160   1.00 9.47  ? 25  CYS A CB  1 
ATOM   141  S SG  . CYS A 1 25  ? -4.920  1.640   2.758   1.00 10.48 ? 25  CYS A SG  1 
ATOM   142  N N   . PHE A 1 26  ? -9.401  -0.659  2.793   1.00 8.56  ? 26  PHE A N   1 
ATOM   143  C CA  . PHE A 1 26  ? -10.819 -0.908  2.423   1.00 8.72  ? 26  PHE A CA  1 
ATOM   144  C C   . PHE A 1 26  ? -11.756 0.136   3.037   1.00 9.20  ? 26  PHE A C   1 
ATOM   145  O O   . PHE A 1 26  ? -11.495 0.688   4.057   1.00 8.25  ? 26  PHE A O   1 
ATOM   146  C CB  . PHE A 1 26  ? -11.293 -2.287  2.849   1.00 9.85  ? 26  PHE A CB  1 
ATOM   147  C CG  . PHE A 1 26  ? -10.562 -3.413  2.182   1.00 10.06 ? 26  PHE A CG  1 
ATOM   148  C CD1 . PHE A 1 26  ? -10.733 -3.666  0.826   1.00 10.58 ? 26  PHE A CD1 1 
ATOM   149  C CD2 . PHE A 1 26  ? -9.709  -4.230  2.919   1.00 11.10 ? 26  PHE A CD2 1 
ATOM   150  C CE1 . PHE A 1 26  ? -10.004 -4.696  0.217   1.00 11.77 ? 26  PHE A CE1 1 
ATOM   151  C CE2 . PHE A 1 26  ? -9.043  -5.282  2.302   1.00 12.77 ? 26  PHE A CE2 1 
ATOM   152  C CZ  . PHE A 1 26  ? -9.202  -5.507  0.967   1.00 11.24 ? 26  PHE A CZ  1 
ATOM   153  N N   . ARG A 1 27  ? -12.831 0.402   2.327   1.00 11.71 ? 27  ARG A N   1 
ATOM   154  C CA  . ARG A 1 27  ? -13.804 1.440   2.704   1.00 13.22 ? 27  ARG A CA  1 
ATOM   155  C C   . ARG A 1 27  ? -14.561 0.958   3.930   1.00 14.15 ? 27  ARG A C   1 
ATOM   156  O O   . ARG A 1 27  ? -14.925 1.795   4.775   1.00 15.76 ? 27  ARG A O   1 
ATOM   157  C CB  . ARG A 1 27  ? -14.757 1.691   1.535   1.00 15.42 ? 27  ARG A CB  1 
ATOM   158  C CG  . ARG A 1 27  ? -15.386 3.070   1.496   1.00 21.27 ? 27  ARG A CG  1 
ATOM   159  C CD  . ARG A 1 27  ? -16.104 3.149   0.169   1.00 24.98 ? 27  ARG A CD  1 
ATOM   160  N NE  . ARG A 1 27  ? -17.126 4.159   0.184   1.00 35.20 ? 27  ARG A NE  1 
ATOM   161  C CZ  . ARG A 1 27  ? -17.676 4.708   -0.897  1.00 39.33 ? 27  ARG A CZ  1 
ATOM   162  N NH1 . ARG A 1 27  ? -17.282 4.364   -2.112  1.00 39.77 ? 27  ARG A NH1 1 
ATOM   163  N NH2 . ARG A 1 27  ? -18.607 5.635   -0.745  1.00 46.80 ? 27  ARG A NH2 1 
ATOM   164  N N   . SER A 1 28  ? -14.689 -0.342  4.076   1.00 14.88 ? 28  SER A N   1 
ATOM   165  C CA  . SER A 1 28  ? -15.511 -0.961  5.138   1.00 16.34 ? 28  SER A CA  1 
ATOM   166  C C   . SER A 1 28  ? -15.080 -2.397  5.417   1.00 17.57 ? 28  SER A C   1 
ATOM   167  O O   . SER A 1 28  ? -14.294 -2.989  4.666   1.00 15.27 ? 28  SER A O   1 
ATOM   168  C CB  . SER A 1 28  ? -16.983 -0.883  4.779   1.00 18.73 ? 28  SER A CB  1 
ATOM   169  O OG  . SER A 1 28  ? -17.356 -1.941  3.907   1.00 20.08 ? 28  SER A OG  1 
ATOM   170  N N   . GLU A 1 29  ? -15.621 -2.969  6.502   1.00 20.32 ? 29  GLU A N   1 
ATOM   171  C CA  . GLU A 1 29  ? -15.319 -4.362  6.872   1.00 22.60 ? 29  GLU A CA  1 
ATOM   172  C C   . GLU A 1 29  ? -15.816 -5.330  5.781   1.00 21.08 ? 29  GLU A C   1 
ATOM   173  O O   . GLU A 1 29  ? -15.348 -6.461  5.794   1.00 23.36 ? 29  GLU A O   1 
ATOM   174  C CB  . GLU A 1 29  ? -15.865 -4.657  8.269   1.00 25.43 ? 29  GLU A CB  1 
ATOM   175  C CG  . GLU A 1 29  ? -14.864 -4.322  9.358   1.00 29.96 ? 29  GLU A CG  1 
ATOM   176  C CD  . GLU A 1 29  ? -15.332 -4.636  10.773  1.00 40.77 ? 29  GLU A CD  1 
ATOM   177  O OE1 . GLU A 1 29  ? -14.610 -4.273  11.716  1.00 45.24 ? 29  GLU A OE1 1 
ATOM   178  O OE2 . GLU A 1 29  ? -16.431 -5.236  10.927  1.00 42.35 ? 29  GLU A OE2 1 
ATOM   179  N N   . SER A 1 30  ? -16.623 -4.908  4.806   1.00 22.22 ? 30  SER A N   1 
ATOM   180  C CA  A SER A 1 30  ? -17.088 -5.820  3.724   0.51 21.34 ? 30  SER A CA  1 
ATOM   181  C CA  B SER A 1 30  ? -17.098 -5.780  3.697   0.49 21.17 ? 30  SER A CA  1 
ATOM   182  C C   . SER A 1 30  ? -15.974 -6.024  2.683   1.00 21.39 ? 30  SER A C   1 
ATOM   183  O O   . SER A 1 30  ? -16.096 -6.952  1.857   1.00 19.88 ? 30  SER A O   1 
ATOM   184  C CB  A SER A 1 30  ? -18.384 -5.350  3.104   0.51 23.50 ? 30  SER A CB  1 
ATOM   185  C CB  B SER A 1 30  ? -18.301 -5.185  3.026   0.49 22.97 ? 30  SER A CB  1 
ATOM   186  O OG  A SER A 1 30  ? -18.180 -4.284  2.191   0.51 24.39 ? 30  SER A OG  1 
ATOM   187  O OG  B SER A 1 30  ? -19.398 -5.149  3.919   0.49 23.63 ? 30  SER A OG  1 
ATOM   188  N N   . GLU A 1 31  ? -14.947 -5.177  2.704   1.00 19.22 ? 31  GLU A N   1 
ATOM   189  C CA  . GLU A 1 31  ? -13.743 -5.340  1.848   1.00 18.78 ? 31  GLU A CA  1 
ATOM   190  C C   . GLU A 1 31  ? -14.157 -5.466  0.382   1.00 16.81 ? 31  GLU A C   1 
ATOM   191  O O   . GLU A 1 31  ? -13.555 -6.306  -0.336  1.00 19.42 ? 31  GLU A O   1 
ATOM   192  C CB  . GLU A 1 31  ? -12.917 -6.536  2.318   1.00 18.75 ? 31  GLU A CB  1 
ATOM   193  C CG  . GLU A 1 31  ? -12.570 -6.500  3.792   1.00 21.03 ? 31  GLU A CG  1 
ATOM   194  C CD  . GLU A 1 31  ? -11.577 -7.533  4.298   1.00 23.39 ? 31  GLU A CD  1 
ATOM   195  O OE1 . GLU A 1 31  ? -11.249 -8.450  3.534   1.00 29.28 ? 31  GLU A OE1 1 
ATOM   196  O OE2 . GLU A 1 31  ? -11.143 -7.437  5.443   1.00 26.53 ? 31  GLU A OE2 1 
ATOM   197  N N   . GLU A 1 32  ? -15.084 -4.628  -0.075  1.00 18.22 ? 32  GLU A N   1 
ATOM   198  C CA  . GLU A 1 32  ? -15.554 -4.563  -1.479  1.00 18.59 ? 32  GLU A CA  1 
ATOM   199  C C   . GLU A 1 32  ? -14.877 -3.434  -2.247  1.00 16.20 ? 32  GLU A C   1 
ATOM   200  O O   . GLU A 1 32  ? -14.819 -3.527  -3.471  1.00 16.81 ? 32  GLU A O   1 
ATOM   201  C CB  . GLU A 1 32  ? -17.065 -4.374  -1.506  1.00 21.83 ? 32  GLU A CB  1 
ATOM   202  C CG  . GLU A 1 32  ? -17.749 -5.591  -0.912  1.00 25.94 ? 32  GLU A CG  1 
ATOM   203  C CD  . GLU A 1 32  ? -19.263 -5.546  -0.821  1.00 32.23 ? 32  GLU A CD  1 
ATOM   204  O OE1 . GLU A 1 32  ? -19.858 -4.483  -1.117  1.00 39.27 ? 32  GLU A OE1 1 
ATOM   205  O OE2 . GLU A 1 32  ? -19.845 -6.596  -0.467  1.00 43.97 ? 32  GLU A OE2 1 
ATOM   206  N N   . GLU A 1 33  ? -14.425 -2.370  -1.577  1.00 14.47 ? 33  GLU A N   1 
ATOM   207  C CA  . GLU A 1 33  ? -13.806 -1.236  -2.293  1.00 13.27 ? 33  GLU A CA  1 
ATOM   208  C C   . GLU A 1 33  ? -12.478 -0.928  -1.626  1.00 11.52 ? 33  GLU A C   1 
ATOM   209  O O   . GLU A 1 33  ? -12.405 -0.936  -0.405  1.00 12.38 ? 33  GLU A O   1 
ATOM   210  C CB  . GLU A 1 33  ? -14.703 -0.014  -2.313  1.00 17.08 ? 33  GLU A CB  1 
ATOM   211  C CG  . GLU A 1 33  ? -16.043 -0.339  -2.944  1.00 24.11 ? 33  GLU A CG  1 
ATOM   212  C CD  . GLU A 1 33  ? -16.854 0.884   -3.302  1.00 32.60 ? 33  GLU A CD  1 
ATOM   213  O OE1 . GLU A 1 33  ? -17.966 0.685   -3.825  1.00 41.24 ? 33  GLU A OE1 1 
ATOM   214  O OE2 . GLU A 1 33  ? -16.358 2.026   -3.079  1.00 38.49 ? 33  GLU A OE2 1 
ATOM   215  N N   . VAL A 1 34  ? -11.480 -0.667  -2.444  1.00 10.09 ? 34  VAL A N   1 
ATOM   216  C CA  . VAL A 1 34  ? -10.081 -0.522  -1.948  1.00 8.79  ? 34  VAL A CA  1 
ATOM   217  C C   . VAL A 1 34  ? -9.513  0.753   -2.542  1.00 9.19  ? 34  VAL A C   1 
ATOM   218  O O   . VAL A 1 34  ? -9.808  1.071   -3.665  1.00 10.01 ? 34  VAL A O   1 
ATOM   219  C CB  . VAL A 1 34  ? -9.204  -1.732  -2.320  1.00 9.65  ? 34  VAL A CB  1 
ATOM   220  C CG1 . VAL A 1 34  ? -9.035  -1.924  -3.829  1.00 9.94  ? 34  VAL A CG1 1 
ATOM   221  C CG2 . VAL A 1 34  ? -7.868  -1.675  -1.561  1.00 9.49  ? 34  VAL A CG2 1 
ATOM   222  N N   . LEU A 1 35  ? -8.610  1.361   -1.793  1.00 8.26  ? 35  LEU A N   1 
ATOM   223  C CA  . LEU A 1 35  ? -7.985  2.613   -2.200  1.00 8.36  ? 35  LEU A CA  1 
ATOM   224  C C   . LEU A 1 35  ? -6.665  2.328   -2.848  1.00 8.22  ? 35  LEU A C   1 
ATOM   225  O O   . LEU A 1 35  ? -5.813  1.779   -2.205  1.00 9.07  ? 35  LEU A O   1 
ATOM   226  C CB  . LEU A 1 35  ? -7.817  3.493   -0.963  1.00 9.51  ? 35  LEU A CB  1 
ATOM   227  C CG  . LEU A 1 35  ? -7.455  4.952   -1.184  1.00 11.15 ? 35  LEU A CG  1 
ATOM   228  C CD1 . LEU A 1 35  ? -8.530  5.701   -1.936  1.00 12.46 ? 35  LEU A CD1 1 
ATOM   229  C CD2 . LEU A 1 35  ? -7.238  5.609   0.179   1.00 12.44 ? 35  LEU A CD2 1 
ATOM   230  N N   . LEU A 1 36  ? -6.501  2.840   -4.055  1.00 7.57  ? 36  LEU A N   1 
ATOM   231  C CA  . LEU A 1 36  ? -5.209  2.811   -4.796  1.00 7.87  ? 36  LEU A CA  1 
ATOM   232  C C   . LEU A 1 36  ? -4.726  4.228   -4.906  1.00 8.04  ? 36  LEU A C   1 
ATOM   233  O O   . LEU A 1 36  ? -5.530  5.154   -4.799  1.00 9.45  ? 36  LEU A O   1 
ATOM   234  C CB  . LEU A 1 36  ? -5.351  2.173   -6.198  1.00 8.40  ? 36  LEU A CB  1 
ATOM   235  C CG  . LEU A 1 36  ? -5.872  0.726   -6.236  1.00 8.59  ? 36  LEU A CG  1 
ATOM   236  C CD1 . LEU A 1 36  ? -5.855  0.182   -7.657  1.00 9.60  ? 36  LEU A CD1 1 
ATOM   237  C CD2 . LEU A 1 36  ? -5.117  -0.219  -5.304  1.00 9.01  ? 36  LEU A CD2 1 
ATOM   238  N N   . VAL A 1 37  ? -3.438  4.391   -5.191  1.00 8.44  ? 37  VAL A N   1 
ATOM   239  C CA  . VAL A 1 37  ? -2.804  5.711   -5.326  1.00 8.90  ? 37  VAL A CA  1 
ATOM   240  C C   . VAL A 1 37  ? -2.018  5.708   -6.636  1.00 9.10  ? 37  VAL A C   1 
ATOM   241  O O   . VAL A 1 37  ? -1.741  4.654   -7.172  1.00 8.55  ? 37  VAL A O   1 
ATOM   242  C CB  . VAL A 1 37  ? -1.888  6.050   -4.144  1.00 9.56  ? 37  VAL A CB  1 
ATOM   243  C CG1 . VAL A 1 37  ? -2.676  6.084   -2.829  1.00 10.15 ? 37  VAL A CG1 1 
ATOM   244  C CG2 . VAL A 1 37  ? -0.713  5.091   -4.023  1.00 9.16  ? 37  VAL A CG2 1 
ATOM   245  N N   . SER A 1 38  ? -1.791  6.883   -7.163  1.00 9.92  ? 38  SER A N   1 
ATOM   246  C CA  . SER A 1 38  ? -0.990  7.021   -8.400  1.00 11.94 ? 38  SER A CA  1 
ATOM   247  C C   . SER A 1 38  ? 0.497   6.793   -8.134  1.00 12.31 ? 38  SER A C   1 
ATOM   248  O O   . SER A 1 38  ? 0.987   7.072   -7.037  1.00 12.77 ? 38  SER A O   1 
ATOM   249  C CB  . SER A 1 38  ? -1.252  8.314   -9.040  1.00 12.55 ? 38  SER A CB  1 
ATOM   250  O OG  . SER A 1 38  ? -0.930  9.375   -8.169  1.00 12.77 ? 38  SER A OG  1 
ATOM   251  N N   . SER A 1 39  ? 1.174   6.275   -9.155  1.00 13.90 ? 39  SER A N   1 
ATOM   252  C CA  . SER A 1 39  ? 2.640   6.110   -9.194  1.00 16.72 ? 39  SER A CA  1 
ATOM   253  C C   . SER A 1 39  ? 3.285   7.495   -9.281  1.00 17.64 ? 39  SER A C   1 
ATOM   254  O O   . SER A 1 39  ? 2.794   8.320   -10.050 1.00 19.38 ? 39  SER A O   1 
ATOM   255  C CB  . SER A 1 39  ? 3.024   5.226   -10.367 1.00 18.71 ? 39  SER A CB  1 
ATOM   256  O OG  . SER A 1 39  ? 4.404   5.364   -10.662 1.00 20.98 ? 39  SER A OG  1 
ATOM   257  N N   . SER A 1 40  ? 4.354   7.729   -8.534  1.00 19.88 ? 40  SER A N   1 
ATOM   258  C CA  . SER A 1 40  ? 5.105   9.006   -8.617  1.00 22.67 ? 40  SER A CA  1 
ATOM   259  C C   . SER A 1 40  ? 5.835   9.059   -9.957  1.00 24.33 ? 40  SER A C   1 
ATOM   260  O O   . SER A 1 40  ? 5.784   10.111  -10.614 1.00 30.38 ? 40  SER A O   1 
ATOM   261  C CB  . SER A 1 40  ? 6.085   9.180   -7.478  1.00 25.29 ? 40  SER A CB  1 
ATOM   262  O OG  . SER A 1 40  ? 5.370   9.380   -6.271  1.00 30.70 ? 40  SER A OG  1 
ATOM   263  N N   . ARG A 1 41  ? 6.490   7.968   -10.319 1.00 29.56 ? 41  ARG A N   1 
ATOM   264  C CA  . ARG A 1 41  ? 7.336   7.873   -11.531 1.00 33.19 ? 41  ARG A CA  1 
ATOM   265  C C   . ARG A 1 41  ? 6.440   7.940   -12.770 1.00 32.05 ? 41  ARG A C   1 
ATOM   266  O O   . ARG A 1 41  ? 6.916   8.431   -13.814 1.00 30.13 ? 41  ARG A O   1 
ATOM   267  C CB  . ARG A 1 41  ? 8.149   6.578   -11.479 1.00 38.18 ? 41  ARG A CB  1 
ATOM   268  C CG  . ARG A 1 41  ? 9.087   6.465   -10.284 1.00 42.29 ? 41  ARG A CG  1 
ATOM   269  C CD  . ARG A 1 41  ? 9.895   5.180   -10.302 1.00 46.25 ? 41  ARG A CD  1 
ATOM   270  N NE  . ARG A 1 41  ? 10.155  4.728   -11.665 1.00 51.79 ? 41  ARG A NE  1 
ATOM   271  C CZ  . ARG A 1 41  ? 10.980  5.325   -12.528 1.00 53.81 ? 41  ARG A CZ  1 
ATOM   272  N NH1 . ARG A 1 41  ? 11.649  6.412   -12.174 1.00 55.39 ? 41  ARG A NH1 1 
ATOM   273  N NH2 . ARG A 1 41  ? 11.125  4.835   -13.747 1.00 55.30 ? 41  ARG A NH2 1 
ATOM   274  N N   . HIS A 1 42  ? 5.199   7.438   -12.666 1.00 27.31 ? 42  HIS A N   1 
ATOM   275  C CA  . HIS A 1 42  ? 4.251   7.266   -13.798 1.00 28.95 ? 42  HIS A CA  1 
ATOM   276  C C   . HIS A 1 42  ? 2.825   7.593   -13.346 1.00 26.40 ? 42  HIS A C   1 
ATOM   277  O O   . HIS A 1 42  ? 2.018   6.708   -13.046 1.00 21.52 ? 42  HIS A O   1 
ATOM   278  C CB  . HIS A 1 42  ? 4.363   5.839   -14.349 1.00 29.52 ? 42  HIS A CB  1 
ATOM   279  C CG  . HIS A 1 42  ? 5.761   5.301   -14.460 1.00 31.89 ? 42  HIS A CG  1 
ATOM   280  N ND1 . HIS A 1 42  ? 6.633   5.680   -15.473 1.00 31.65 ? 42  HIS A ND1 1 
ATOM   281  C CD2 . HIS A 1 42  ? 6.425   4.385   -13.721 1.00 33.89 ? 42  HIS A CD2 1 
ATOM   282  C CE1 . HIS A 1 42  ? 7.770   5.043   -15.345 1.00 33.56 ? 42  HIS A CE1 1 
ATOM   283  N NE2 . HIS A 1 42  ? 7.670   4.228   -14.285 1.00 37.74 ? 42  HIS A NE2 1 
ATOM   284  N N   . PRO A 1 43  ? 2.456   8.885   -13.266 1.00 26.98 ? 43  PRO A N   1 
ATOM   285  C CA  . PRO A 1 43  ? 1.160   9.272   -12.690 1.00 24.53 ? 43  PRO A CA  1 
ATOM   286  C C   . PRO A 1 43  ? -0.159  8.740   -13.289 1.00 24.34 ? 43  PRO A C   1 
ATOM   287  O O   . PRO A 1 43  ? -1.159  8.810   -12.599 1.00 24.28 ? 43  PRO A O   1 
ATOM   288  C CB  . PRO A 1 43  ? 1.192   10.800  -12.850 1.00 27.37 ? 43  PRO A CB  1 
ATOM   289  C CG  . PRO A 1 43  ? 2.667   11.121  -12.772 1.00 29.23 ? 43  PRO A CG  1 
ATOM   290  C CD  . PRO A 1 43  ? 3.314   10.030  -13.601 1.00 28.37 ? 43  PRO A CD  1 
ATOM   291  N N   . ASP A 1 44  ? -0.169  8.157   -14.493 1.00 21.91 ? 44  ASP A N   1 
ATOM   292  C CA  . ASP A 1 44  ? -1.403  7.558   -15.065 1.00 23.20 ? 44  ASP A CA  1 
ATOM   293  C C   . ASP A 1 44  ? -1.505  6.065   -14.714 1.00 18.39 ? 44  ASP A C   1 
ATOM   294  O O   . ASP A 1 44  ? -2.403  5.393   -15.280 1.00 20.97 ? 44  ASP A O   1 
ATOM   295  C CB  . ASP A 1 44  ? -1.451  7.735   -16.585 1.00 29.19 ? 44  ASP A CB  1 
ATOM   296  C CG  . ASP A 1 44  ? -0.200  7.237   -17.281 1.00 36.73 ? 44  ASP A CG  1 
ATOM   297  O OD1 . ASP A 1 44  ? 0.863   7.151   -16.616 1.00 44.16 ? 44  ASP A OD1 1 
ATOM   298  O OD2 . ASP A 1 44  ? -0.283  6.968   -18.500 1.00 48.53 ? 44  ASP A OD2 1 
ATOM   299  N N   . ARG A 1 45  ? -0.639  5.579   -13.809 1.00 17.80 ? 45  ARG A N   1 
ATOM   300  C CA  . ARG A 1 45  ? -0.651  4.180   -13.298 1.00 16.07 ? 45  ARG A CA  1 
ATOM   301  C C   . ARG A 1 45  ? -1.074  4.206   -11.831 1.00 13.62 ? 45  ARG A C   1 
ATOM   302  O O   . ARG A 1 45  ? -0.775  5.182   -11.162 1.00 13.92 ? 45  ARG A O   1 
ATOM   303  C CB  . ARG A 1 45  ? 0.705   3.480   -13.367 1.00 17.67 ? 45  ARG A CB  1 
ATOM   304  C CG  . ARG A 1 45  ? 1.352   3.567   -14.744 1.00 21.01 ? 45  ARG A CG  1 
ATOM   305  C CD  . ARG A 1 45  ? 2.639   2.781   -14.873 1.00 22.86 ? 45  ARG A CD  1 
ATOM   306  N NE  . ARG A 1 45  ? 3.321   3.190   -16.104 1.00 25.99 ? 45  ARG A NE  1 
ATOM   307  C CZ  . ARG A 1 45  ? 4.526   2.796   -16.466 1.00 28.16 ? 45  ARG A CZ  1 
ATOM   308  N NH1 . ARG A 1 45  ? 5.180   1.936   -15.716 1.00 28.88 ? 45  ARG A NH1 1 
ATOM   309  N NH2 . ARG A 1 45  ? 5.065   3.260   -17.584 1.00 32.19 ? 45  ARG A NH2 1 
ATOM   310  N N   . TRP A 1 46  ? -1.818  3.185   -11.450 1.00 10.45 ? 46  TRP A N   1 
ATOM   311  C CA  . TRP A 1 46  ? -2.285  2.957   -10.055 1.00 9.92  ? 46  TRP A CA  1 
ATOM   312  C C   . TRP A 1 46  ? -1.409  1.897   -9.417  1.00 8.25  ? 46  TRP A C   1 
ATOM   313  O O   . TRP A 1 46  ? -1.027  0.894   -10.071 1.00 9.21  ? 46  TRP A O   1 
ATOM   314  C CB  . TRP A 1 46  ? -3.731  2.469   -10.047 1.00 9.60  ? 46  TRP A CB  1 
ATOM   315  C CG  . TRP A 1 46  ? -4.661  3.506   -10.603 1.00 11.08 ? 46  TRP A CG  1 
ATOM   316  C CD1 . TRP A 1 46  ? -5.216  3.502   -11.847 1.00 11.77 ? 46  TRP A CD1 1 
ATOM   317  C CD2 . TRP A 1 46  ? -5.025  4.758   -9.991  1.00 11.71 ? 46  TRP A CD2 1 
ATOM   318  N NE1 . TRP A 1 46  ? -5.921  4.658   -12.032 1.00 12.61 ? 46  TRP A NE1 1 
ATOM   319  C CE2 . TRP A 1 46  ? -5.821  5.456   -10.926 1.00 11.79 ? 46  TRP A CE2 1 
ATOM   320  C CE3 . TRP A 1 46  ? -4.739  5.368   -8.756  1.00 11.90 ? 46  TRP A CE3 1 
ATOM   321  C CZ2 . TRP A 1 46  ? -6.427  6.676   -10.610 1.00 12.99 ? 46  TRP A CZ2 1 
ATOM   322  C CZ3 . TRP A 1 46  ? -5.269  6.594   -8.470  1.00 12.73 ? 46  TRP A CZ3 1 
ATOM   323  C CH2 . TRP A 1 46  ? -6.096  7.242   -9.394  1.00 14.40 ? 46  TRP A CH2 1 
ATOM   324  N N   . ILE A 1 47  ? -1.207  2.009   -8.102  1.00 7.66  ? 47  ILE A N   1 
ATOM   325  C CA  . ILE A 1 47  ? -0.413  1.065   -7.285  1.00 7.97  ? 47  ILE A CA  1 
ATOM   326  C C   . ILE A 1 47  ? -1.129  0.936   -5.942  1.00 6.57  ? 47  ILE A C   1 
ATOM   327  O O   . ILE A 1 47  ? -1.903  1.854   -5.533  1.00 6.27  ? 47  ILE A O   1 
ATOM   328  C CB  . ILE A 1 47  ? 1.023   1.580   -7.079  1.00 8.18  ? 47  ILE A CB  1 
ATOM   329  C CG1 . ILE A 1 47  ? 1.111   2.903   -6.308  1.00 9.70  ? 47  ILE A CG1 1 
ATOM   330  C CG2 . ILE A 1 47  ? 1.693   1.769   -8.426  1.00 9.20  ? 47  ILE A CG2 1 
ATOM   331  C CD1 . ILE A 1 47  ? 2.539   3.352   -6.030  1.00 9.98  ? 47  ILE A CD1 1 
ATOM   332  N N   . VAL A 1 48  ? -0.788  -0.109  -5.241  1.00 6.45  ? 48  VAL A N   1 
ATOM   333  C CA  . VAL A 1 48  ? -1.208  -0.273  -3.819  1.00 6.53  ? 48  VAL A CA  1 
ATOM   334  C C   . VAL A 1 48  ? -0.313  0.596   -2.939  1.00 7.05  ? 48  VAL A C   1 
ATOM   335  O O   . VAL A 1 48  ? 0.940   0.518   -3.054  1.00 8.18  ? 48  VAL A O   1 
ATOM   336  C CB  . VAL A 1 48  ? -1.149  -1.746  -3.398  1.00 6.49  ? 48  VAL A CB  1 
ATOM   337  C CG1 . VAL A 1 48  ? -1.516  -1.886  -1.915  1.00 6.65  ? 48  VAL A CG1 1 
ATOM   338  C CG2 . VAL A 1 48  ? -2.092  -2.571  -4.229  1.00 6.84  ? 48  VAL A CG2 1 
ATOM   339  N N   . PRO A 1 49  ? -0.872  1.466   -2.067  1.00 7.89  ? 49  PRO A N   1 
ATOM   340  C CA  . PRO A 1 49  ? -0.007  2.263   -1.220  1.00 8.03  ? 49  PRO A CA  1 
ATOM   341  C C   . PRO A 1 49  ? 0.865   1.430   -0.300  1.00 7.51  ? 49  PRO A C   1 
ATOM   342  O O   . PRO A 1 49  ? 0.440   0.551   0.362   1.00 7.57  ? 49  PRO A O   1 
ATOM   343  C CB  . PRO A 1 49  ? -0.968  3.107   -0.406  1.00 7.87  ? 49  PRO A CB  1 
ATOM   344  C CG  . PRO A 1 49  ? -2.275  2.322   -0.429  1.00 8.29  ? 49  PRO A CG  1 
ATOM   345  C CD  . PRO A 1 49  ? -2.299  1.718   -1.819  1.00 7.83  ? 49  PRO A CD  1 
ATOM   346  N N   . GLY A 1 50  ? 2.122   1.797   -0.266  1.00 7.05  ? 50  GLY A N   1 
ATOM   347  C CA  . GLY A 1 50  ? 3.049   1.085   0.614   1.00 7.60  ? 50  GLY A CA  1 
ATOM   348  C C   . GLY A 1 50  ? 4.435   1.572   0.343   1.00 8.54  ? 50  GLY A C   1 
ATOM   349  O O   . GLY A 1 50  ? 4.619   2.405   -0.586  1.00 10.07 ? 50  GLY A O   1 
ATOM   350  N N   . GLY A 1 51  ? 5.416   1.032   1.022   1.00 8.63  ? 51  GLY A N   1 
ATOM   351  C CA  . GLY A 1 51  ? 6.776   1.557   0.784   1.00 8.63  ? 51  GLY A CA  1 
ATOM   352  C C   . GLY A 1 51  ? 7.769   0.908   1.711   1.00 9.26  ? 51  GLY A C   1 
ATOM   353  O O   . GLY A 1 51  ? 7.430   -0.045  2.424   1.00 8.64  ? 51  GLY A O   1 
ATOM   354  N N   . GLY A 1 52  ? 8.977   1.450   1.758   1.00 10.19 ? 52  GLY A N   1 
ATOM   355  C CA  . GLY A 1 52  ? 10.058  0.785   2.500   1.00 10.07 ? 52  GLY A CA  1 
ATOM   356  C C   . GLY A 1 52  ? 9.945   0.855   4.016   1.00 11.31 ? 52  GLY A C   1 
ATOM   357  O O   . GLY A 1 52  ? 9.431   1.846   4.561   1.00 12.53 ? 52  GLY A O   1 
ATOM   358  N N   . MET A 1 53  ? 10.337  -0.204  4.690   1.00 10.54 ? 53  MET A N   1 
ATOM   359  C CA  A MET A 1 53  ? 10.432  -0.225  6.175   0.51 10.53 ? 53  MET A CA  1 
ATOM   360  C CA  B MET A 1 53  ? 10.453  -0.245  6.172   0.49 12.04 ? 53  MET A CA  1 
ATOM   361  C C   . MET A 1 53  ? 11.731  0.493   6.569   1.00 12.68 ? 53  MET A C   1 
ATOM   362  O O   . MET A 1 53  ? 12.737  0.333   5.840   1.00 13.19 ? 53  MET A O   1 
ATOM   363  C CB  A MET A 1 53  ? 10.397  -1.667  6.692   0.51 9.54  ? 53  MET A CB  1 
ATOM   364  C CB  B MET A 1 53  ? 10.548  -1.687  6.661   0.49 13.07 ? 53  MET A CB  1 
ATOM   365  C CG  A MET A 1 53  ? 9.061   -2.405  6.387   0.51 9.00  ? 53  MET A CG  1 
ATOM   366  C CG  B MET A 1 53  ? 9.408   -2.595  6.211   0.49 14.26 ? 53  MET A CG  1 
ATOM   367  S SD  A MET A 1 53  ? 9.070   -4.187  6.593   0.51 7.75  ? 53  MET A SD  1 
ATOM   368  S SD  B MET A 1 53  ? 9.403   -4.034  7.270   0.49 16.85 ? 53  MET A SD  1 
ATOM   369  C CE  A MET A 1 53  ? 9.728   -4.290  8.259   0.51 8.21  ? 53  MET A CE  1 
ATOM   370  C CE  B MET A 1 53  ? 8.622   -5.253  6.229   0.49 15.68 ? 53  MET A CE  1 
ATOM   371  N N   . GLU A 1 54  ? 11.674  1.231   7.669   1.00 11.25 ? 54  GLU A N   1 
ATOM   372  C CA  . GLU A 1 54  ? 12.866  1.911   8.223   1.00 13.11 ? 54  GLU A CA  1 
ATOM   373  C C   . GLU A 1 54  ? 13.587  0.959   9.153   1.00 11.50 ? 54  GLU A C   1 
ATOM   374  O O   . GLU A 1 54  ? 13.061  -0.048  9.579   1.00 11.02 ? 54  GLU A O   1 
ATOM   375  C CB  . GLU A 1 54  ? 12.422  3.186   8.939   1.00 15.40 ? 54  GLU A CB  1 
ATOM   376  C CG  . GLU A 1 54  ? 11.892  4.241   7.988   1.00 17.91 ? 54  GLU A CG  1 
ATOM   377  C CD  . GLU A 1 54  ? 11.097  5.342   8.678   1.00 20.91 ? 54  GLU A CD  1 
ATOM   378  O OE1 . GLU A 1 54  ? 10.863  5.240   9.908   1.00 24.78 ? 54  GLU A OE1 1 
ATOM   379  O OE2 . GLU A 1 54  ? 10.654  6.271   7.971   1.00 27.72 ? 54  GLU A OE2 1 
ATOM   380  N N   . PRO A 1 55  ? 14.834  1.299   9.551   1.00 11.69 ? 55  PRO A N   1 
ATOM   381  C CA  . PRO A 1 55  ? 15.554  0.433   10.463  1.00 12.19 ? 55  PRO A CA  1 
ATOM   382  C C   . PRO A 1 55  ? 14.788  0.172   11.754  1.00 12.40 ? 55  PRO A C   1 
ATOM   383  O O   . PRO A 1 55  ? 14.284  1.149   12.318  1.00 12.70 ? 55  PRO A O   1 
ATOM   384  C CB  . PRO A 1 55  ? 16.876  1.158   10.659  1.00 12.41 ? 55  PRO A CB  1 
ATOM   385  C CG  . PRO A 1 55  ? 17.058  1.928   9.386   1.00 12.52 ? 55  PRO A CG  1 
ATOM   386  C CD  . PRO A 1 55  ? 15.660  2.318   8.903   1.00 12.81 ? 55  PRO A CD  1 
ATOM   387  N N   . GLU A 1 56  ? 14.743  -1.075  12.174  1.00 12.67 ? 56  GLU A N   1 
ATOM   388  C CA  . GLU A 1 56  ? 14.077  -1.618  13.384  1.00 14.85 ? 56  GLU A CA  1 
ATOM   389  C C   . GLU A 1 56  ? 12.593  -1.266  13.424  1.00 16.26 ? 56  GLU A C   1 
ATOM   390  O O   . GLU A 1 56  ? 11.992  -1.409  14.491  1.00 17.67 ? 56  GLU A O   1 
ATOM   391  C CB  . GLU A 1 56  ? 14.789  -1.106  14.639  1.00 18.37 ? 56  GLU A CB  1 
ATOM   392  C CG  . GLU A 1 56  ? 16.281  -1.385  14.585  1.00 22.20 ? 56  GLU A CG  1 
ATOM   393  C CD  . GLU A 1 56  ? 16.978  -0.989  15.876  1.00 28.76 ? 56  GLU A CD  1 
ATOM   394  O OE1 . GLU A 1 56  ? 18.224  -1.071  15.938  1.00 31.39 ? 56  GLU A OE1 1 
ATOM   395  O OE2 . GLU A 1 56  ? 16.265  -0.579  16.806  1.00 37.61 ? 56  GLU A OE2 1 
ATOM   396  N N   . GLU A 1 57  ? 11.985  -0.944  12.282  1.00 13.60 ? 57  GLU A N   1 
ATOM   397  C CA  . GLU A 1 57  ? 10.545  -0.574  12.254  1.00 13.81 ? 57  GLU A CA  1 
ATOM   398  C C   . GLU A 1 57  ? 9.684   -1.814  12.061  1.00 14.43 ? 57  GLU A C   1 
ATOM   399  O O   . GLU A 1 57  ? 9.932   -2.545  11.091  1.00 13.86 ? 57  GLU A O   1 
ATOM   400  C CB  . GLU A 1 57  ? 10.289  0.378   11.109  1.00 13.12 ? 57  GLU A CB  1 
ATOM   401  C CG  . GLU A 1 57  ? 8.868   0.950   11.139  1.00 13.09 ? 57  GLU A CG  1 
ATOM   402  C CD  . GLU A 1 57  ? 8.574   1.921   10.016  1.00 13.40 ? 57  GLU A CD  1 
ATOM   403  O OE1 . GLU A 1 57  ? 9.172   1.795   8.931   1.00 12.77 ? 57  GLU A OE1 1 
ATOM   404  O OE2 . GLU A 1 57  ? 7.795   2.918   10.278  1.00 14.22 ? 57  GLU A OE2 1 
ATOM   405  N N   . GLU A 1 58  ? 8.732   -2.099  12.948  1.00 13.13 ? 58  GLU A N   1 
ATOM   406  C CA  . GLU A 1 58  ? 7.822   -3.256  12.796  1.00 14.01 ? 58  GLU A CA  1 
ATOM   407  C C   . GLU A 1 58  ? 7.057   -3.097  11.482  1.00 11.56 ? 58  GLU A C   1 
ATOM   408  O O   . GLU A 1 58  ? 6.689   -1.969  11.143  1.00 11.29 ? 58  GLU A O   1 
ATOM   409  C CB  . GLU A 1 58  ? 6.771   -3.270  13.894  1.00 18.54 ? 58  GLU A CB  1 
ATOM   410  C CG  . GLU A 1 58  ? 7.330   -3.439  15.282  1.00 25.17 ? 58  GLU A CG  1 
ATOM   411  C CD  . GLU A 1 58  ? 7.526   -4.877  15.700  1.00 35.07 ? 58  GLU A CD  1 
ATOM   412  O OE1 . GLU A 1 58  ? 7.251   -5.785  14.873  1.00 42.34 ? 58  GLU A OE1 1 
ATOM   413  O OE2 . GLU A 1 58  ? 7.949   -5.085  16.854  1.00 44.81 ? 58  GLU A OE2 1 
ATOM   414  N N   . PRO A 1 59  ? 6.826   -4.199  10.750  1.00 11.70 ? 59  PRO A N   1 
ATOM   415  C CA  . PRO A 1 59  ? 6.132   -4.128  9.454   1.00 10.41 ? 59  PRO A CA  1 
ATOM   416  C C   . PRO A 1 59  ? 4.742   -3.471  9.564   1.00 11.30 ? 59  PRO A C   1 
ATOM   417  O O   . PRO A 1 59  ? 4.379   -2.723  8.678   1.00 10.30 ? 59  PRO A O   1 
ATOM   418  C CB  . PRO A 1 59  ? 6.024   -5.587  8.968   1.00 12.13 ? 59  PRO A CB  1 
ATOM   419  C CG  . PRO A 1 59  ? 6.646   -6.425  10.017  1.00 13.97 ? 59  PRO A CG  1 
ATOM   420  C CD  . PRO A 1 59  ? 7.319   -5.543  11.034  1.00 12.50 ? 59  PRO A CD  1 
ATOM   421  N N   . SER A 1 60  ? 3.995   -3.746  10.635  1.00 12.32 ? 60  SER A N   1 
ATOM   422  C CA  . SER A 1 60  ? 2.625   -3.193  10.800  1.00 13.39 ? 60  SER A CA  1 
ATOM   423  C C   . SER A 1 60  ? 2.678   -1.659  10.983  1.00 12.81 ? 60  SER A C   1 
ATOM   424  O O   . SER A 1 60  ? 1.839   -0.945  10.417  1.00 13.45 ? 60  SER A O   1 
ATOM   425  C CB  . SER A 1 60  ? 1.887   -3.882  11.919  1.00 14.54 ? 60  SER A CB  1 
ATOM   426  O OG  . SER A 1 60  ? 2.550   -3.680  13.137  1.00 17.49 ? 60  SER A OG  1 
ATOM   427  N N   . VAL A 1 61  ? 3.711   -1.156  11.668  1.00 12.13 ? 61  VAL A N   1 
ATOM   428  C CA  . VAL A 1 61  ? 3.988   0.282   11.872  1.00 11.76 ? 61  VAL A CA  1 
ATOM   429  C C   . VAL A 1 61  ? 4.348   0.913   10.531  1.00 10.90 ? 61  VAL A C   1 
ATOM   430  O O   . VAL A 1 61  ? 3.814   1.973   10.209  1.00 10.35 ? 61  VAL A O   1 
ATOM   431  C CB  . VAL A 1 61  ? 5.067   0.452   12.961  1.00 11.78 ? 61  VAL A CB  1 
ATOM   432  C CG1 . VAL A 1 61  ? 5.444   1.897   13.121  1.00 13.23 ? 61  VAL A CG1 1 
ATOM   433  C CG2 . VAL A 1 61  ? 4.538   -0.144  14.259  1.00 13.05 ? 61  VAL A CG2 1 
ATOM   434  N N   . ALA A 1 62  ? 5.263   0.295   9.771   1.00 10.42 ? 62  ALA A N   1 
ATOM   435  C CA  . ALA A 1 62  ? 5.674   0.816   8.456   1.00 9.85  ? 62  ALA A CA  1 
ATOM   436  C C   . ALA A 1 62  ? 4.465   0.864   7.505   1.00 10.14 ? 62  ALA A C   1 
ATOM   437  O O   . ALA A 1 62  ? 4.359   1.815   6.728   1.00 10.53 ? 62  ALA A O   1 
ATOM   438  C CB  . ALA A 1 62  ? 6.771   -0.070  7.881   1.00 10.96 ? 62  ALA A CB  1 
ATOM   439  N N   . ALA A 1 63  ? 3.602   -0.147  7.581   1.00 9.77  ? 63  ALA A N   1 
ATOM   440  C CA  . ALA A 1 63  ? 2.444   -0.256  6.651   1.00 9.34  ? 63  ALA A CA  1 
ATOM   441  C C   . ALA A 1 63  ? 1.560   0.978   6.888   1.00 9.01  ? 63  ALA A C   1 
ATOM   442  O O   . ALA A 1 63  ? 1.210   1.661   5.899   1.00 8.38  ? 63  ALA A O   1 
ATOM   443  C CB  . ALA A 1 63  ? 1.610   -1.496  6.863   1.00 10.14 ? 63  ALA A CB  1 
ATOM   444  N N   . VAL A 1 64  ? 1.198   1.195   8.169   1.00 8.74  ? 64  VAL A N   1 
ATOM   445  C CA  . VAL A 1 64  ? 0.324   2.339   8.590   1.00 9.59  ? 64  VAL A CA  1 
ATOM   446  C C   . VAL A 1 64  ? 0.984   3.675   8.243   1.00 9.21  ? 64  VAL A C   1 
ATOM   447  O O   . VAL A 1 64  ? 0.329   4.616   7.728   1.00 8.02  ? 64  VAL A O   1 
ATOM   448  C CB  . VAL A 1 64  ? -0.068  2.246   10.081  1.00 10.82 ? 64  VAL A CB  1 
ATOM   449  C CG1 . VAL A 1 64  ? -0.719  3.518   10.621  1.00 12.16 ? 64  VAL A CG1 1 
ATOM   450  C CG2 . VAL A 1 64  ? -1.011  1.074   10.244  1.00 12.90 ? 64  VAL A CG2 1 
ATOM   451  N N   . ARG A 1 65  ? 2.261   3.836   8.546   1.00 9.18  ? 65  ARG A N   1 
ATOM   452  C CA  . ARG A 1 65  ? 2.976   5.056   8.186   1.00 10.53 ? 65  ARG A CA  1 
ATOM   453  C C   . ARG A 1 65  ? 2.938   5.324   6.693   1.00 9.94  ? 65  ARG A C   1 
ATOM   454  O O   . ARG A 1 65  ? 2.657   6.427   6.269   1.00 10.43 ? 65  ARG A O   1 
ATOM   455  C CB  . ARG A 1 65  ? 4.403   4.988   8.718   1.00 10.66 ? 65  ARG A CB  1 
ATOM   456  C CG  . ARG A 1 65  ? 5.268   6.113   8.178   1.00 12.48 ? 65  ARG A CG  1 
ATOM   457  C CD  . ARG A 1 65  ? 6.657   6.022   8.786   1.00 13.22 ? 65  ARG A CD  1 
ATOM   458  N NE  . ARG A 1 65  ? 7.352   4.830   8.277   1.00 13.18 ? 65  ARG A NE  1 
ATOM   459  C CZ  . ARG A 1 65  ? 7.760   4.603   7.030   1.00 13.84 ? 65  ARG A CZ  1 
ATOM   460  N NH1 . ARG A 1 65  ? 7.554   5.481   6.061   1.00 15.61 ? 65  ARG A NH1 1 
ATOM   461  N NH2 . ARG A 1 65  ? 8.302   3.424   6.723   1.00 13.69 ? 65  ARG A NH2 1 
ATOM   462  N N   . GLU A 1 66  ? 3.216   4.308   5.887   1.00 9.21  ? 66  GLU A N   1 
ATOM   463  C CA  . GLU A 1 66  ? 3.274   4.509   4.448   1.00 9.79  ? 66  GLU A CA  1 
ATOM   464  C C   . GLU A 1 66  ? 1.904   4.872   3.868   1.00 8.25  ? 66  GLU A C   1 
ATOM   465  O O   . GLU A 1 66  ? 1.843   5.622   2.930   1.00 9.29  ? 66  GLU A O   1 
ATOM   466  C CB  . GLU A 1 66  ? 3.875   3.264   3.796   1.00 10.60 ? 66  GLU A CB  1 
ATOM   467  C CG  . GLU A 1 66  ? 5.366   3.181   4.050   1.00 12.60 ? 66  GLU A CG  1 
ATOM   468  C CD  . GLU A 1 66  ? 6.161   4.104   3.162   1.00 15.51 ? 66  GLU A CD  1 
ATOM   469  O OE1 . GLU A 1 66  ? 5.544   4.665   2.199   1.00 18.86 ? 66  GLU A OE1 1 
ATOM   470  O OE2 . GLU A 1 66  ? 7.375   4.249   3.412   1.00 18.88 ? 66  GLU A OE2 1 
ATOM   471  N N   A VAL A 1 67  ? 0.792   4.289   4.333   0.50 8.49  ? 67  VAL A N   1 
ATOM   472  N N   B VAL A 1 67  ? 0.851   4.228   4.365   0.50 8.41  ? 67  VAL A N   1 
ATOM   473  C CA  A VAL A 1 67  ? -0.531  4.635   3.758   0.50 8.00  ? 67  VAL A CA  1 
ATOM   474  C CA  B VAL A 1 67  ? -0.527  4.522   3.931   0.50 7.69  ? 67  VAL A CA  1 
ATOM   475  C C   A VAL A 1 67  ? -1.014  5.994   4.304   0.50 8.26  ? 67  VAL A C   1 
ATOM   476  C C   B VAL A 1 67  ? -0.839  5.995   4.242   0.50 8.20  ? 67  VAL A C   1 
ATOM   477  O O   A VAL A 1 67  ? -1.808  6.658   3.624   0.50 8.29  ? 67  VAL A O   1 
ATOM   478  O O   B VAL A 1 67  ? -1.238  6.713   3.317   0.50 8.02  ? 67  VAL A O   1 
ATOM   479  C CB  A VAL A 1 67  ? -1.576  3.528   3.957   0.50 8.03  ? 67  VAL A CB  1 
ATOM   480  C CB  B VAL A 1 67  ? -1.533  3.579   4.594   0.50 7.55  ? 67  VAL A CB  1 
ATOM   481  C CG1 A VAL A 1 67  ? -1.061  2.232   3.349   0.50 7.73  ? 67  VAL A CG1 1 
ATOM   482  C CG1 B VAL A 1 67  ? -2.949  4.055   4.364   0.50 7.38  ? 67  VAL A CG1 1 
ATOM   483  C CG2 A VAL A 1 67  ? -1.984  3.367   5.400   0.50 8.14  ? 67  VAL A CG2 1 
ATOM   484  C CG2 B VAL A 1 67  ? -1.344  2.176   4.063   0.50 7.87  ? 67  VAL A CG2 1 
ATOM   485  N N   . CYS A 1 68  ? -0.507  6.435   5.450   1.00 8.75  ? 68  CYS A N   1 
ATOM   486  C CA  . CYS A 1 68  ? -0.735  7.821   5.899   1.00 10.59 ? 68  CYS A CA  1 
ATOM   487  C C   . CYS A 1 68  ? -0.025  8.772   4.915   1.00 11.16 ? 68  CYS A C   1 
ATOM   488  O O   . CYS A 1 68  ? -0.666  9.708   4.369   1.00 12.53 ? 68  CYS A O   1 
ATOM   489  C CB  . CYS A 1 68  ? -0.307  7.966   7.352   1.00 11.54 ? 68  CYS A CB  1 
ATOM   490  S SG  . CYS A 1 68  ? -0.447  9.694   7.895   1.00 18.11 ? 68  CYS A SG  1 
ATOM   491  N N   A GLU A 1 69  ? 1.253   8.484   4.649   0.50 11.67 ? 69  GLU A N   1 
ATOM   492  N N   B GLU A 1 69  ? 1.243   8.515   4.609   0.50 11.59 ? 69  GLU A N   1 
ATOM   493  C CA  A GLU A 1 69  ? 2.145   9.311   3.787   0.50 11.65 ? 69  GLU A CA  1 
ATOM   494  C CA  B GLU A 1 69  ? 2.029   9.438   3.745   0.50 11.52 ? 69  GLU A CA  1 
ATOM   495  C C   A GLU A 1 69  ? 1.569   9.348   2.374   0.50 11.63 ? 69  GLU A C   1 
ATOM   496  C C   B GLU A 1 69  ? 1.506   9.383   2.314   0.50 11.55 ? 69  GLU A C   1 
ATOM   497  O O   A GLU A 1 69  ? 1.416   10.426  1.834   0.50 12.91 ? 69  GLU A O   1 
ATOM   498  O O   B GLU A 1 69  ? 1.367   10.429  1.672   0.50 12.60 ? 69  GLU A O   1 
ATOM   499  C CB  A GLU A 1 69  ? 3.574   8.758   3.768   0.50 13.32 ? 69  GLU A CB  1 
ATOM   500  C CB  B GLU A 1 69  ? 3.519   9.126   3.721   0.50 13.03 ? 69  GLU A CB  1 
ATOM   501  C CG  A GLU A 1 69  ? 4.350   8.888   5.066   0.50 14.76 ? 69  GLU A CG  1 
ATOM   502  C CG  B GLU A 1 69  ? 4.193   9.870   2.579   0.50 14.18 ? 69  GLU A CG  1 
ATOM   503  C CD  A GLU A 1 69  ? 5.716   8.213   5.011   0.50 16.06 ? 69  GLU A CD  1 
ATOM   504  C CD  B GLU A 1 69  ? 5.688   9.657   2.412   0.50 16.76 ? 69  GLU A CD  1 
ATOM   505  O OE1 A GLU A 1 69  ? 6.001   7.596   3.974   0.50 20.58 ? 69  GLU A OE1 1 
ATOM   506  O OE1 B GLU A 1 69  ? 6.268   8.884   3.186   0.50 19.50 ? 69  GLU A OE1 1 
ATOM   507  O OE2 A GLU A 1 69  ? 6.489   8.271   6.002   0.50 16.93 ? 69  GLU A OE2 1 
ATOM   508  O OE2 B GLU A 1 69  ? 6.258   10.257  1.495   0.50 20.03 ? 69  GLU A OE2 1 
ATOM   509  N N   . GLU A 1 70  ? 1.287   8.187   1.770   1.00 10.79 ? 70  GLU A N   1 
ATOM   510  C CA  . GLU A 1 70  ? 0.955   8.076   0.348   1.00 10.94 ? 70  GLU A CA  1 
ATOM   511  C C   . GLU A 1 70  ? -0.513  8.337   0.069   1.00 9.89  ? 70  GLU A C   1 
ATOM   512  O O   . GLU A 1 70  ? -0.806  8.855   -1.022  1.00 10.42 ? 70  GLU A O   1 
ATOM   513  C CB  . GLU A 1 70  ? 1.356   6.690   -0.174  1.00 11.44 ? 70  GLU A CB  1 
ATOM   514  C CG  . GLU A 1 70  ? 2.854   6.509   -0.207  1.00 12.43 ? 70  GLU A CG  1 
ATOM   515  C CD  . GLU A 1 70  ? 3.299   5.331   -1.062  1.00 14.61 ? 70  GLU A CD  1 
ATOM   516  O OE1 . GLU A 1 70  ? 2.443   4.544   -1.547  1.00 12.78 ? 70  GLU A OE1 1 
ATOM   517  O OE2 . GLU A 1 70  ? 4.529   5.268   -1.302  1.00 17.26 ? 70  GLU A OE2 1 
ATOM   518  N N   . ALA A 1 71  ? -1.410  7.816   0.911   1.00 9.76  ? 71  ALA A N   1 
ATOM   519  C CA  . ALA A 1 71  ? -2.847  7.806   0.596   1.00 9.17  ? 71  ALA A CA  1 
ATOM   520  C C   . ALA A 1 71  ? -3.628  8.779   1.496   1.00 9.14  ? 71  ALA A C   1 
ATOM   521  O O   . ALA A 1 71  ? -4.828  9.005   1.168   1.00 9.16  ? 71  ALA A O   1 
ATOM   522  C CB  . ALA A 1 71  ? -3.392  6.423   0.715   1.00 9.33  ? 71  ALA A CB  1 
ATOM   523  N N   . GLY A 1 72  ? -3.029  9.293   2.574   1.00 9.97  ? 72  GLY A N   1 
ATOM   524  C CA  . GLY A 1 72  ? -3.711  10.284  3.424   1.00 10.01 ? 72  GLY A CA  1 
ATOM   525  C C   . GLY A 1 72  ? -4.908  9.697   4.141   1.00 10.20 ? 72  GLY A C   1 
ATOM   526  O O   . GLY A 1 72  ? -5.941  10.406  4.301   1.00 11.09 ? 72  GLY A O   1 
ATOM   527  N N   . VAL A 1 73  ? -4.804  8.457   4.566   1.00 8.69  ? 73  VAL A N   1 
ATOM   528  C CA  . VAL A 1 73  ? -5.903  7.791   5.313   1.00 9.27  ? 73  VAL A CA  1 
ATOM   529  C C   . VAL A 1 73  ? -5.350  7.184   6.588   1.00 9.83  ? 73  VAL A C   1 
ATOM   530  O O   . VAL A 1 73  ? -4.169  6.788   6.656   1.00 10.63 ? 73  VAL A O   1 
ATOM   531  C CB  . VAL A 1 73  ? -6.656  6.749   4.476   1.00 10.45 ? 73  VAL A CB  1 
ATOM   532  C CG1 . VAL A 1 73  ? -7.326  7.364   3.275   1.00 10.19 ? 73  VAL A CG1 1 
ATOM   533  C CG2 . VAL A 1 73  ? -5.767  5.586   4.095   1.00 11.59 ? 73  VAL A CG2 1 
ATOM   534  N N   . LYS A 1 74  ? -6.258  6.876   7.527   1.00 9.46  ? 74  LYS A N   1 
ATOM   535  C CA  . LYS A 1 74  ? -5.925  6.209   8.784   1.00 10.69 ? 74  LYS A CA  1 
ATOM   536  C C   . LYS A 1 74  ? -7.103  5.283   9.034   1.00 9.51  ? 74  LYS A C   1 
ATOM   537  O O   . LYS A 1 74  ? -8.146  5.470   8.407   1.00 8.24  ? 74  LYS A O   1 
ATOM   538  C CB  . LYS A 1 74  ? -5.782  7.217   9.937   1.00 12.80 ? 74  LYS A CB  1 
ATOM   539  C CG  . LYS A 1 74  ? -4.555  8.113   9.771   1.00 15.89 ? 74  LYS A CG  1 
ATOM   540  C CD  . LYS A 1 74  ? -4.103  8.941   10.927  1.00 18.41 ? 74  LYS A CD  1 
ATOM   541  C CE  . LYS A 1 74  ? -3.132  10.027  10.482  1.00 19.85 ? 74  LYS A CE  1 
ATOM   542  N NZ  . LYS A 1 74  ? -1.805  9.565   10.001  1.00 20.64 ? 74  LYS A NZ  1 
ATOM   543  N N   . GLY A 1 75  ? -6.864  4.270   9.822   1.00 8.92  ? 75  GLY A N   1 
ATOM   544  C CA  . GLY A 1 75  ? -7.968  3.392   10.225  1.00 9.47  ? 75  GLY A CA  1 
ATOM   545  C C   . GLY A 1 75  ? -7.521  2.282   11.123  1.00 10.24 ? 75  GLY A C   1 
ATOM   546  O O   . GLY A 1 75  ? -6.553  2.501   11.897  1.00 10.44 ? 75  GLY A O   1 
ATOM   547  N N   . THR A 1 76  ? -8.332  1.231   11.150  1.00 11.00 ? 76  THR A N   1 
ATOM   548  C CA  . THR A 1 76  ? -8.172  0.068   12.054  1.00 12.71 ? 76  THR A CA  1 
ATOM   549  C C   . THR A 1 76  ? -7.342  -1.000  11.342  1.00 11.03 ? 76  THR A C   1 
ATOM   550  O O   . THR A 1 76  ? -7.790  -1.523  10.334  1.00 11.34 ? 76  THR A O   1 
ATOM   551  C CB  . THR A 1 76  ? -9.535  -0.484  12.448  1.00 14.91 ? 76  THR A CB  1 
ATOM   552  O OG1 . THR A 1 76  ? -10.242 0.676   12.872  1.00 19.56 ? 76  THR A OG1 1 
ATOM   553  C CG2 . THR A 1 76  ? -9.456  -1.522  13.542  1.00 16.89 ? 76  THR A CG2 1 
ATOM   554  N N   . LEU A 1 77  ? -6.115  -1.200  11.804  1.00 11.53 ? 77  LEU A N   1 
ATOM   555  C CA  . LEU A 1 77  ? -5.239  -2.220  11.155  1.00 12.64 ? 77  LEU A CA  1 
ATOM   556  C C   . LEU A 1 77  ? -5.846  -3.588  11.388  1.00 13.96 ? 77  LEU A C   1 
ATOM   557  O O   . LEU A 1 77  ? -6.214  -3.925  12.546  1.00 14.30 ? 77  LEU A O   1 
ATOM   558  C CB  . LEU A 1 77  ? -3.822  -2.144  11.716  1.00 14.76 ? 77  LEU A CB  1 
ATOM   559  C CG  . LEU A 1 77  ? -2.849  -3.051  10.989  1.00 17.08 ? 77  LEU A CG  1 
ATOM   560  C CD1 . LEU A 1 77  ? -2.575  -2.529  9.582   1.00 16.67 ? 77  LEU A CD1 1 
ATOM   561  C CD2 . LEU A 1 77  ? -1.592  -3.193  11.815  1.00 20.28 ? 77  LEU A CD2 1 
ATOM   562  N N   . GLY A 1 78  ? -5.996  -4.349  10.310  1.00 11.64 ? 78  GLY A N   1 
ATOM   563  C CA  . GLY A 1 78  ? -6.475  -5.735  10.372  1.00 13.16 ? 78  GLY A CA  1 
ATOM   564  C C   . GLY A 1 78  ? -5.325  -6.733  10.226  1.00 12.17 ? 78  GLY A C   1 
ATOM   565  O O   . GLY A 1 78  ? -4.155  -6.440  10.587  1.00 11.47 ? 78  GLY A O   1 
ATOM   566  N N   A ARG A 1 79  ? -5.652  -7.889  9.676   0.50 12.37 ? 79  ARG A N   1 
ATOM   567  N N   B ARG A 1 79  ? -5.663  -7.884  9.664   0.50 12.21 ? 79  ARG A N   1 
ATOM   568  C CA  A ARG A 1 79  ? -4.753  -9.064  9.619   0.50 12.80 ? 79  ARG A CA  1 
ATOM   569  C CA  B ARG A 1 79  ? -4.792  -9.081  9.549   0.50 12.52 ? 79  ARG A CA  1 
ATOM   570  C C   A ARG A 1 79  ? -3.640  -8.828  8.601   0.50 12.85 ? 79  ARG A C   1 
ATOM   571  C C   B ARG A 1 79  ? -3.637  -8.820  8.587   0.50 12.68 ? 79  ARG A C   1 
ATOM   572  O O   A ARG A 1 79  ? -3.865  -8.105  7.616   0.50 11.69 ? 79  ARG A O   1 
ATOM   573  O O   B ARG A 1 79  ? -3.836  -8.088  7.606   0.50 11.57 ? 79  ARG A O   1 
ATOM   574  C CB  A ARG A 1 79  ? -5.571  -10.316 9.293   0.50 14.22 ? 79  ARG A CB  1 
ATOM   575  C CB  B ARG A 1 79  ? -5.628  -10.275 9.072   0.50 13.59 ? 79  ARG A CB  1 
ATOM   576  C CG  A ARG A 1 79  ? -5.948  -10.514 7.831   0.50 15.18 ? 79  ARG A CG  1 
ATOM   577  C CG  B ARG A 1 79  ? -6.209  -10.185 7.665   0.50 14.76 ? 79  ARG A CG  1 
ATOM   578  C CD  A ARG A 1 79  ? -6.952  -11.635 7.590   0.50 16.60 ? 79  ARG A CD  1 
ATOM   579  C CD  B ARG A 1 79  ? -7.436  -11.069 7.500   0.50 15.79 ? 79  ARG A CD  1 
ATOM   580  N NE  A ARG A 1 79  ? -7.435  -11.624 6.218   0.50 16.31 ? 79  ARG A NE  1 
ATOM   581  N NE  B ARG A 1 79  ? -8.017  -11.013 6.172   0.50 15.63 ? 79  ARG A NE  1 
ATOM   582  C CZ  A ARG A 1 79  ? -6.842  -12.250 5.204   0.50 17.71 ? 79  ARG A CZ  1 
ATOM   583  C CZ  B ARG A 1 79  ? -9.066  -10.266 5.819   0.50 15.22 ? 79  ARG A CZ  1 
ATOM   584  N NH1 A ARG A 1 79  ? -7.355  -12.194 3.986   0.50 18.70 ? 79  ARG A NH1 1 
ATOM   585  N NH1 B ARG A 1 79  ? -9.508  -10.328 4.574   0.50 16.44 ? 79  ARG A NH1 1 
ATOM   586  N NH2 A ARG A 1 79  ? -5.743  -12.939 5.422   0.50 16.10 ? 79  ARG A NH2 1 
ATOM   587  N NH2 B ARG A 1 79  ? -9.679  -9.487  6.698   0.50 13.69 ? 79  ARG A NH2 1 
ATOM   588  N N   . LEU A 1 80  ? -2.505  -9.489  8.829   1.00 12.51 ? 80  LEU A N   1 
ATOM   589  C CA  . LEU A 1 80  ? -1.475  -9.723  7.772   1.00 11.63 ? 80  LEU A CA  1 
ATOM   590  C C   . LEU A 1 80  ? -2.070  -10.666 6.742   1.00 11.65 ? 80  LEU A C   1 
ATOM   591  O O   . LEU A 1 80  ? -2.471  -11.797 7.104   1.00 12.16 ? 80  LEU A O   1 
ATOM   592  C CB  . LEU A 1 80  ? -0.222  -10.318 8.402   1.00 11.71 ? 80  LEU A CB  1 
ATOM   593  C CG  . LEU A 1 80  ? 0.926   -10.629 7.448   1.00 12.40 ? 80  LEU A CG  1 
ATOM   594  C CD1 . LEU A 1 80  ? 1.490   -9.359  6.849   1.00 11.68 ? 80  LEU A CD1 1 
ATOM   595  C CD2 . LEU A 1 80  ? 2.037   -11.378 8.188   1.00 13.68 ? 80  LEU A CD2 1 
ATOM   596  N N   . VAL A 1 81  ? -2.148  -10.226 5.498   1.00 9.66  ? 81  VAL A N   1 
ATOM   597  C CA  . VAL A 1 81  ? -2.607  -11.078 4.388   1.00 9.59  ? 81  VAL A CA  1 
ATOM   598  C C   . VAL A 1 81  ? -1.481  -12.045 4.029   1.00 10.10 ? 81  VAL A C   1 
ATOM   599  O O   . VAL A 1 81  ? -1.797  -13.232 3.765   1.00 10.20 ? 81  VAL A O   1 
ATOM   600  C CB  . VAL A 1 81  ? -2.974  -10.213 3.177   1.00 10.70 ? 81  VAL A CB  1 
ATOM   601  C CG1 . VAL A 1 81  ? -3.323  -11.038 1.987   1.00 10.99 ? 81  VAL A CG1 1 
ATOM   602  C CG2 . VAL A 1 81  ? -4.129  -9.283  3.537   1.00 11.90 ? 81  VAL A CG2 1 
ATOM   603  N N   . GLY A 1 82  ? -0.239  -11.553 3.940   1.00 7.92  ? 82  GLY A N   1 
ATOM   604  C CA  . GLY A 1 82  ? 0.856   -12.406 3.500   1.00 8.43  ? 82  GLY A CA  1 
ATOM   605  C C   . GLY A 1 82  ? 2.097   -11.570 3.226   1.00 7.59  ? 82  GLY A C   1 
ATOM   606  O O   . GLY A 1 82  ? 2.073   -10.358 3.411   1.00 7.10  ? 82  GLY A O   1 
ATOM   607  N N   . ILE A 1 83  ? 3.152   -12.251 2.885   1.00 8.14  ? 83  ILE A N   1 
ATOM   608  C CA  . ILE A 1 83  ? 4.475   -11.655 2.553   1.00 8.82  ? 83  ILE A CA  1 
ATOM   609  C C   . ILE A 1 83  ? 4.678   -11.989 1.069   1.00 9.14  ? 83  ILE A C   1 
ATOM   610  O O   . ILE A 1 83  ? 4.656   -13.190 0.728   1.00 10.33 ? 83  ILE A O   1 
ATOM   611  C CB  . ILE A 1 83  ? 5.580   -12.157 3.492   1.00 10.84 ? 83  ILE A CB  1 
ATOM   612  C CG1 . ILE A 1 83  ? 5.155   -11.961 4.958   1.00 12.66 ? 83  ILE A CG1 1 
ATOM   613  C CG2 . ILE A 1 83  ? 6.867   -11.453 3.142   1.00 11.87 ? 83  ILE A CG2 1 
ATOM   614  C CD1 . ILE A 1 83  ? 6.061   -12.531 6.011   1.00 13.83 ? 83  ILE A CD1 1 
ATOM   615  N N   . PHE A 1 84  ? 4.906   -11.007 0.219   1.00 8.13  ? 84  PHE A N   1 
ATOM   616  C CA  . PHE A 1 84  ? 4.863   -11.116 -1.255  1.00 8.14  ? 84  PHE A CA  1 
ATOM   617  C C   . PHE A 1 84  ? 6.225   -10.700 -1.804  1.00 9.31  ? 84  PHE A C   1 
ATOM   618  O O   . PHE A 1 84  ? 6.678   -9.633  -1.460  1.00 9.01  ? 84  PHE A O   1 
ATOM   619  C CB  . PHE A 1 84  ? 3.767   -10.239 -1.844  1.00 8.41  ? 84  PHE A CB  1 
ATOM   620  C CG  . PHE A 1 84  ? 2.394   -10.724 -1.509  1.00 8.43  ? 84  PHE A CG  1 
ATOM   621  C CD1 . PHE A 1 84  ? 1.839   -10.496 -0.256  1.00 8.21  ? 84  PHE A CD1 1 
ATOM   622  C CD2 . PHE A 1 84  ? 1.677   -11.426 -2.467  1.00 8.43  ? 84  PHE A CD2 1 
ATOM   623  C CE1 . PHE A 1 84  ? 0.552   -10.953 0.007   1.00 8.69  ? 84  PHE A CE1 1 
ATOM   624  C CE2 . PHE A 1 84  ? 0.411   -11.908 -2.183  1.00 8.26  ? 84  PHE A CE2 1 
ATOM   625  C CZ  . PHE A 1 84  ? -0.140  -11.660 -0.962  1.00 8.87  ? 84  PHE A CZ  1 
ATOM   626  N N   . GLU A 1 85  ? 6.880   -11.584 -2.546  1.00 9.63  ? 85  GLU A N   1 
ATOM   627  C CA  . GLU A 1 85  ? 8.172   -11.257 -3.185  1.00 11.36 ? 85  GLU A CA  1 
ATOM   628  C C   . GLU A 1 85  ? 7.879   -10.746 -4.564  1.00 10.62 ? 85  GLU A C   1 
ATOM   629  O O   . GLU A 1 85  ? 7.065   -11.367 -5.322  1.00 11.07 ? 85  GLU A O   1 
ATOM   630  C CB  . GLU A 1 85  ? 9.047   -12.504 -3.365  1.00 13.89 ? 85  GLU A CB  1 
ATOM   631  C CG  . GLU A 1 85  ? 9.902   -12.816 -2.195  1.00 20.36 ? 85  GLU A CG  1 
ATOM   632  C CD  . GLU A 1 85  ? 10.875  -13.938 -2.553  1.00 21.78 ? 85  GLU A CD  1 
ATOM   633  O OE1 . GLU A 1 85  ? 10.830  -14.477 -3.706  1.00 22.87 ? 85  GLU A OE1 1 
ATOM   634  O OE2 . GLU A 1 85  ? 11.631  -14.301 -1.673  1.00 32.75 ? 85  GLU A OE2 1 
ATOM   635  N N   . ASN A 1 86  ? 8.666   -9.763  -4.973  1.00 10.98 ? 86  ASN A N   1 
ATOM   636  C CA  . ASN A 1 86  ? 8.759   -9.362  -6.387  1.00 12.08 ? 86  ASN A CA  1 
ATOM   637  C C   . ASN A 1 86  ? 10.164  -9.779  -6.818  1.00 12.44 ? 86  ASN A C   1 
ATOM   638  O O   . ASN A 1 86  ? 11.144  -9.129  -6.377  1.00 12.59 ? 86  ASN A O   1 
ATOM   639  C CB  . ASN A 1 86  ? 8.443   -7.873  -6.570  1.00 13.59 ? 86  ASN A CB  1 
ATOM   640  C CG  . ASN A 1 86  ? 8.564   -7.377  -7.996  1.00 15.29 ? 86  ASN A CG  1 
ATOM   641  O OD1 . ASN A 1 86  ? 9.401   -7.875  -8.758  1.00 14.42 ? 86  ASN A OD1 1 
ATOM   642  N ND2 . ASN A 1 86  ? 7.773   -6.378  -8.344  1.00 16.67 ? 86  ASN A ND2 1 
ATOM   643  N N   . GLN A 1 87  ? 10.267  -10.893 -7.554  1.00 13.33 ? 87  GLN A N   1 
ATOM   644  C CA  . GLN A 1 87  ? 11.588  -11.422 -7.971  1.00 15.32 ? 87  GLN A CA  1 
ATOM   645  C C   . GLN A 1 87  ? 12.243  -10.444 -8.949  1.00 16.15 ? 87  GLN A C   1 
ATOM   646  O O   . GLN A 1 87  ? 13.480  -10.279 -8.838  1.00 19.58 ? 87  GLN A O   1 
ATOM   647  C CB  . GLN A 1 87  ? 11.433  -12.821 -8.573  1.00 17.56 ? 87  GLN A CB  1 
ATOM   648  C CG  . GLN A 1 87  ? 10.884  -13.855 -7.590  1.00 21.92 ? 87  GLN A CG  1 
ATOM   649  C CD  . GLN A 1 87  ? 11.888  -14.405 -6.611  1.00 26.79 ? 87  GLN A CD  1 
ATOM   650  O OE1 . GLN A 1 87  ? 12.286  -15.586 -6.684  1.00 33.58 ? 87  GLN A OE1 1 
ATOM   651  N NE2 . GLN A 1 87  ? 12.229  -13.578 -5.623  1.00 26.65 ? 87  GLN A NE2 1 
ATOM   652  N N   . GLU A 1 88  ? 11.502  -9.779  -9.851  1.00 16.06 ? 88  GLU A N   1 
ATOM   653  C CA  . GLU A 1 88  ? 12.108  -8.855  -10.853 1.00 19.12 ? 88  GLU A CA  1 
ATOM   654  C C   . GLU A 1 88  ? 12.820  -7.686  -10.154 1.00 20.58 ? 88  GLU A C   1 
ATOM   655  O O   . GLU A 1 88  ? 13.961  -7.306  -10.552 1.00 19.48 ? 88  GLU A O   1 
ATOM   656  C CB  . GLU A 1 88  ? 11.051  -8.254  -11.784 1.00 23.14 ? 88  GLU A CB  1 
ATOM   657  C CG  . GLU A 1 88  ? 10.580  -9.194  -12.862 1.00 30.29 ? 88  GLU A CG  1 
ATOM   658  C CD  . GLU A 1 88  ? 9.735   -8.472  -13.893 1.00 35.45 ? 88  GLU A CD  1 
ATOM   659  O OE1 . GLU A 1 88  ? 9.328   -7.315  -13.610 1.00 38.82 ? 88  GLU A OE1 1 
ATOM   660  O OE2 . GLU A 1 88  ? 9.510   -9.050  -14.981 1.00 49.91 ? 88  GLU A OE2 1 
ATOM   661  N N   . ARG A 1 89  ? 12.191  -7.115  -9.128  1.00 16.63 ? 89  ARG A N   1 
ATOM   662  C CA  . ARG A 1 89  ? 12.627  -5.864  -8.477  1.00 16.79 ? 89  ARG A CA  1 
ATOM   663  C C   . ARG A 1 89  ? 13.343  -6.185  -7.158  1.00 13.99 ? 89  ARG A C   1 
ATOM   664  O O   . ARG A 1 89  ? 13.830  -5.244  -6.543  1.00 15.71 ? 89  ARG A O   1 
ATOM   665  C CB  . ARG A 1 89  ? 11.440  -4.936  -8.213  1.00 19.02 ? 89  ARG A CB  1 
ATOM   666  C CG  . ARG A 1 89  ? 10.646  -4.548  -9.458  1.00 22.45 ? 89  ARG A CG  1 
ATOM   667  C CD  . ARG A 1 89  ? 11.537  -4.003  -10.556 1.00 26.75 ? 89  ARG A CD  1 
ATOM   668  N NE  . ARG A 1 89  ? 12.370  -2.895  -10.142 1.00 31.17 ? 89  ARG A NE  1 
ATOM   669  C CZ  . ARG A 1 89  ? 13.266  -2.284  -10.914 1.00 35.76 ? 89  ARG A CZ  1 
ATOM   670  N NH1 . ARG A 1 89  ? 13.455  -2.678  -12.161 1.00 38.52 ? 89  ARG A NH1 1 
ATOM   671  N NH2 . ARG A 1 89  ? 13.970  -1.273  -10.439 1.00 36.68 ? 89  ARG A NH2 1 
ATOM   672  N N   . LYS A 1 90  ? 13.327  -7.433  -6.720  1.00 13.70 ? 90  LYS A N   1 
ATOM   673  C CA  . LYS A 1 90  ? 14.051  -7.901  -5.505  1.00 14.87 ? 90  LYS A CA  1 
ATOM   674  C C   . LYS A 1 90  ? 13.535  -7.097  -4.312  1.00 13.46 ? 90  LYS A C   1 
ATOM   675  O O   . LYS A 1 90  ? 14.355  -6.482  -3.542  1.00 11.53 ? 90  LYS A O   1 
ATOM   676  C CB  . LYS A 1 90  ? 15.571  -7.763  -5.676  1.00 17.48 ? 90  LYS A CB  1 
ATOM   677  C CG  . LYS A 1 90  ? 16.109  -8.573  -6.850  1.00 22.53 ? 90  LYS A CG  1 
ATOM   678  C CD  . LYS A 1 90  ? 16.074  -10.053 -6.594  1.00 30.07 ? 90  LYS A CD  1 
ATOM   679  C CE  . LYS A 1 90  ? 16.267  -10.883 -7.846  1.00 34.14 ? 90  LYS A CE  1 
ATOM   680  N NZ  . LYS A 1 90  ? 15.512  -12.155 -7.711  1.00 38.95 ? 90  LYS A NZ  1 
ATOM   681  N N   . HIS A 1 91  ? 12.232  -7.211  -4.075  1.00 10.95 ? 91  HIS A N   1 
ATOM   682  C CA  . HIS A 1 91  ? 11.692  -6.726  -2.799  1.00 10.76 ? 91  HIS A CA  1 
ATOM   683  C C   . HIS A 1 91  ? 10.667  -7.689  -2.238  1.00 9.64  ? 91  HIS A C   1 
ATOM   684  O O   . HIS A 1 91  ? 10.179  -8.521  -2.959  1.00 9.05  ? 91  HIS A O   1 
ATOM   685  C CB  . HIS A 1 91  ? 11.210  -5.307  -2.916  1.00 13.04 ? 91  HIS A CB  1 
ATOM   686  C CG  . HIS A 1 91  ? 10.137  -5.075  -3.897  1.00 12.77 ? 91  HIS A CG  1 
ATOM   687  N ND1 . HIS A 1 91  ? 10.280  -4.092  -4.865  1.00 15.70 ? 91  HIS A ND1 1 
ATOM   688  C CD2 . HIS A 1 91  ? 8.854   -5.483  -3.917  1.00 14.20 ? 91  HIS A CD2 1 
ATOM   689  C CE1 . HIS A 1 91  ? 9.158   -4.013  -5.554  1.00 14.64 ? 91  HIS A CE1 1 
ATOM   690  N NE2 . HIS A 1 91  ? 8.239   -4.847  -4.969  1.00 18.81 ? 91  HIS A NE2 1 
ATOM   691  N N   . ARG A 1 92  ? 10.467  -7.562  -0.960  1.00 8.62  ? 92  ARG A N   1 
ATOM   692  C CA  . ARG A 1 92  ? 9.601   -8.434  -0.156  1.00 8.79  ? 92  ARG A CA  1 
ATOM   693  C C   . ARG A 1 92  ? 8.683   -7.515  0.632   1.00 9.05  ? 92  ARG A C   1 
ATOM   694  O O   . ARG A 1 92  ? 9.188   -6.766  1.467   1.00 9.64  ? 92  ARG A O   1 
ATOM   695  C CB  . ARG A 1 92  ? 10.456  -9.391  0.685   1.00 10.43 ? 92  ARG A CB  1 
ATOM   696  C CG  . ARG A 1 92  ? 9.669   -10.409 1.490   1.00 12.73 ? 92  ARG A CG  1 
ATOM   697  C CD  . ARG A 1 92  ? 10.617  -11.460 2.084   1.00 13.93 ? 92  ARG A CD  1 
ATOM   698  N NE  . ARG A 1 92  ? 11.318  -12.246 1.078   1.00 14.67 ? 92  ARG A NE  1 
ATOM   699  C CZ  . ARG A 1 92  ? 12.645  -12.306 0.862   1.00 17.72 ? 92  ARG A CZ  1 
ATOM   700  N NH1 . ARG A 1 92  ? 13.495  -11.581 1.565   1.00 17.10 ? 92  ARG A NH1 1 
ATOM   701  N NH2 . ARG A 1 92  ? 13.113  -13.071 -0.108  1.00 17.98 ? 92  ARG A NH2 1 
ATOM   702  N N   . THR A 1 93  ? 7.361   -7.727  0.485   1.00 8.44  ? 93  THR A N   1 
ATOM   703  C CA  . THR A 1 93  ? 6.370   -6.765  1.017   1.00 6.97  ? 93  THR A CA  1 
ATOM   704  C C   . THR A 1 93  ? 5.427   -7.479  1.976   1.00 7.27  ? 93  THR A C   1 
ATOM   705  O O   . THR A 1 93  ? 4.805   -8.473  1.608   1.00 6.54  ? 93  THR A O   1 
ATOM   706  C CB  . THR A 1 93  ? 5.526   -6.073  -0.054  1.00 7.05  ? 93  THR A CB  1 
ATOM   707  O OG1 . THR A 1 93  ? 6.478   -5.499  -0.991  1.00 6.64  ? 93  THR A OG1 1 
ATOM   708  C CG2 . THR A 1 93  ? 4.587   -5.036  0.535   1.00 6.70  ? 93  THR A CG2 1 
ATOM   709  N N   . TYR A 1 94  ? 5.345   -6.988  3.191   1.00 7.81  ? 94  TYR A N   1 
ATOM   710  C CA  . TYR A 1 94  ? 4.291   -7.424  4.135   1.00 8.22  ? 94  TYR A CA  1 
ATOM   711  C C   . TYR A 1 94  ? 3.017   -6.656  3.799   1.00 8.02  ? 94  TYR A C   1 
ATOM   712  O O   . TYR A 1 94  ? 3.088   -5.409  3.730   1.00 8.02  ? 94  TYR A O   1 
ATOM   713  C CB  . TYR A 1 94  ? 4.703   -7.079  5.558   1.00 10.02 ? 94  TYR A CB  1 
ATOM   714  C CG  . TYR A 1 94  ? 5.779   -7.941  6.160   1.00 11.68 ? 94  TYR A CG  1 
ATOM   715  C CD1 . TYR A 1 94  ? 7.097   -7.817  5.771   1.00 14.36 ? 94  TYR A CD1 1 
ATOM   716  C CD2 . TYR A 1 94  ? 5.453   -8.777  7.199   1.00 14.82 ? 94  TYR A CD2 1 
ATOM   717  C CE1 . TYR A 1 94  ? 8.083   -8.620  6.332   1.00 17.77 ? 94  TYR A CE1 1 
ATOM   718  C CE2 . TYR A 1 94  ? 6.420   -9.572  7.787   1.00 14.89 ? 94  TYR A CE2 1 
ATOM   719  C CZ  . TYR A 1 94  ? 7.722   -9.480  7.354   1.00 18.59 ? 94  TYR A CZ  1 
ATOM   720  O OH  . TYR A 1 94  ? 8.637   -10.273 7.962   1.00 23.93 ? 94  TYR A OH  1 
ATOM   721  N N   . VAL A 1 95  ? 1.908   -7.366  3.583   1.00 7.75  ? 95  VAL A N   1 
ATOM   722  C CA  . VAL A 1 95  ? 0.642   -6.760  3.135   1.00 7.80  ? 95  VAL A CA  1 
ATOM   723  C C   . VAL A 1 95  ? -0.425  -6.982  4.198   1.00 7.82  ? 95  VAL A C   1 
ATOM   724  O O   . VAL A 1 95  ? -0.656  -8.121  4.559   1.00 8.15  ? 95  VAL A O   1 
ATOM   725  C CB  . VAL A 1 95  ? 0.147   -7.315  1.796   1.00 8.28  ? 95  VAL A CB  1 
ATOM   726  C CG1 . VAL A 1 95  ? -1.177  -6.725  1.378   1.00 9.36  ? 95  VAL A CG1 1 
ATOM   727  C CG2 . VAL A 1 95  ? 1.176   -7.056  0.728   1.00 7.83  ? 95  VAL A CG2 1 
ATOM   728  N N   . TYR A 1 96  ? -0.941  -5.871  4.739   1.00 8.28  ? 96  TYR A N   1 
ATOM   729  C CA  . TYR A 1 96  ? -1.988  -5.875  5.792   1.00 8.65  ? 96  TYR A CA  1 
ATOM   730  C C   . TYR A 1 96  ? -3.312  -5.340  5.265   1.00 9.58  ? 96  TYR A C   1 
ATOM   731  O O   . TYR A 1 96  ? -3.388  -4.577  4.343   1.00 9.44  ? 96  TYR A O   1 
ATOM   732  C CB  . TYR A 1 96  ? -1.578  -4.948  6.925   1.00 8.41  ? 96  TYR A CB  1 
ATOM   733  C CG  . TYR A 1 96  ? -0.399  -5.418  7.692   1.00 7.84  ? 96  TYR A CG  1 
ATOM   734  C CD1 . TYR A 1 96  ? 0.886   -5.130  7.249   1.00 8.21  ? 96  TYR A CD1 1 
ATOM   735  C CD2 . TYR A 1 96  ? -0.596  -6.231  8.790   1.00 8.47  ? 96  TYR A CD2 1 
ATOM   736  C CE1 . TYR A 1 96  ? 1.986   -5.565  7.966   1.00 8.97  ? 96  TYR A CE1 1 
ATOM   737  C CE2 . TYR A 1 96  ? 0.503   -6.700  9.489   1.00 9.01  ? 96  TYR A CE2 1 
ATOM   738  C CZ  . TYR A 1 96  ? 1.787   -6.382  9.061   1.00 9.70  ? 96  TYR A CZ  1 
ATOM   739  O OH  . TYR A 1 96  ? 2.866   -6.823  9.781   1.00 15.12 ? 96  TYR A OH  1 
ATOM   740  N N   . VAL A 1 97  ? -4.410  -5.809  5.874   1.00 9.52  ? 97  VAL A N   1 
ATOM   741  C CA  . VAL A 1 97  ? -5.736  -5.199  5.722   1.00 9.77  ? 97  VAL A CA  1 
ATOM   742  C C   . VAL A 1 97  ? -5.769  -3.953  6.622   1.00 9.17  ? 97  VAL A C   1 
ATOM   743  O O   . VAL A 1 97  ? -5.296  -4.013  7.786   1.00 10.21 ? 97  VAL A O   1 
ATOM   744  C CB  . VAL A 1 97  ? -6.820  -6.210  6.139   1.00 11.06 ? 97  VAL A CB  1 
ATOM   745  C CG1 . VAL A 1 97  ? -8.160  -5.536  6.258   1.00 12.77 ? 97  VAL A CG1 1 
ATOM   746  C CG2 . VAL A 1 97  ? -6.895  -7.354  5.134   1.00 11.85 ? 97  VAL A CG2 1 
ATOM   747  N N   . LEU A 1 98  ? -6.284  -2.855  6.093   1.00 8.08  ? 98  LEU A N   1 
ATOM   748  C CA  A LEU A 1 98  ? -6.605  -1.612  6.874   0.50 8.46  ? 98  LEU A CA  1 
ATOM   749  C CA  B LEU A 1 98  ? -6.624  -1.669  6.914   0.50 8.57  ? 98  LEU A CA  1 
ATOM   750  C C   . LEU A 1 98  ? -8.051  -1.249  6.556   1.00 8.59  ? 98  LEU A C   1 
ATOM   751  O O   . LEU A 1 98  ? -8.382  -1.108  5.381   1.00 9.39  ? 98  LEU A O   1 
ATOM   752  C CB  A LEU A 1 98  ? -5.662  -0.459  6.487   0.50 8.44  ? 98  LEU A CB  1 
ATOM   753  C CB  B LEU A 1 98  ? -5.570  -0.589  6.661   0.50 8.71  ? 98  LEU A CB  1 
ATOM   754  C CG  A LEU A 1 98  ? -5.713  0.853   7.288   0.50 8.50  ? 98  LEU A CG  1 
ATOM   755  C CG  B LEU A 1 98  ? -5.757  0.724   7.405   0.50 9.04  ? 98  LEU A CG  1 
ATOM   756  C CD1 A LEU A 1 98  ? -5.088  0.681   8.670   0.50 7.97  ? 98  LEU A CD1 1 
ATOM   757  C CD1 B LEU A 1 98  ? -6.572  1.687   6.595   0.50 8.45  ? 98  LEU A CD1 1 
ATOM   758  C CD2 A LEU A 1 98  ? -4.893  1.919   6.561   0.50 8.09  ? 98  LEU A CD2 1 
ATOM   759  C CD2 B LEU A 1 98  ? -6.319  0.474   8.776   0.50 9.17  ? 98  LEU A CD2 1 
ATOM   760  N N   . ILE A 1 99  ? -8.913  -1.160  7.571   1.00 8.67  ? 99  ILE A N   1 
ATOM   761  C CA  . ILE A 1 99  ? -10.274 -0.601  7.365   1.00 9.43  ? 99  ILE A CA  1 
ATOM   762  C C   . ILE A 1 99  ? -10.226 0.924   7.610   1.00 8.65  ? 99  ILE A C   1 
ATOM   763  O O   . ILE A 1 99  ? -9.917  1.362   8.745   1.00 9.44  ? 99  ILE A O   1 
ATOM   764  C CB  . ILE A 1 99  ? -11.319 -1.331  8.250   1.00 10.10 ? 99  ILE A CB  1 
ATOM   765  C CG1 . ILE A 1 99  ? -11.166 -2.843  8.109   1.00 10.73 ? 99  ILE A CG1 1 
ATOM   766  C CG2 . ILE A 1 99  ? -12.697 -0.816  7.869   1.00 11.73 ? 99  ILE A CG2 1 
ATOM   767  C CD1 . ILE A 1 99  ? -11.340 -3.336  6.706   1.00 12.57 ? 99  ILE A CD1 1 
ATOM   768  N N   . VAL A 1 100 ? -10.406 1.702   6.545   1.00 8.48  ? 100 VAL A N   1 
ATOM   769  C CA  . VAL A 1 100 ? -10.261 3.179   6.586   1.00 9.63  ? 100 VAL A CA  1 
ATOM   770  C C   . VAL A 1 100 ? -11.347 3.796   7.489   1.00 10.10 ? 100 VAL A C   1 
ATOM   771  O O   . VAL A 1 100 ? -12.564 3.519   7.260   1.00 10.72 ? 100 VAL A O   1 
ATOM   772  C CB  . VAL A 1 100 ? -10.240 3.754   5.172   1.00 10.15 ? 100 VAL A CB  1 
ATOM   773  C CG1 . VAL A 1 100 ? -10.245 5.271   5.249   1.00 10.11 ? 100 VAL A CG1 1 
ATOM   774  C CG2 . VAL A 1 100 ? -9.002  3.258   4.433   1.00 10.67 ? 100 VAL A CG2 1 
ATOM   775  N N   . THR A 1 101 ? -10.925 4.607   8.473   1.00 9.35  ? 101 THR A N   1 
ATOM   776  C CA  . THR A 1 101 ? -11.869 5.364   9.321   1.00 11.38 ? 101 THR A CA  1 
ATOM   777  C C   . THR A 1 101 ? -11.663 6.859   9.197   1.00 11.22 ? 101 THR A C   1 
ATOM   778  O O   . THR A 1 101 ? -12.492 7.595   9.756   1.00 12.69 ? 101 THR A O   1 
ATOM   779  C CB  . THR A 1 101 ? -11.790 4.896   10.773  1.00 11.87 ? 101 THR A CB  1 
ATOM   780  O OG1 . THR A 1 101 ? -10.537 5.252   11.354  1.00 12.29 ? 101 THR A OG1 1 
ATOM   781  C CG2 . THR A 1 101 ? -12.100 3.428   10.921  1.00 13.55 ? 101 THR A CG2 1 
ATOM   782  N N   A GLU A 1 102 ? -10.576 7.337   8.585   0.50 9.97  ? 102 GLU A N   1 
ATOM   783  N N   B GLU A 1 102 ? -10.625 7.316   8.504   0.50 10.17 ? 102 GLU A N   1 
ATOM   784  C CA  A GLU A 1 102 ? -10.262 8.788   8.524   0.50 10.66 ? 102 GLU A CA  1 
ATOM   785  C CA  B GLU A 1 102 ? -10.276 8.751   8.466   0.50 11.08 ? 102 GLU A CA  1 
ATOM   786  C C   A GLU A 1 102 ? -9.692  9.048   7.130   0.50 10.07 ? 102 GLU A C   1 
ATOM   787  C C   B GLU A 1 102 ? -9.695  9.029   7.094   0.50 10.28 ? 102 GLU A C   1 
ATOM   788  O O   A GLU A 1 102 ? -8.729  8.368   6.761   0.50 9.58  ? 102 GLU A O   1 
ATOM   789  O O   B GLU A 1 102 ? -8.724  8.364   6.721   0.50 9.78  ? 102 GLU A O   1 
ATOM   790  C CB  A GLU A 1 102 ? -9.320  9.232   9.658   0.50 11.15 ? 102 GLU A CB  1 
ATOM   791  C CB  B GLU A 1 102 ? -9.299  9.097   9.585   0.50 11.88 ? 102 GLU A CB  1 
ATOM   792  C CG  A GLU A 1 102 ? -9.831  8.909   11.077  0.50 11.63 ? 102 GLU A CG  1 
ATOM   793  C CG  B GLU A 1 102 ? -8.575  10.410  9.403   0.50 12.87 ? 102 GLU A CG  1 
ATOM   794  C CD  A GLU A 1 102 ? -9.111  9.537   12.254  0.50 12.52 ? 102 GLU A CD  1 
ATOM   795  C CD  B GLU A 1 102 ? -7.629  10.706  10.555  0.50 14.25 ? 102 GLU A CD  1 
ATOM   796  O OE1 A GLU A 1 102 ? -8.036  10.109  12.026  0.50 14.96 ? 102 GLU A OE1 1 
ATOM   797  O OE1 B GLU A 1 102 ? -7.784  10.065  11.590  0.50 15.23 ? 102 GLU A OE1 1 
ATOM   798  O OE2 A GLU A 1 102 ? -9.619  9.429   13.410  0.50 11.67 ? 102 GLU A OE2 1 
ATOM   799  O OE2 B GLU A 1 102 ? -6.714  11.522  10.392  0.50 18.47 ? 102 GLU A OE2 1 
ATOM   800  N N   . VAL A 1 103 ? -10.309 9.962   6.377   1.00 10.37 ? 103 VAL A N   1 
ATOM   801  C CA  . VAL A 1 103 ? -9.837  10.403  5.044   1.00 10.74 ? 103 VAL A CA  1 
ATOM   802  C C   . VAL A 1 103 ? -9.391  11.842  5.181   1.00 11.45 ? 103 VAL A C   1 
ATOM   803  O O   . VAL A 1 103 ? -10.273 12.696  5.457   1.00 11.18 ? 103 VAL A O   1 
ATOM   804  C CB  . VAL A 1 103 ? -10.898 10.208  3.962   1.00 11.46 ? 103 VAL A CB  1 
ATOM   805  C CG1 . VAL A 1 103 ? -10.402 10.820  2.671   1.00 11.85 ? 103 VAL A CG1 1 
ATOM   806  C CG2 . VAL A 1 103 ? -11.292 8.734   3.802   1.00 10.98 ? 103 VAL A CG2 1 
ATOM   807  N N   . LEU A 1 104 ? -8.097  12.106  5.091   1.00 10.88 ? 104 LEU A N   1 
ATOM   808  C CA  . LEU A 1 104 ? -7.548  13.476  5.360   1.00 12.28 ? 104 LEU A CA  1 
ATOM   809  C C   . LEU A 1 104 ? -7.403  14.173  4.015   1.00 14.98 ? 104 LEU A C   1 
ATOM   810  O O   . LEU A 1 104 ? -7.085  13.503  3.036   1.00 14.63 ? 104 LEU A O   1 
ATOM   811  C CB  . LEU A 1 104 ? -6.218  13.366  6.090   1.00 13.58 ? 104 LEU A CB  1 
ATOM   812  C CG  . LEU A 1 104 ? -6.347  12.746  7.466   1.00 17.32 ? 104 LEU A CG  1 
ATOM   813  C CD1 . LEU A 1 104 ? -5.030  12.292  8.044   1.00 21.62 ? 104 LEU A CD1 1 
ATOM   814  C CD2 . LEU A 1 104 ? -7.086  13.702  8.391   1.00 19.39 ? 104 LEU A CD2 1 
ATOM   815  N N   . GLU A 1 105 ? -7.687  15.465  3.929   1.00 13.87 ? 105 GLU A N   1 
ATOM   816  C CA  . GLU A 1 105 ? -7.759  16.153  2.604   1.00 18.00 ? 105 GLU A CA  1 
ATOM   817  C C   . GLU A 1 105 ? -6.423  16.676  2.107   1.00 19.57 ? 105 GLU A C   1 
ATOM   818  O O   . GLU A 1 105 ? -6.329  16.865  0.868   1.00 27.92 ? 105 GLU A O   1 
ATOM   819  C CB  . GLU A 1 105 ? -8.709  17.342  2.624   1.00 20.03 ? 105 GLU A CB  1 
ATOM   820  C CG  . GLU A 1 105 ? -10.108 16.894  2.894   1.00 22.70 ? 105 GLU A CG  1 
ATOM   821  C CD  . GLU A 1 105 ? -10.490 15.631  2.131   1.00 26.72 ? 105 GLU A CD  1 
ATOM   822  O OE1 . GLU A 1 105 ? -9.989  15.487  0.992   1.00 29.95 ? 105 GLU A OE1 1 
ATOM   823  O OE2 . GLU A 1 105 ? -11.243 14.780  2.687   1.00 27.53 ? 105 GLU A OE2 1 
ATOM   824  N N   . ASP A 1 106 ? -5.444  16.959  2.929   1.00 21.19 ? 106 ASP A N   1 
ATOM   825  C CA  . ASP A 1 106 ? -4.243  17.603  2.310   1.00 26.09 ? 106 ASP A CA  1 
ATOM   826  C C   . ASP A 1 106 ? -2.987  16.877  2.774   1.00 28.04 ? 106 ASP A C   1 
ATOM   827  O O   . ASP A 1 106 ? -2.208  17.464  3.522   1.00 31.10 ? 106 ASP A O   1 
ATOM   828  C CB  . ASP A 1 106 ? -4.152  19.103  2.620   1.00 29.23 ? 106 ASP A CB  1 
ATOM   829  C CG  . ASP A 1 106 ? -5.116  19.969  1.833   1.00 35.13 ? 106 ASP A CG  1 
ATOM   830  O OD1 . ASP A 1 106 ? -5.154  19.835  0.575   1.00 39.88 ? 106 ASP A OD1 1 
ATOM   831  O OD2 . ASP A 1 106 ? -5.831  20.779  2.483   1.00 37.20 ? 106 ASP A OD2 1 
ATOM   832  N N   . TRP A 1 107 ? -2.761  15.664  2.279   1.00 20.44 ? 107 TRP A N   1 
ATOM   833  C CA  . TRP A 1 107 ? -1.812  14.714  2.907   1.00 18.57 ? 107 TRP A CA  1 
ATOM   834  C C   . TRP A 1 107 ? -0.427  14.848  2.270   1.00 17.25 ? 107 TRP A C   1 
ATOM   835  O O   . TRP A 1 107 ? -0.326  15.500  1.226   1.00 16.36 ? 107 TRP A O   1 
ATOM   836  C CB  . TRP A 1 107 ? -2.365  13.291  2.837   1.00 17.41 ? 107 TRP A CB  1 
ATOM   837  C CG  . TRP A 1 107 ? -2.399  12.685  1.471   1.00 16.45 ? 107 TRP A CG  1 
ATOM   838  C CD1 . TRP A 1 107 ? -1.492  11.796  0.965   1.00 15.67 ? 107 TRP A CD1 1 
ATOM   839  C CD2 . TRP A 1 107 ? -3.383  12.873  0.447   1.00 15.35 ? 107 TRP A CD2 1 
ATOM   840  N NE1 . TRP A 1 107 ? -1.855  11.434  -0.297  1.00 15.41 ? 107 TRP A NE1 1 
ATOM   841  C CE2 . TRP A 1 107 ? -2.997  12.085  -0.654  1.00 15.97 ? 107 TRP A CE2 1 
ATOM   842  C CE3 . TRP A 1 107 ? -4.538  13.664  0.322   1.00 14.94 ? 107 TRP A CE3 1 
ATOM   843  C CZ2 . TRP A 1 107 ? -3.739  12.030  -1.829  1.00 16.58 ? 107 TRP A CZ2 1 
ATOM   844  C CZ3 . TRP A 1 107 ? -5.267  13.604  -0.831  1.00 16.75 ? 107 TRP A CZ3 1 
ATOM   845  C CH2 . TRP A 1 107 ? -4.874  12.804  -1.905  1.00 18.23 ? 107 TRP A CH2 1 
ATOM   846  N N   . GLU A 1 108 ? 0.572   14.237  2.891   1.00 20.48 ? 108 GLU A N   1 
ATOM   847  C CA  . GLU A 1 108 ? 2.003   14.506  2.618   1.00 20.91 ? 108 GLU A CA  1 
ATOM   848  C C   . GLU A 1 108 ? 2.319   14.397  1.124   1.00 23.26 ? 108 GLU A C   1 
ATOM   849  O O   . GLU A 1 108 ? 2.965   15.307  0.591   1.00 22.45 ? 108 GLU A O   1 
ATOM   850  C CB  . GLU A 1 108 ? 2.849   13.565  3.461   1.00 24.73 ? 108 GLU A CB  1 
ATOM   851  C CG  . GLU A 1 108 ? 4.323   13.785  3.238   1.00 28.68 ? 108 GLU A CG  1 
ATOM   852  C CD  . GLU A 1 108 ? 5.233   13.035  4.186   1.00 31.41 ? 108 GLU A CD  1 
ATOM   853  O OE1 . GLU A 1 108 ? 4.726   12.413  5.155   1.00 35.83 ? 108 GLU A OE1 1 
ATOM   854  O OE2 . GLU A 1 108 ? 6.454   13.103  3.965   1.00 33.14 ? 108 GLU A OE2 1 
ATOM   855  N N   . ASP A 1 109 ? 1.929   13.304  0.446   1.00 21.28 ? 109 ASP A N   1 
ATOM   856  C CA  . ASP A 1 109 ? 2.315   13.111  -0.969  1.00 19.88 ? 109 ASP A CA  1 
ATOM   857  C C   . ASP A 1 109 ? 1.392   13.893  -1.910  1.00 20.40 ? 109 ASP A C   1 
ATOM   858  O O   . ASP A 1 109 ? 1.802   14.171  -3.058  1.00 22.75 ? 109 ASP A O   1 
ATOM   859  C CB  . ASP A 1 109 ? 2.326   11.626  -1.338  1.00 19.35 ? 109 ASP A CB  1 
ATOM   860  C CG  . ASP A 1 109 ? 3.526   10.862  -0.810  1.00 19.47 ? 109 ASP A CG  1 
ATOM   861  O OD1 . ASP A 1 109 ? 4.335   11.448  -0.045  1.00 21.82 ? 109 ASP A OD1 1 
ATOM   862  O OD2 . ASP A 1 109 ? 3.631   9.674   -1.136  1.00 17.72 ? 109 ASP A OD2 1 
ATOM   863  N N   . SER A 1 110 ? 0.176   14.253  -1.487  1.00 20.34 ? 110 SER A N   1 
ATOM   864  C CA  A SER A 1 110 ? -0.670  15.173  -2.282  0.50 20.86 ? 110 SER A CA  1 
ATOM   865  C CA  B SER A 1 110 ? -0.680  15.176  -2.273  0.50 21.62 ? 110 SER A CA  1 
ATOM   866  C C   . SER A 1 110 ? 0.043   16.522  -2.336  1.00 22.62 ? 110 SER A C   1 
ATOM   867  O O   . SER A 1 110 ? 0.244   17.003  -3.448  1.00 23.10 ? 110 SER A O   1 
ATOM   868  C CB  A SER A 1 110 ? -2.048  15.325  -1.741  0.50 20.69 ? 110 SER A CB  1 
ATOM   869  C CB  B SER A 1 110 ? -2.075  15.316  -1.718  0.50 22.33 ? 110 SER A CB  1 
ATOM   870  O OG  A SER A 1 110 ? -2.762  16.252  -2.539  0.50 19.36 ? 110 SER A OG  1 
ATOM   871  O OG  B SER A 1 110 ? -2.070  15.854  -0.405  0.50 23.03 ? 110 SER A OG  1 
ATOM   872  N N   . VAL A 1 111 ? 0.461   16.998  -1.169  1.00 25.31 ? 111 VAL A N   1 
ATOM   873  C CA  . VAL A 1 111 ? 1.096   18.336  -0.991  1.00 29.61 ? 111 VAL A CA  1 
ATOM   874  C C   . VAL A 1 111 ? 2.429   18.319  -1.750  1.00 32.54 ? 111 VAL A C   1 
ATOM   875  O O   . VAL A 1 111 ? 2.658   19.219  -2.598  1.00 29.42 ? 111 VAL A O   1 
ATOM   876  C CB  . VAL A 1 111 ? 1.261   18.669  0.507   1.00 32.68 ? 111 VAL A CB  1 
ATOM   877  C CG1 . VAL A 1 111 ? 2.118   19.906  0.736   1.00 37.36 ? 111 VAL A CG1 1 
ATOM   878  C CG2 . VAL A 1 111 ? -0.089  18.810  1.215   1.00 34.36 ? 111 VAL A CG2 1 
ATOM   879  N N   . ASN A 1 112 ? 3.259   17.308  -1.494  1.00 31.71 ? 112 ASN A N   1 
ATOM   880  C CA  . ASN A 1 112 ? 4.690   17.321  -1.894  1.00 34.40 ? 112 ASN A CA  1 
ATOM   881  C C   . ASN A 1 112 ? 4.853   16.889  -3.355  1.00 35.74 ? 112 ASN A C   1 
ATOM   882  O O   . ASN A 1 112 ? 5.768   17.436  -3.996  1.00 35.22 ? 112 ASN A O   1 
ATOM   883  C CB  . ASN A 1 112 ? 5.551   16.453  -0.984  1.00 36.25 ? 112 ASN A CB  1 
ATOM   884  C CG  . ASN A 1 112 ? 5.583   16.926  0.447   1.00 37.80 ? 112 ASN A CG  1 
ATOM   885  O OD1 . ASN A 1 112 ? 5.186   18.049  0.752   1.00 46.02 ? 112 ASN A OD1 1 
ATOM   886  N ND2 . ASN A 1 112 ? 6.067   16.071  1.330   1.00 40.92 ? 112 ASN A ND2 1 
ATOM   887  N N   . ILE A 1 113 ? 4.049   15.951  -3.886  1.00 31.76 ? 113 ILE A N   1 
ATOM   888  C CA  . ILE A 1 113 ? 4.364   15.356  -5.223  1.00 31.75 ? 113 ILE A CA  1 
ATOM   889  C C   . ILE A 1 113 ? 3.105   15.161  -6.081  1.00 30.15 ? 113 ILE A C   1 
ATOM   890  O O   . ILE A 1 113 ? 3.222   14.644  -7.189  1.00 31.35 ? 113 ILE A O   1 
ATOM   891  C CB  . ILE A 1 113 ? 5.208   14.071  -5.027  1.00 32.68 ? 113 ILE A CB  1 
ATOM   892  C CG1 . ILE A 1 113 ? 4.459   12.992  -4.245  1.00 34.28 ? 113 ILE A CG1 1 
ATOM   893  C CG2 . ILE A 1 113 ? 6.552   14.371  -4.353  1.00 32.48 ? 113 ILE A CG2 1 
ATOM   894  C CD1 . ILE A 1 113 ? 5.264   11.737  -4.031  1.00 34.73 ? 113 ILE A CD1 1 
ATOM   895  N N   . GLY A 1 114 ? 1.940   15.632  -5.642  1.00 24.97 ? 114 GLY A N   1 
ATOM   896  C CA  . GLY A 1 114 ? 0.694   15.601  -6.426  1.00 25.45 ? 114 GLY A CA  1 
ATOM   897  C C   . GLY A 1 114 ? 0.120   14.202  -6.569  1.00 22.24 ? 114 GLY A C   1 
ATOM   898  O O   . GLY A 1 114 ? -0.672  13.976  -7.488  1.00 23.44 ? 114 GLY A O   1 
ATOM   899  N N   . ARG A 1 115 ? 0.466   13.301  -5.656  1.00 20.96 ? 115 ARG A N   1 
ATOM   900  C CA  . ARG A 1 115 ? -0.055  11.918  -5.734  1.00 18.52 ? 115 ARG A CA  1 
ATOM   901  C C   . ARG A 1 115 ? -1.575  11.941  -5.609  1.00 18.61 ? 115 ARG A C   1 
ATOM   902  O O   . ARG A 1 115 ? -2.062  12.696  -4.720  1.00 19.54 ? 115 ARG A O   1 
ATOM   903  C CB  . ARG A 1 115 ? 0.537   11.042  -4.630  1.00 19.00 ? 115 ARG A CB  1 
ATOM   904  C CG  . ARG A 1 115 ? 0.441   9.579   -4.995  1.00 16.26 ? 115 ARG A CG  1 
ATOM   905  C CD  . ARG A 1 115 ? 0.929   8.648   -3.917  1.00 15.18 ? 115 ARG A CD  1 
ATOM   906  N NE  . ARG A 1 115 ? 2.333   8.682   -3.551  1.00 17.60 ? 115 ARG A NE  1 
ATOM   907  C CZ  . ARG A 1 115 ? 3.301   7.922   -4.063  1.00 17.43 ? 115 ARG A CZ  1 
ATOM   908  N NH1 . ARG A 1 115 ? 3.078   7.100   -5.071  1.00 17.08 ? 115 ARG A NH1 1 
ATOM   909  N NH2 . ARG A 1 115 ? 4.522   7.987   -3.560  1.00 18.32 ? 115 ARG A NH2 1 
ATOM   910  N N   . LYS A 1 116 ? -2.279  11.166  -6.435  1.00 18.30 ? 116 LYS A N   1 
ATOM   911  C CA  . LYS A 1 116 ? -3.754  11.011  -6.425  1.00 18.26 ? 116 LYS A CA  1 
ATOM   912  C C   . LYS A 1 116 ? -4.147  9.721   -5.695  1.00 15.47 ? 116 LYS A C   1 
ATOM   913  O O   . LYS A 1 116 ? -3.325  8.798   -5.609  1.00 13.44 ? 116 LYS A O   1 
ATOM   914  C CB  . LYS A 1 116 ? -4.342  10.871  -7.824  1.00 24.12 ? 116 LYS A CB  1 
ATOM   915  C CG  . LYS A 1 116 ? -4.094  12.013  -8.795  1.00 30.51 ? 116 LYS A CG  1 
ATOM   916  C CD  . LYS A 1 116 ? -4.980  11.854  -10.011 1.00 34.28 ? 116 LYS A CD  1 
ATOM   917  C CE  . LYS A 1 116 ? -4.709  10.581  -10.793 1.00 38.64 ? 116 LYS A CE  1 
ATOM   918  N NZ  . LYS A 1 116 ? -3.285  10.518  -11.208 1.00 41.74 ? 116 LYS A NZ  1 
ATOM   919  N N   . ARG A 1 117 ? -5.396  9.617   -5.302  1.00 13.37 ? 117 ARG A N   1 
ATOM   920  C CA  . ARG A 1 117 ? -5.991  8.399   -4.741  1.00 13.25 ? 117 ARG A CA  1 
ATOM   921  C C   . ARG A 1 117 ? -7.375  8.225   -5.352  1.00 14.20 ? 117 ARG A C   1 
ATOM   922  O O   . ARG A 1 117 ? -8.026  9.266   -5.739  1.00 15.13 ? 117 ARG A O   1 
ATOM   923  C CB  . ARG A 1 117 ? -6.029  8.470   -3.215  1.00 12.39 ? 117 ARG A CB  1 
ATOM   924  C CG  . ARG A 1 117 ? -6.951  9.560   -2.689  1.00 12.47 ? 117 ARG A CG  1 
ATOM   925  C CD  . ARG A 1 117 ? -6.798  9.857   -1.232  1.00 12.12 ? 117 ARG A CD  1 
ATOM   926  N NE  . ARG A 1 117 ? -7.631  10.994  -0.851  1.00 12.79 ? 117 ARG A NE  1 
ATOM   927  C CZ  . ARG A 1 117 ? -7.583  11.585  0.319   1.00 12.16 ? 117 ARG A CZ  1 
ATOM   928  N NH1 . ARG A 1 117 ? -6.825  11.126  1.299   1.00 13.03 ? 117 ARG A NH1 1 
ATOM   929  N NH2 . ARG A 1 117 ? -8.355  12.649  0.516   1.00 12.74 ? 117 ARG A NH2 1 
ATOM   930  N N   . GLU A 1 118 ? -7.858  6.992   -5.400  1.00 14.17 ? 118 GLU A N   1 
ATOM   931  C CA  . GLU A 1 118 ? -9.190  6.614   -5.947  1.00 13.61 ? 118 GLU A CA  1 
ATOM   932  C C   . GLU A 1 118 ? -9.649  5.303   -5.345  1.00 13.40 ? 118 GLU A C   1 
ATOM   933  O O   . GLU A 1 118 ? -8.831  4.369   -5.218  1.00 11.11 ? 118 GLU A O   1 
ATOM   934  C CB  . GLU A 1 118 ? -9.064  6.507   -7.456  1.00 17.43 ? 118 GLU A CB  1 
ATOM   935  C CG  . GLU A 1 118 ? -10.346 6.245   -8.185  1.00 20.15 ? 118 GLU A CG  1 
ATOM   936  C CD  . GLU A 1 118 ? -10.121 6.600   -9.648  1.00 23.59 ? 118 GLU A CD  1 
ATOM   937  O OE1 . GLU A 1 118 ? -9.660  7.749   -9.904  1.00 30.24 ? 118 GLU A OE1 1 
ATOM   938  O OE2 . GLU A 1 118 ? -10.450 5.771   -10.523 1.00 29.97 ? 118 GLU A OE2 1 
ATOM   939  N N   . TRP A 1 119 ? -10.931 5.205   -5.050  1.00 12.52 ? 119 TRP A N   1 
ATOM   940  C CA  . TRP A 1 119 ? -11.599 3.963   -4.644  1.00 13.01 ? 119 TRP A CA  1 
ATOM   941  C C   . TRP A 1 119 ? -11.815 3.103   -5.887  1.00 13.57 ? 119 TRP A C   1 
ATOM   942  O O   . TRP A 1 119 ? -12.310 3.650   -6.943  1.00 14.67 ? 119 TRP A O   1 
ATOM   943  C CB  . TRP A 1 119 ? -12.942 4.215   -3.947  1.00 14.23 ? 119 TRP A CB  1 
ATOM   944  C CG  . TRP A 1 119 ? -12.824 4.862   -2.601  1.00 16.11 ? 119 TRP A CG  1 
ATOM   945  C CD1 . TRP A 1 119 ? -13.244 6.113   -2.252  1.00 19.34 ? 119 TRP A CD1 1 
ATOM   946  C CD2 . TRP A 1 119 ? -12.271 4.281   -1.403  1.00 15.58 ? 119 TRP A CD2 1 
ATOM   947  N NE1 . TRP A 1 119 ? -12.985 6.358   -0.931  1.00 21.43 ? 119 TRP A NE1 1 
ATOM   948  C CE2 . TRP A 1 119 ? -12.384 5.252   -0.383  1.00 16.38 ? 119 TRP A CE2 1 
ATOM   949  C CE3 . TRP A 1 119 ? -11.730 3.026   -1.090  1.00 13.74 ? 119 TRP A CE3 1 
ATOM   950  C CZ2 . TRP A 1 119 ? -11.939 5.022   0.920   1.00 16.19 ? 119 TRP A CZ2 1 
ATOM   951  C CZ3 . TRP A 1 119 ? -11.280 2.809   0.188   1.00 14.32 ? 119 TRP A CZ3 1 
ATOM   952  C CH2 . TRP A 1 119 ? -11.363 3.803   1.162   1.00 14.53 ? 119 TRP A CH2 1 
ATOM   953  N N   . PHE A 1 120 ? -11.563 1.819   -5.738  1.00 12.26 ? 120 PHE A N   1 
ATOM   954  C CA  . PHE A 1 120 ? -11.850 0.786   -6.768  1.00 12.59 ? 120 PHE A CA  1 
ATOM   955  C C   . PHE A 1 120 ? -12.594 -0.406  -6.184  1.00 12.43 ? 120 PHE A C   1 
ATOM   956  O O   . PHE A 1 120 ? -12.211 -0.958  -5.154  1.00 13.07 ? 120 PHE A O   1 
ATOM   957  C CB  . PHE A 1 120 ? -10.570 0.242   -7.382  1.00 12.02 ? 120 PHE A CB  1 
ATOM   958  C CG  . PHE A 1 120 ? -9.827  1.211   -8.260  1.00 11.68 ? 120 PHE A CG  1 
ATOM   959  C CD1 . PHE A 1 120 ? -8.965  2.148   -7.733  1.00 11.02 ? 120 PHE A CD1 1 
ATOM   960  C CD2 . PHE A 1 120 ? -9.958  1.150   -9.642  1.00 13.12 ? 120 PHE A CD2 1 
ATOM   961  C CE1 . PHE A 1 120 ? -8.299  3.055   -8.543  1.00 11.52 ? 120 PHE A CE1 1 
ATOM   962  C CE2 . PHE A 1 120 ? -9.227  2.009   -10.446 1.00 12.46 ? 120 PHE A CE2 1 
ATOM   963  C CZ  . PHE A 1 120 ? -8.432  2.974   -9.902  1.00 11.59 ? 120 PHE A CZ  1 
ATOM   964  N N   . LYS A 1 121 ? -13.586 -0.933  -6.922  1.00 14.91 ? 121 LYS A N   1 
ATOM   965  C CA  . LYS A 1 121 ? -14.130 -2.269  -6.602  1.00 17.59 ? 121 LYS A CA  1 
ATOM   966  C C   . LYS A 1 121 ? -12.971 -3.263  -6.740  1.00 14.28 ? 121 LYS A C   1 
ATOM   967  O O   . LYS A 1 121 ? -12.076 -2.999  -7.620  1.00 14.70 ? 121 LYS A O   1 
ATOM   968  C CB  . LYS A 1 121 ? -15.317 -2.627  -7.506  1.00 18.82 ? 121 LYS A CB  1 
ATOM   969  C CG  . LYS A 1 121 ? -16.415 -1.577  -7.463  1.00 25.56 ? 121 LYS A CG  1 
ATOM   970  C CD  . LYS A 1 121 ? -17.464 -1.731  -8.525  1.00 29.80 ? 121 LYS A CD  1 
ATOM   971  C CE  . LYS A 1 121 ? -18.645 -2.544  -8.049  1.00 35.41 ? 121 LYS A CE  1 
ATOM   972  N NZ  . LYS A 1 121 ? -19.510 -2.930  -9.191  1.00 39.51 ? 121 LYS A NZ  1 
ATOM   973  N N   . ILE A 1 122 ? -12.871 -4.267  -5.868  1.00 15.48 ? 122 ILE A N   1 
ATOM   974  C CA  . ILE A 1 122 ? -11.748 -5.255  -5.869  1.00 16.80 ? 122 ILE A CA  1 
ATOM   975  C C   . ILE A 1 122 ? -11.455 -5.733  -7.294  1.00 16.08 ? 122 ILE A C   1 
ATOM   976  O O   . ILE A 1 122 ? -10.246 -5.776  -7.708  1.00 15.79 ? 122 ILE A O   1 
ATOM   977  C CB  . ILE A 1 122 ? -12.058 -6.481  -4.994  1.00 19.32 ? 122 ILE A CB  1 
ATOM   978  C CG1 . ILE A 1 122 ? -12.490 -6.053  -3.606  1.00 21.01 ? 122 ILE A CG1 1 
ATOM   979  C CG2 . ILE A 1 122 ? -10.854 -7.417  -4.963  1.00 19.01 ? 122 ILE A CG2 1 
ATOM   980  C CD1 . ILE A 1 122 ? -11.547 -5.051  -3.041  1.00 21.92 ? 122 ILE A CD1 1 
ATOM   981  N N   . GLU A 1 123 ? -12.485 -6.102  -8.056  1.00 15.74 ? 123 GLU A N   1 
ATOM   982  C CA  . GLU A 1 123 ? -12.273 -6.675  -9.409  1.00 18.38 ? 123 GLU A CA  1 
ATOM   983  C C   . GLU A 1 123 ? -11.570 -5.642  -10.279 1.00 16.50 ? 123 GLU A C   1 
ATOM   984  O O   . GLU A 1 123 ? -10.687 -6.043  -11.068 1.00 15.54 ? 123 GLU A O   1 
ATOM   985  C CB  . GLU A 1 123 ? -13.619 -7.078  -10.023 1.00 23.89 ? 123 GLU A CB  1 
ATOM   986  C CG  . GLU A 1 123 ? -13.501 -7.566  -11.457 1.00 30.98 ? 123 GLU A CG  1 
ATOM   987  C CD  . GLU A 1 123 ? -14.814 -7.813  -12.195 1.00 40.53 ? 123 GLU A CD  1 
ATOM   988  O OE1 . GLU A 1 123 ? -15.893 -7.593  -11.588 1.00 45.70 ? 123 GLU A OE1 1 
ATOM   989  O OE2 . GLU A 1 123 ? -14.757 -8.214  -13.391 1.00 47.70 ? 123 GLU A OE2 1 
ATOM   990  N N   . ASP A 1 124 ? -11.911 -4.359  -10.115 1.00 13.74 ? 124 ASP A N   1 
ATOM   991  C CA  . ASP A 1 124 ? -11.344 -3.296  -10.985 1.00 14.61 ? 124 ASP A CA  1 
ATOM   992  C C   . ASP A 1 124 ? -9.940  -2.950  -10.490 1.00 12.65 ? 124 ASP A C   1 
ATOM   993  O O   . ASP A 1 124 ? -9.074  -2.558  -11.313 1.00 12.52 ? 124 ASP A O   1 
ATOM   994  C CB  . ASP A 1 124 ? -12.195 -2.037  -10.972 1.00 16.43 ? 124 ASP A CB  1 
ATOM   995  C CG  . ASP A 1 124 ? -13.517 -2.280  -11.699 1.00 20.41 ? 124 ASP A CG  1 
ATOM   996  O OD1 . ASP A 1 124 ? -13.510 -3.070  -12.655 1.00 22.79 ? 124 ASP A OD1 1 
ATOM   997  O OD2 . ASP A 1 124 ? -14.522 -1.751  -11.267 1.00 21.82 ? 124 ASP A OD2 1 
ATOM   998  N N   . ALA A 1 125 ? -9.719  -3.035  -9.183  1.00 10.48 ? 125 ALA A N   1 
ATOM   999  C CA  . ALA A 1 125 ? -8.343  -2.853  -8.648  1.00 10.74 ? 125 ALA A CA  1 
ATOM   1000 C C   . ALA A 1 125 ? -7.441  -3.910  -9.283  1.00 10.65 ? 125 ALA A C   1 
ATOM   1001 O O   . ALA A 1 125 ? -6.337  -3.574  -9.791  1.00 11.35 ? 125 ALA A O   1 
ATOM   1002 C CB  . ALA A 1 125 ? -8.326  -2.927  -7.127  1.00 11.25 ? 125 ALA A CB  1 
ATOM   1003 N N   . ILE A 1 126 ? -7.839  -5.169  -9.241  1.00 10.31 ? 126 ILE A N   1 
ATOM   1004 C CA  . ILE A 1 126 ? -7.064  -6.282  -9.873  1.00 11.93 ? 126 ILE A CA  1 
ATOM   1005 C C   . ILE A 1 126 ? -6.798  -5.914  -11.342 1.00 11.38 ? 126 ILE A C   1 
ATOM   1006 O O   . ILE A 1 126 ? -5.629  -5.983  -11.780 1.00 10.95 ? 126 ILE A O   1 
ATOM   1007 C CB  . ILE A 1 126 ? -7.756  -7.632  -9.706  1.00 12.80 ? 126 ILE A CB  1 
ATOM   1008 C CG1 . ILE A 1 126 ? -7.708  -8.051  -8.237  1.00 15.27 ? 126 ILE A CG1 1 
ATOM   1009 C CG2 . ILE A 1 126 ? -7.099  -8.688  -10.603 1.00 12.85 ? 126 ILE A CG2 1 
ATOM   1010 C CD1 . ILE A 1 126 ? -8.563  -9.252  -7.879  1.00 14.82 ? 126 ILE A CD1 1 
ATOM   1011 N N   . LYS A 1 127 ? -7.824  -5.440  -12.049 1.00 11.25 ? 127 LYS A N   1 
ATOM   1012 C CA  . LYS A 1 127 ? -7.624  -5.127  -13.483 1.00 11.29 ? 127 LYS A CA  1 
ATOM   1013 C C   . LYS A 1 127 ? -6.548  -4.065  -13.688 1.00 10.72 ? 127 LYS A C   1 
ATOM   1014 O O   . LYS A 1 127 ? -5.675  -4.296  -14.581 1.00 10.62 ? 127 LYS A O   1 
ATOM   1015 C CB  . LYS A 1 127 ? -8.941  -4.727  -14.143 1.00 13.45 ? 127 LYS A CB  1 
ATOM   1016 C CG  . LYS A 1 127 ? -9.886  -5.899  -14.265 1.00 17.87 ? 127 LYS A CG  1 
ATOM   1017 C CD  . LYS A 1 127 ? -11.169 -5.537  -14.906 1.00 19.57 ? 127 LYS A CD  1 
ATOM   1018 C CE  . LYS A 1 127 ? -11.957 -6.779  -15.222 1.00 24.55 ? 127 LYS A CE  1 
ATOM   1019 N NZ  . LYS A 1 127 ? -13.348 -6.420  -15.576 1.00 27.65 ? 127 LYS A NZ  1 
ATOM   1020 N N   . VAL A 1 128 ? -6.596  -2.919  -12.999 1.00 9.80  ? 128 VAL A N   1 
ATOM   1021 C CA  . VAL A 1 128 ? -5.646  -1.812  -13.308 1.00 9.28  ? 128 VAL A CA  1 
ATOM   1022 C C   . VAL A 1 128 ? -4.236  -2.173  -12.829 1.00 8.80  ? 128 VAL A C   1 
ATOM   1023 O O   . VAL A 1 128 ? -3.273  -1.566  -13.323 1.00 9.32  ? 128 VAL A O   1 
ATOM   1024 C CB  . VAL A 1 128 ? -6.123  -0.450  -12.786 1.00 10.16 ? 128 VAL A CB  1 
ATOM   1025 C CG1 . VAL A 1 128 ? -7.492  -0.063  -13.376 1.00 11.76 ? 128 VAL A CG1 1 
ATOM   1026 C CG2 . VAL A 1 128 ? -6.185  -0.408  -11.240 1.00 11.02 ? 128 VAL A CG2 1 
ATOM   1027 N N   . LEU A 1 129 ? -4.075  -3.051  -11.844 1.00 8.79  ? 129 LEU A N   1 
ATOM   1028 C CA  . LEU A 1 129 ? -2.728  -3.451  -11.364 1.00 8.81  ? 129 LEU A CA  1 
ATOM   1029 C C   . LEU A 1 129 ? -2.067  -4.515  -12.266 1.00 9.29  ? 129 LEU A C   1 
ATOM   1030 O O   . LEU A 1 129 ? -0.818  -4.632  -12.229 1.00 10.39 ? 129 LEU A O   1 
ATOM   1031 C CB  . LEU A 1 129 ? -2.869  -4.005  -9.935  1.00 8.49  ? 129 LEU A CB  1 
ATOM   1032 C CG  . LEU A 1 129 ? -3.302  -2.996  -8.906  1.00 8.75  ? 129 LEU A CG  1 
ATOM   1033 C CD1 . LEU A 1 129 ? -3.749  -3.715  -7.635  1.00 9.21  ? 129 LEU A CD1 1 
ATOM   1034 C CD2 . LEU A 1 129 ? -2.187  -2.010  -8.659  1.00 8.72  ? 129 LEU A CD2 1 
ATOM   1035 N N   . GLN A 1 130 ? -2.833  -5.266  -13.070 1.00 9.32  ? 130 GLN A N   1 
ATOM   1036 C CA  . GLN A 1 130 ? -2.323  -6.500  -13.708 1.00 10.58 ? 130 GLN A CA  1 
ATOM   1037 C C   . GLN A 1 130 ? -1.097  -6.199  -14.602 1.00 9.85  ? 130 GLN A C   1 
ATOM   1038 O O   . GLN A 1 130 ? -0.157  -7.002  -14.623 1.00 10.26 ? 130 GLN A O   1 
ATOM   1039 C CB  . GLN A 1 130 ? -3.445  -7.167  -14.521 1.00 14.18 ? 130 GLN A CB  1 
ATOM   1040 C CG  . GLN A 1 130 ? -3.186  -8.633  -14.783 1.00 17.61 ? 130 GLN A CG  1 
ATOM   1041 C CD  . GLN A 1 130 ? -3.169  -9.455  -13.520 1.00 18.92 ? 130 GLN A CD  1 
ATOM   1042 O OE1 . GLN A 1 130 ? -4.209  -9.818  -12.967 1.00 24.16 ? 130 GLN A OE1 1 
ATOM   1043 N NE2 . GLN A 1 130 ? -1.967  -9.772  -13.097 1.00 19.78 ? 130 GLN A NE2 1 
ATOM   1044 N N   . TYR A 1 131 ? -1.142  -5.164  -15.407 1.00 10.04 ? 131 TYR A N   1 
ATOM   1045 C CA  . TYR A 1 131 ? -0.152  -4.941  -16.499 1.00 9.85  ? 131 TYR A CA  1 
ATOM   1046 C C   . TYR A 1 131 ? 1.214   -4.620  -15.901 1.00 9.85  ? 131 TYR A C   1 
ATOM   1047 O O   . TYR A 1 131 ? 2.185   -5.281  -16.291 1.00 10.71 ? 131 TYR A O   1 
ATOM   1048 C CB  . TYR A 1 131 ? -0.595  -3.901  -17.526 1.00 10.32 ? 131 TYR A CB  1 
ATOM   1049 C CG  . TYR A 1 131 ? 0.393   -3.738  -18.655 1.00 9.92  ? 131 TYR A CG  1 
ATOM   1050 C CD1 . TYR A 1 131 ? 0.576   -4.766  -19.579 1.00 9.91  ? 131 TYR A CD1 1 
ATOM   1051 C CD2 . TYR A 1 131 ? 1.238   -2.644  -18.722 1.00 11.08 ? 131 TYR A CD2 1 
ATOM   1052 C CE1 . TYR A 1 131 ? 1.518   -4.639  -20.577 1.00 11.22 ? 131 TYR A CE1 1 
ATOM   1053 C CE2 . TYR A 1 131 ? 2.171   -2.498  -19.730 1.00 12.12 ? 131 TYR A CE2 1 
ATOM   1054 C CZ  . TYR A 1 131 ? 2.340   -3.540  -20.628 1.00 11.84 ? 131 TYR A CZ  1 
ATOM   1055 O OH  . TYR A 1 131 ? 3.270   -3.410  -21.618 1.00 13.09 ? 131 TYR A OH  1 
ATOM   1056 N N   . HIS A 1 132 ? 1.310   -3.655  -14.968 1.00 10.14 ? 132 HIS A N   1 
ATOM   1057 C CA  . HIS A 1 132 ? 2.614   -3.154  -14.449 1.00 10.42 ? 132 HIS A CA  1 
ATOM   1058 C C   . HIS A 1 132 ? 2.919   -3.770  -13.081 1.00 9.60  ? 132 HIS A C   1 
ATOM   1059 O O   . HIS A 1 132 ? 4.114   -3.852  -12.704 1.00 9.69  ? 132 HIS A O   1 
ATOM   1060 C CB  . HIS A 1 132 ? 2.638   -1.630  -14.356 1.00 12.68 ? 132 HIS A CB  1 
ATOM   1061 C CG  . HIS A 1 132 ? 2.681   -0.922  -15.667 1.00 16.27 ? 132 HIS A CG  1 
ATOM   1062 N ND1 . HIS A 1 132 ? 3.770   -0.978  -16.487 1.00 19.08 ? 132 HIS A ND1 1 
ATOM   1063 C CD2 . HIS A 1 132 ? 1.796   -0.088  -16.237 1.00 18.27 ? 132 HIS A CD2 1 
ATOM   1064 C CE1 . HIS A 1 132 ? 3.539   -0.212  -17.546 1.00 19.26 ? 132 HIS A CE1 1 
ATOM   1065 N NE2 . HIS A 1 132 ? 2.342   0.350   -17.402 1.00 19.01 ? 132 HIS A NE2 1 
ATOM   1066 N N   . LYS A 1 133 ? 1.896   -4.233  -12.370 1.00 10.19 ? 133 LYS A N   1 
ATOM   1067 C CA  . LYS A 1 133 ? 2.070   -4.645  -10.947 1.00 9.65  ? 133 LYS A CA  1 
ATOM   1068 C C   . LYS A 1 133 ? 1.379   -5.972  -10.687 1.00 8.88  ? 133 LYS A C   1 
ATOM   1069 O O   . LYS A 1 133 ? 0.519   -6.104  -9.812  1.00 7.89  ? 133 LYS A O   1 
ATOM   1070 C CB  . LYS A 1 133 ? 1.518   -3.550  -10.017 1.00 10.63 ? 133 LYS A CB  1 
ATOM   1071 C CG  . LYS A 1 133 ? 2.314   -2.264  -10.019 1.00 12.85 ? 133 LYS A CG  1 
ATOM   1072 C CD  . LYS A 1 133 ? 3.708   -2.439  -9.455  1.00 15.47 ? 133 LYS A CD  1 
ATOM   1073 C CE  . LYS A 1 133 ? 4.348   -1.092  -9.225  1.00 19.57 ? 133 LYS A CE  1 
ATOM   1074 N NZ  . LYS A 1 133 ? 5.820   -1.156  -9.186  1.00 24.61 ? 133 LYS A NZ  1 
ATOM   1075 N N   . PRO A 1 134 ? 1.719   -7.058  -11.447 1.00 8.82  ? 134 PRO A N   1 
ATOM   1076 C CA  . PRO A 1 134 ? 1.030   -8.317  -11.258 1.00 9.36  ? 134 PRO A CA  1 
ATOM   1077 C C   . PRO A 1 134 ? 1.104   -8.875  -9.829  1.00 8.69  ? 134 PRO A C   1 
ATOM   1078 O O   . PRO A 1 134 ? 0.172   -9.532  -9.393  1.00 9.75  ? 134 PRO A O   1 
ATOM   1079 C CB  . PRO A 1 134 ? 1.717   -9.222  -12.314 1.00 9.43  ? 134 PRO A CB  1 
ATOM   1080 C CG  . PRO A 1 134 ? 2.985   -8.521  -12.717 1.00 9.73  ? 134 PRO A CG  1 
ATOM   1081 C CD  . PRO A 1 134 ? 2.722   -7.066  -12.532 1.00 9.71  ? 134 PRO A CD  1 
ATOM   1082 N N   . VAL A 1 135 ? 2.222   -8.668  -9.159  1.00 8.76  ? 135 VAL A N   1 
ATOM   1083 C CA  . VAL A 1 135 ? 2.353   -9.133  -7.753  1.00 8.65  ? 135 VAL A CA  1 
ATOM   1084 C C   . VAL A 1 135 ? 1.353   -8.386  -6.866  1.00 8.24  ? 135 VAL A C   1 
ATOM   1085 O O   . VAL A 1 135 ? 0.658   -9.010  -6.020  1.00 8.13  ? 135 VAL A O   1 
ATOM   1086 C CB  . VAL A 1 135 ? 3.785   -9.041  -7.182  1.00 9.77  ? 135 VAL A CB  1 
ATOM   1087 C CG1 . VAL A 1 135 ? 3.821   -9.608  -5.780  1.00 9.37  ? 135 VAL A CG1 1 
ATOM   1088 C CG2 . VAL A 1 135 ? 4.809   -9.726  -8.050  1.00 10.58 ? 135 VAL A CG2 1 
ATOM   1089 N N   . GLN A 1 136 ? 1.118   -7.129  -7.146  1.00 7.78  ? 136 GLN A N   1 
ATOM   1090 C CA  . GLN A 1 136 ? 0.152   -6.317  -6.365  1.00 7.69  ? 136 GLN A CA  1 
ATOM   1091 C C   . GLN A 1 136 ? -1.255  -6.769  -6.682  1.00 8.22  ? 136 GLN A C   1 
ATOM   1092 O O   . GLN A 1 136 ? -2.062  -6.951  -5.760  1.00 7.87  ? 136 GLN A O   1 
ATOM   1093 C CB  . GLN A 1 136 ? 0.365   -4.830  -6.603  1.00 7.92  ? 136 GLN A CB  1 
ATOM   1094 C CG  . GLN A 1 136 ? 1.694   -4.290  -6.145  1.00 8.09  ? 136 GLN A CG  1 
ATOM   1095 C CD  . GLN A 1 136 ? 1.837   -2.793  -6.113  1.00 8.99  ? 136 GLN A CD  1 
ATOM   1096 O OE1 . GLN A 1 136 ? 0.894   -2.058  -6.382  1.00 10.19 ? 136 GLN A OE1 1 
ATOM   1097 N NE2 . GLN A 1 136 ? 3.063   -2.325  -5.881  1.00 11.38 ? 136 GLN A NE2 1 
ATOM   1098 N N   . ALA A 1 137 ? -1.534  -7.081  -7.961  1.00 7.96  ? 137 ALA A N   1 
ATOM   1099 C CA  . ALA A 1 137 ? -2.818  -7.744  -8.245  1.00 9.08  ? 137 ALA A CA  1 
ATOM   1100 C C   . ALA A 1 137 ? -3.001  -9.008  -7.415  1.00 9.52  ? 137 ALA A C   1 
ATOM   1101 O O   . ALA A 1 137 ? -4.139  -9.302  -6.968  1.00 11.49 ? 137 ALA A O   1 
ATOM   1102 C CB  . ALA A 1 137 ? -2.908  -8.017  -9.728  1.00 8.62  ? 137 ALA A CB  1 
ATOM   1103 N N   . SER A 1 138 ? -1.931  -9.805  -7.217  1.00 9.27  ? 138 SER A N   1 
ATOM   1104 C CA  . SER A 1 138 ? -2.041  -11.092 -6.465  1.00 9.34  ? 138 SER A CA  1 
ATOM   1105 C C   . SER A 1 138 ? -2.311  -10.849 -4.979  1.00 9.63  ? 138 SER A C   1 
ATOM   1106 O O   . SER A 1 138 ? -2.765  -11.760 -4.318  1.00 11.26 ? 138 SER A O   1 
ATOM   1107 C CB  . SER A 1 138 ? -0.850  -11.967 -6.624  1.00 9.67  ? 138 SER A CB  1 
ATOM   1108 O OG  . SER A 1 138 ? 0.276   -11.528 -5.901  1.00 11.71 ? 138 SER A OG  1 
ATOM   1109 N N   . TYR A 1 139 ? -2.063  -9.669  -4.449  1.00 9.76  ? 139 TYR A N   1 
ATOM   1110 C CA  . TYR A 1 139 ? -2.402  -9.363  -3.030  1.00 9.42  ? 139 TYR A CA  1 
ATOM   1111 C C   . TYR A 1 139 ? -3.879  -9.645  -2.765  1.00 11.16 ? 139 TYR A C   1 
ATOM   1112 O O   . TYR A 1 139 ? -4.225  -9.977  -1.629  1.00 12.16 ? 139 TYR A O   1 
ATOM   1113 C CB  . TYR A 1 139 ? -2.228  -7.900  -2.665  1.00 8.71  ? 139 TYR A CB  1 
ATOM   1114 C CG  . TYR A 1 139 ? -0.844  -7.330  -2.696  1.00 8.49  ? 139 TYR A CG  1 
ATOM   1115 C CD1 . TYR A 1 139 ? 0.289   -8.106  -2.867  1.00 8.13  ? 139 TYR A CD1 1 
ATOM   1116 C CD2 . TYR A 1 139 ? -0.693  -5.961  -2.559  1.00 8.05  ? 139 TYR A CD2 1 
ATOM   1117 C CE1 . TYR A 1 139 ? 1.539   -7.504  -2.953  1.00 8.40  ? 139 TYR A CE1 1 
ATOM   1118 C CE2 . TYR A 1 139 ? 0.546   -5.352  -2.549  1.00 7.33  ? 139 TYR A CE2 1 
ATOM   1119 C CZ  . TYR A 1 139 ? 1.667   -6.125  -2.790  1.00 8.46  ? 139 TYR A CZ  1 
ATOM   1120 O OH  . TYR A 1 139 ? 2.878   -5.476  -2.791  1.00 9.86  ? 139 TYR A OH  1 
ATOM   1121 N N   . PHE A 1 140 ? -4.727  -9.509  -3.785  1.00 12.26 ? 140 PHE A N   1 
ATOM   1122 C CA  . PHE A 1 140 ? -6.203  -9.651  -3.676  1.00 14.96 ? 140 PHE A CA  1 
ATOM   1123 C C   . PHE A 1 140 ? -6.680  -11.095 -3.870  1.00 21.87 ? 140 PHE A C   1 
ATOM   1124 O O   . PHE A 1 140 ? -7.910  -11.306 -3.741  1.00 21.41 ? 140 PHE A O   1 
ATOM   1125 C CB  . PHE A 1 140 ? -6.867  -8.692  -4.664  1.00 14.24 ? 140 PHE A CB  1 
ATOM   1126 C CG  . PHE A 1 140 ? -6.611  -7.236  -4.349  1.00 12.64 ? 140 PHE A CG  1 
ATOM   1127 C CD1 . PHE A 1 140 ? -7.383  -6.528  -3.422  1.00 13.28 ? 140 PHE A CD1 1 
ATOM   1128 C CD2 . PHE A 1 140 ? -5.564  -6.549  -4.958  1.00 11.87 ? 140 PHE A CD2 1 
ATOM   1129 C CE1 . PHE A 1 140 ? -7.120  -5.199  -3.128  1.00 13.29 ? 140 PHE A CE1 1 
ATOM   1130 C CE2 . PHE A 1 140 ? -5.300  -5.223  -4.668  1.00 12.29 ? 140 PHE A CE2 1 
ATOM   1131 C CZ  . PHE A 1 140 ? -6.073  -4.531  -3.777  1.00 13.46 ? 140 PHE A CZ  1 
ATOM   1132 N N   . GLU A 1 141 ? -5.779  -12.070 -4.038  1.00 25.85 ? 141 GLU A N   1 
ATOM   1133 C CA  . GLU A 1 141 ? -6.214  -13.446 -4.411  1.00 31.96 ? 141 GLU A CA  1 
ATOM   1134 C C   . GLU A 1 141 ? -6.705  -14.204 -3.160  1.00 34.27 ? 141 GLU A C   1 
ATOM   1135 O O   . GLU A 1 141 ? -7.453  -15.174 -3.336  1.00 42.89 ? 141 GLU A O   1 
ATOM   1136 C CB  . GLU A 1 141 ? -5.123  -14.122 -5.230  1.00 35.21 ? 141 GLU A CB  1 
ATOM   1137 C CG  . GLU A 1 141 ? -5.280  -13.915 -6.745  1.00 43.64 ? 141 GLU A CG  1 
ATOM   1138 C CD  . GLU A 1 141 ? -5.422  -12.496 -7.296  1.00 46.68 ? 141 GLU A CD  1 
ATOM   1139 O OE1 . GLU A 1 141 ? -5.068  -12.270 -8.489  1.00 51.02 ? 141 GLU A OE1 1 
ATOM   1140 O OE2 . GLU A 1 141 ? -5.893  -11.611 -6.556  1.00 57.42 ? 141 GLU A OE2 1 
ATOM   1141 N N   . THR A 1 142 ? -6.379  -13.738 -1.952  1.00 34.82 ? 142 THR A N   1 
ATOM   1142 C CA  . THR A 1 142 ? -6.856  -14.273 -0.646  1.00 38.95 ? 142 THR A CA  1 
ATOM   1143 C C   . THR A 1 142 ? -6.278  -15.672 -0.455  1.00 45.01 ? 142 THR A C   1 
ATOM   1144 O O   . THR A 1 142 ? -5.049  -15.696 -0.435  1.00 52.69 ? 142 THR A O   1 
ATOM   1145 C CB  . THR A 1 142 ? -8.386  -14.203 -0.536  1.00 38.22 ? 142 THR A CB  1 
ATOM   1146 O OG1 . THR A 1 142 ? -8.761  -12.858 -0.839  1.00 33.09 ? 142 THR A OG1 1 
ATOM   1147 C CG2 . THR A 1 142 ? -8.908  -14.562 0.837   1.00 38.52 ? 142 THR A CG2 1 
HETATM 1148 N N15 . KDJ B 2 .   ? 9.522   1.050   -8.830  1.00 24.91 ? 401 KDJ A N15 1 
HETATM 1149 C C3  . KDJ B 2 .   ? 8.681   3.764   -6.317  1.00 20.68 ? 401 KDJ A C3  1 
HETATM 1150 C C4  . KDJ B 2 .   ? 8.419   2.625   -7.289  1.00 21.81 ? 401 KDJ A C4  1 
HETATM 1151 C C5  . KDJ B 2 .   ? 9.741   2.112   -7.837  1.00 23.29 ? 401 KDJ A C5  1 
HETATM 1152 C C6  . KDJ B 2 .   ? 10.608  1.614   -6.690  1.00 23.66 ? 401 KDJ A C6  1 
HETATM 1153 C C1  . KDJ B 2 .   ? 10.861  2.751   -5.711  1.00 21.53 ? 401 KDJ A C1  1 
HETATM 1154 C C2  . KDJ B 2 .   ? 9.536   3.257   -5.167  1.00 20.06 ? 401 KDJ A C2  1 
HETATM 1155 O O75 . KDJ B 2 .   ? 7.616   0.476   -11.396 1.00 37.55 ? 401 KDJ A O75 1 
HETATM 1156 P PB5 . KDJ B 2 .   ? 8.881   0.656   -12.325 1.00 43.50 ? 401 KDJ A PB5 1 
HETATM 1157 O O85 . KDJ B 2 .   ? 9.179   2.138   -12.784 1.00 43.70 ? 401 KDJ A O85 1 
HETATM 1158 O O95 . KDJ B 2 .   ? 9.055   -0.391  -13.385 1.00 49.53 ? 401 KDJ A O95 1 
HETATM 1159 C C45 . KDJ B 2 .   ? 10.295  0.297   -11.163 1.00 37.14 ? 401 KDJ A C45 1 
HETATM 1160 F F55 . KDJ B 2 .   ? 11.442  0.352   -11.830 1.00 39.80 ? 401 KDJ A F55 1 
HETATM 1161 F F65 . KDJ B 2 .   ? 10.143  -0.917  -10.643 1.00 35.64 ? 401 KDJ A F65 1 
HETATM 1162 C C25 . KDJ B 2 .   ? 10.308  1.336   -10.039 1.00 31.63 ? 401 KDJ A C25 1 
HETATM 1163 O O35 . KDJ B 2 .   ? 10.895  2.452   -10.189 1.00 31.10 ? 401 KDJ A O35 1 
HETATM 1164 O O14 . KDJ B 2 .   ? 7.600   3.096   -8.369  1.00 25.37 ? 401 KDJ A O14 1 
HETATM 1165 P PA4 . KDJ B 2 .   ? 6.192   2.422   -8.647  1.00 25.15 ? 401 KDJ A PA4 1 
HETATM 1166 O O34 . KDJ B 2 .   ? 6.161   2.232   -10.204 1.00 29.47 ? 401 KDJ A O34 1 
HETATM 1167 O O44 . KDJ B 2 .   ? 5.212   3.388   -8.081  1.00 25.37 ? 401 KDJ A O44 1 
HETATM 1168 O O24 . KDJ B 2 .   ? 6.334   1.079   -7.827  1.00 22.82 ? 401 KDJ A O24 1 
HETATM 1169 O O13 . KDJ B 2 .   ? 7.434   4.258   -5.806  1.00 24.01 ? 401 KDJ A O13 1 
HETATM 1170 P PA3 . KDJ B 2 .   ? 7.073   5.795   -5.940  1.00 24.88 ? 401 KDJ A PA3 1 
HETATM 1171 O O33 . KDJ B 2 .   ? 6.723   5.976   -7.459  1.00 31.73 ? 401 KDJ A O33 1 
HETATM 1172 O O43 . KDJ B 2 .   ? 8.293   6.497   -5.457  1.00 27.26 ? 401 KDJ A O43 1 
HETATM 1173 O O23 . KDJ B 2 .   ? 5.831   5.900   -4.968  1.00 27.84 ? 401 KDJ A O23 1 
HETATM 1174 O O12 . KDJ B 2 .   ? 8.853   2.184   -4.502  1.00 18.00 ? 401 KDJ A O12 1 
HETATM 1175 P PA2 . KDJ B 2 .   ? 8.635   2.230   -2.932  1.00 17.74 ? 401 KDJ A PA2 1 
HETATM 1176 O O32 . KDJ B 2 .   ? 9.187   3.637   -2.511  1.00 18.10 ? 401 KDJ A O32 1 
HETATM 1177 O O42 . KDJ B 2 .   ? 9.387   1.048   -2.429  1.00 17.26 ? 401 KDJ A O42 1 
HETATM 1178 O O22 . KDJ B 2 .   ? 7.064   2.091   -2.843  1.00 17.64 ? 401 KDJ A O22 1 
HETATM 1179 O O11 . KDJ B 2 .   ? 11.675  2.279   -4.627  1.00 23.28 ? 401 KDJ A O11 1 
HETATM 1180 P PA1 . KDJ B 2 .   ? 12.878  3.161   -4.093  1.00 30.35 ? 401 KDJ A PA1 1 
HETATM 1181 O O31 . KDJ B 2 .   ? 13.761  3.413   -5.365  1.00 29.66 ? 401 KDJ A O31 1 
HETATM 1182 O O41 . KDJ B 2 .   ? 12.215  4.357   -3.503  1.00 32.06 ? 401 KDJ A O41 1 
HETATM 1183 O O21 . KDJ B 2 .   ? 13.521  2.182   -3.034  1.00 27.82 ? 401 KDJ A O21 1 
HETATM 1184 O O16 . KDJ B 2 .   ? 11.858  1.134   -7.204  1.00 23.46 ? 401 KDJ A O16 1 
HETATM 1185 P PA6 . KDJ B 2 .   ? 12.273  -0.379  -6.989  1.00 27.64 ? 401 KDJ A PA6 1 
HETATM 1186 O O36 . KDJ B 2 .   ? 13.722  -0.467  -7.585  1.00 30.40 ? 401 KDJ A O36 1 
HETATM 1187 O O46 . KDJ B 2 .   ? 11.218  -1.148  -7.703  1.00 25.78 ? 401 KDJ A O46 1 
HETATM 1188 O O26 . KDJ B 2 .   ? 12.208  -0.490  -5.414  1.00 27.34 ? 401 KDJ A O26 1 
HETATM 1189 O O   . HOH C 3 .   ? -7.508  20.409  3.862   1.00 37.39 ? 501 HOH A O   1 
HETATM 1190 O O   . HOH C 3 .   ? 9.676   7.175   -7.102  1.00 45.54 ? 502 HOH A O   1 
HETATM 1191 O O   . HOH C 3 .   ? -5.498  12.539  12.019  1.00 27.16 ? 503 HOH A O   1 
HETATM 1192 O O   . HOH C 3 .   ? -15.163 1.475   -4.937  1.00 37.38 ? 504 HOH A O   1 
HETATM 1193 O O   . HOH C 3 .   ? 8.987   -1.639  -7.576  1.00 27.62 ? 505 HOH A O   1 
HETATM 1194 O O   . HOH C 3 .   ? 2.655   -8.153  11.679  1.00 32.53 ? 506 HOH A O   1 
HETATM 1195 O O   . HOH C 3 .   ? 5.561   6.872   -17.192 1.00 41.48 ? 507 HOH A O   1 
HETATM 1196 O O   . HOH C 3 .   ? 8.523   5.703   1.952   1.00 36.37 ? 508 HOH A O   1 
HETATM 1197 O O   . HOH C 3 .   ? 9.141   6.182   11.226  1.00 40.18 ? 509 HOH A O   1 
HETATM 1198 O O   . HOH C 3 .   ? 2.693   11.596  6.218   1.00 30.63 ? 510 HOH A O   1 
HETATM 1199 O O   . HOH C 3 .   ? -3.318  15.104  -4.637  1.00 28.73 ? 511 HOH A O   1 
HETATM 1200 O O   . HOH C 3 .   ? -6.082  -11.494 -0.935  1.00 41.65 ? 512 HOH A O   1 
HETATM 1201 O O   . HOH C 3 .   ? 19.851  1.588   2.781   1.00 33.71 ? 513 HOH A O   1 
HETATM 1202 O O   . HOH C 3 .   ? 6.806   6.054   0.563   1.00 30.09 ? 514 HOH A O   1 
HETATM 1203 O O   . HOH C 3 .   ? 5.962   -1.935  -15.748 1.00 45.61 ? 515 HOH A O   1 
HETATM 1204 O O   . HOH C 3 .   ? 6.080   13.255  -0.418  1.00 37.37 ? 516 HOH A O   1 
HETATM 1205 O O   . HOH C 3 .   ? 7.754   4.487   12.279  1.00 20.79 ? 517 HOH A O   1 
HETATM 1206 O O   . HOH C 3 .   ? -6.200  -3.047  14.938  1.00 28.78 ? 518 HOH A O   1 
HETATM 1207 O O   . HOH C 3 .   ? 20.230  -13.355 -2.140  1.00 40.50 ? 519 HOH A O   1 
HETATM 1208 O O   . HOH C 3 .   ? -3.591  -3.732  -15.940 1.00 9.96  ? 520 HOH A O   1 
HETATM 1209 O O   . HOH C 3 .   ? 5.071   -12.970 -5.562  1.00 34.36 ? 521 HOH A O   1 
HETATM 1210 O O   . HOH C 3 .   ? 11.601  4.381   12.224  1.00 48.99 ? 522 HOH A O   1 
HETATM 1211 O O   . HOH C 3 .   ? 5.064   3.633   -3.394  1.00 18.55 ? 523 HOH A O   1 
HETATM 1212 O O   . HOH C 3 .   ? 9.930   -0.797  -4.222  1.00 29.37 ? 524 HOH A O   1 
HETATM 1213 O O   . HOH C 3 .   ? -3.038  -12.831 9.430   1.00 33.38 ? 525 HOH A O   1 
HETATM 1214 O O   . HOH C 3 .   ? 22.378  -10.865 0.817   1.00 27.12 ? 526 HOH A O   1 
HETATM 1215 O O   . HOH C 3 .   ? 17.809  -0.745  -3.358  1.00 27.26 ? 527 HOH A O   1 
HETATM 1216 O O   . HOH C 3 .   ? 11.914  -16.862 -3.666  1.00 25.68 ? 528 HOH A O   1 
HETATM 1217 O O   . HOH C 3 .   ? 7.181   -7.172  -2.884  1.00 10.01 ? 529 HOH A O   1 
HETATM 1218 O O   . HOH C 3 .   ? -12.375 -2.873  11.725  1.00 28.20 ? 530 HOH A O   1 
HETATM 1219 O O   . HOH C 3 .   ? -5.006  -0.193  -0.632  1.00 10.10 ? 531 HOH A O   1 
HETATM 1220 O O   . HOH C 3 .   ? 4.775   0.472   -5.772  1.00 24.98 ? 532 HOH A O   1 
HETATM 1221 O O   . HOH C 3 .   ? -3.154  7.291   -11.723 1.00 30.64 ? 533 HOH A O   1 
HETATM 1222 O O   . HOH C 3 .   ? -2.244  -7.299  12.225  1.00 31.48 ? 534 HOH A O   1 
HETATM 1223 O O   . HOH C 3 .   ? 1.317   -1.950  14.740  1.00 24.61 ? 535 HOH A O   1 
HETATM 1224 O O   . HOH C 3 .   ? 4.826   -6.604  -4.250  1.00 15.16 ? 536 HOH A O   1 
HETATM 1225 O O   . HOH C 3 .   ? 20.418  -0.489  17.375  1.00 32.48 ? 537 HOH A O   1 
HETATM 1226 O O   . HOH C 3 .   ? 1.430   10.426  -8.924  1.00 19.18 ? 538 HOH A O   1 
HETATM 1227 O O   . HOH C 3 .   ? 12.831  2.859   3.801   1.00 26.21 ? 539 HOH A O   1 
HETATM 1228 O O   . HOH C 3 .   ? -6.621  4.696   13.463  1.00 33.52 ? 540 HOH A O   1 
HETATM 1229 O O   . HOH C 3 .   ? -1.352  -11.220 -10.848 1.00 20.77 ? 541 HOH A O   1 
HETATM 1230 O O   . HOH C 3 .   ? 0.346   0.045   -12.240 1.00 14.36 ? 542 HOH A O   1 
HETATM 1231 O O   . HOH C 3 .   ? -3.982  1.660   11.784  1.00 20.42 ? 543 HOH A O   1 
HETATM 1232 O O   . HOH C 3 .   ? -19.377 -3.185  5.788   1.00 34.76 ? 544 HOH A O   1 
HETATM 1233 O O   . HOH C 3 .   ? -0.780  -1.666  -14.404 1.00 11.24 ? 545 HOH A O   1 
HETATM 1234 O O   . HOH C 3 .   ? -9.927  3.349   13.266  1.00 29.52 ? 546 HOH A O   1 
HETATM 1235 O O   . HOH C 3 .   ? -16.197 -5.453  -4.810  1.00 24.81 ? 547 HOH A O   1 
HETATM 1236 O O   . HOH C 3 .   ? -12.583 13.242  0.864   1.00 29.97 ? 548 HOH A O   1 
HETATM 1237 O O   . HOH C 3 .   ? 16.809  -5.264  -3.416  1.00 29.82 ? 549 HOH A O   1 
HETATM 1238 O O   . HOH C 3 .   ? 1.267   2.232   -19.084 1.00 39.21 ? 550 HOH A O   1 
HETATM 1239 O O   . HOH C 3 .   ? -16.741 -1.208  8.287   1.00 36.44 ? 551 HOH A O   1 
HETATM 1240 O O   . HOH C 3 .   ? -4.271  -14.440 3.650   1.00 23.86 ? 552 HOH A O   1 
HETATM 1241 O O   . HOH C 3 .   ? -14.266 0.330   -9.466  1.00 19.32 ? 553 HOH A O   1 
HETATM 1242 O O   . HOH C 3 .   ? -8.917  15.209  -1.563  1.00 40.06 ? 554 HOH A O   1 
HETATM 1243 O O   . HOH C 3 .   ? 16.423  -15.303 -1.730  1.00 31.31 ? 555 HOH A O   1 
HETATM 1244 O O   . HOH C 3 .   ? -12.597 -6.625  7.689   1.00 36.13 ? 556 HOH A O   1 
HETATM 1245 O O   . HOH C 3 .   ? 4.341   -5.812  12.893  1.00 16.86 ? 557 HOH A O   1 
HETATM 1246 O O   . HOH C 3 .   ? 12.064  2.265   13.598  1.00 34.93 ? 558 HOH A O   1 
HETATM 1247 O O   . HOH C 3 .   ? 18.838  4.134   1.876   1.00 34.24 ? 559 HOH A O   1 
HETATM 1248 O O   . HOH C 3 .   ? 2.912   4.011   11.911  1.00 15.41 ? 560 HOH A O   1 
HETATM 1249 O O   . HOH C 3 .   ? 1.479   4.201   -17.965 1.00 42.28 ? 561 HOH A O   1 
HETATM 1250 O O   . HOH C 3 .   ? 20.238  1.318   -0.011  1.00 27.54 ? 562 HOH A O   1 
HETATM 1251 O O   . HOH C 3 .   ? 3.592   1.371   -3.396  1.00 19.45 ? 563 HOH A O   1 
HETATM 1252 O O   . HOH C 3 .   ? -10.411 -8.651  -12.069 1.00 19.84 ? 564 HOH A O   1 
HETATM 1253 O O   . HOH C 3 .   ? -4.850  6.191   -16.400 1.00 29.64 ? 565 HOH A O   1 
HETATM 1254 O O   . HOH C 3 .   ? 7.580   9.075   -4.560  1.00 31.91 ? 566 HOH A O   1 
HETATM 1255 O O   . HOH C 3 .   ? 17.679  -7.959  7.762   1.00 21.25 ? 567 HOH A O   1 
HETATM 1256 O O   . HOH C 3 .   ? -2.544  5.068   8.200   1.00 13.12 ? 568 HOH A O   1 
HETATM 1257 O O   . HOH C 3 .   ? -5.400  0.001   14.270  1.00 22.55 ? 569 HOH A O   1 
HETATM 1258 O O   . HOH C 3 .   ? 20.861  0.267   4.238   1.00 33.62 ? 570 HOH A O   1 
HETATM 1259 O O   . HOH C 3 .   ? 15.410  -9.131  8.007   1.00 31.12 ? 571 HOH A O   1 
HETATM 1260 O O   . HOH C 3 .   ? -12.190 3.630   -9.807  1.00 28.43 ? 572 HOH A O   1 
HETATM 1261 O O   . HOH C 3 .   ? 16.673  -11.825 6.816   1.00 26.48 ? 573 HOH A O   1 
HETATM 1262 O O   . HOH C 3 .   ? 13.212  -0.365  2.990   1.00 11.50 ? 574 HOH A O   1 
HETATM 1263 O O   . HOH C 3 .   ? -4.069  4.129   10.438  1.00 12.61 ? 575 HOH A O   1 
HETATM 1264 O O   . HOH C 3 .   ? -13.269 -4.546  -17.748 1.00 38.41 ? 576 HOH A O   1 
HETATM 1265 O O   . HOH C 3 .   ? 11.224  -17.224 -8.793  1.00 29.68 ? 577 HOH A O   1 
HETATM 1266 O O   . HOH C 3 .   ? -2.693  1.243   -13.565 1.00 14.28 ? 578 HOH A O   1 
HETATM 1267 O O   . HOH C 3 .   ? -14.175 4.572   4.923   1.00 25.28 ? 579 HOH A O   1 
HETATM 1268 O O   . HOH C 3 .   ? 0.049   12.383  5.165   1.00 17.51 ? 580 HOH A O   1 
HETATM 1269 O O   . HOH C 3 .   ? 9.565   3.932   0.417   1.00 19.20 ? 581 HOH A O   1 
HETATM 1270 O O   . HOH C 3 .   ? -8.638  12.836  -2.836  1.00 25.31 ? 582 HOH A O   1 
HETATM 1271 O O   . HOH C 3 .   ? -15.260 -6.359  -7.252  1.00 21.08 ? 583 HOH A O   1 
HETATM 1272 O O   . HOH C 3 .   ? -8.669  -8.308  9.169   1.00 15.14 ? 584 HOH A O   1 
HETATM 1273 O O   . HOH C 3 .   ? -9.406  -3.848  11.079  1.00 21.86 ? 585 HOH A O   1 
HETATM 1274 O O   . HOH C 3 .   ? -12.681 7.398   -5.897  1.00 22.56 ? 586 HOH A O   1 
HETATM 1275 O O   . HOH C 3 .   ? -1.154  6.760   10.569  1.00 19.97 ? 587 HOH A O   1 
HETATM 1276 O O   . HOH C 3 .   ? 10.377  -7.527  9.157   1.00 30.29 ? 588 HOH A O   1 
HETATM 1277 O O   . HOH C 3 .   ? 7.710   -12.051 -8.428  1.00 23.33 ? 589 HOH A O   1 
HETATM 1278 O O   . HOH C 3 .   ? -2.411  -10.940 11.411  1.00 23.98 ? 590 HOH A O   1 
HETATM 1279 O O   . HOH C 3 .   ? 10.347  -7.626  4.140   1.00 22.54 ? 591 HOH A O   1 
HETATM 1280 O O   . HOH C 3 .   ? 8.167   -0.110  15.089  1.00 16.93 ? 592 HOH A O   1 
HETATM 1281 O O   . HOH C 3 .   ? 4.931   1.271   -12.745 1.00 43.19 ? 593 HOH A O   1 
HETATM 1282 O O   . HOH C 3 .   ? -6.791  12.259  -5.476  1.00 19.65 ? 594 HOH A O   1 
HETATM 1283 O O   . HOH C 3 .   ? 3.189   11.406  -6.844  1.00 39.40 ? 595 HOH A O   1 
HETATM 1284 O O   . HOH C 3 .   ? 8.555   -10.426 -10.272 1.00 37.73 ? 596 HOH A O   1 
HETATM 1285 O O   . HOH C 3 .   ? 2.913   -2.371  -2.511  1.00 20.52 ? 597 HOH A O   1 
HETATM 1286 O O   . HOH C 3 .   ? -15.637 -1.853  1.345   1.00 6.42  ? 598 HOH A O   1 
HETATM 1287 O O   . HOH C 3 .   ? -16.978 -5.695  -9.404  1.00 39.61 ? 599 HOH A O   1 
HETATM 1288 O O   . HOH C 3 .   ? 7.570   -14.213 0.547   1.00 24.54 ? 600 HOH A O   1 
HETATM 1289 O O   . HOH C 3 .   ? 14.181  -15.809 -2.620  1.00 45.65 ? 601 HOH A O   1 
HETATM 1290 O O   . HOH C 3 .   ? 14.442  4.215   11.731  1.00 42.15 ? 602 HOH A O   1 
HETATM 1291 O O   . HOH C 3 .   ? -8.983  -5.139  13.378  1.00 27.77 ? 603 HOH A O   1 
HETATM 1292 O O   . HOH C 3 .   ? 16.432  -13.335 3.772   1.00 27.53 ? 604 HOH A O   1 
HETATM 1293 O O   . HOH C 3 .   ? 4.323   -6.324  -9.357  1.00 17.45 ? 605 HOH A O   1 
HETATM 1294 O O   . HOH C 3 .   ? -6.087  8.837   14.171  1.00 30.41 ? 606 HOH A O   1 
HETATM 1295 O O   . HOH C 3 .   ? 5.239   -5.158  -6.788  1.00 7.53  ? 607 HOH A O   1 
HETATM 1296 O O   . HOH C 3 .   ? 7.437   -0.768  -5.346  1.00 29.01 ? 608 HOH A O   1 
HETATM 1297 O O   . HOH C 3 .   ? -3.502  15.451  5.832   1.00 41.73 ? 609 HOH A O   1 
HETATM 1298 O O   . HOH C 3 .   ? -6.706  6.785   -14.486 1.00 28.63 ? 610 HOH A O   1 
HETATM 1299 O O   . HOH C 3 .   ? 0.474   0.149   13.352  1.00 20.93 ? 611 HOH A O   1 
HETATM 1300 O O   . HOH C 3 .   ? 18.369  -10.214 8.225   1.00 30.71 ? 612 HOH A O   1 
HETATM 1301 O O   . HOH C 3 .   ? 1.015   17.167  5.035   1.00 39.86 ? 613 HOH A O   1 
HETATM 1302 O O   . HOH C 3 .   ? -4.995  11.092  13.829  1.00 34.94 ? 614 HOH A O   1 
HETATM 1303 O O   . HOH C 3 .   ? 1.566   6.417   11.109  1.00 21.46 ? 615 HOH A O   1 
HETATM 1304 O O   . HOH C 3 .   ? -4.038  -19.204 0.319   1.00 41.51 ? 616 HOH A O   1 
HETATM 1305 O O   . HOH C 3 .   ? -13.249 -10.618 1.156   1.00 42.25 ? 617 HOH A O   1 
HETATM 1306 O O   . HOH C 3 .   ? -19.101 1.380   1.929   1.00 33.77 ? 618 HOH A O   1 
HETATM 1307 O O   . HOH C 3 .   ? -12.859 1.821   -11.225 1.00 28.97 ? 619 HOH A O   1 
HETATM 1308 O O   . HOH C 3 .   ? 2.798   0.969   -11.835 1.00 24.89 ? 620 HOH A O   1 
HETATM 1309 O O   . HOH C 3 .   ? -17.814 -0.400  0.004   1.00 30.88 ? 621 HOH A O   1 
HETATM 1310 O O   . HOH C 3 .   ? 23.229  -9.084  -0.450  1.00 27.72 ? 622 HOH A O   1 
HETATM 1311 O O   . HOH C 3 .   ? -10.169 -6.061  9.432   1.00 27.50 ? 623 HOH A O   1 
HETATM 1312 O O   . HOH C 3 .   ? 1.531   3.009   13.758  1.00 24.11 ? 624 HOH A O   1 
HETATM 1313 O O   . HOH C 3 .   ? 5.186   5.500   12.688  1.00 20.73 ? 625 HOH A O   1 
HETATM 1314 O O   . HOH C 3 .   ? 8.606   2.836   14.624  1.00 32.69 ? 626 HOH A O   1 
HETATM 1315 O O   . HOH C 3 .   ? 8.319   -14.611 3.451   1.00 25.12 ? 627 HOH A O   1 
HETATM 1316 O O   . HOH C 3 .   ? 2.856   8.640   10.259  1.00 29.99 ? 628 HOH A O   1 
HETATM 1317 O O   . HOH C 3 .   ? -2.727  5.694   12.407  1.00 26.97 ? 629 HOH A O   1 
HETATM 1318 O O   . HOH C 3 .   ? -2.053  0.957   13.675  1.00 22.72 ? 630 HOH A O   1 
HETATM 1319 O O   . HOH C 3 .   ? 5.254   8.007   11.709  1.00 34.66 ? 631 HOH A O   1 
HETATM 1320 O O   . HOH C 3 .   ? -1.218  4.048   14.193  1.00 31.75 ? 632 HOH A O   1 
HETATM 1321 O O   . HOH C 3 .   ? 2.806   3.011   16.212  1.00 35.78 ? 633 HOH A O   1 
# 
